data_6LCY
# 
_entry.id   6LCY 
# 
_audit_conform.dict_name       mmcif_pdbx.dic 
_audit_conform.dict_version    5.380 
_audit_conform.dict_location   http://mmcif.pdb.org/dictionaries/ascii/mmcif_pdbx.dic 
# 
loop_
_database_2.database_id 
_database_2.database_code 
_database_2.pdbx_database_accession 
_database_2.pdbx_DOI 
PDB   6LCY         pdb_00006lcy 10.2210/pdb6lcy/pdb 
WWPDB D_1300014575 ?            ?                   
# 
_pdbx_database_status.status_code                     REL 
_pdbx_database_status.status_code_sf                  REL 
_pdbx_database_status.status_code_mr                  ? 
_pdbx_database_status.entry_id                        6LCY 
_pdbx_database_status.recvd_initial_deposition_date   2019-11-20 
_pdbx_database_status.SG_entry                        N 
_pdbx_database_status.deposit_site                    PDBJ 
_pdbx_database_status.process_site                    PDBJ 
_pdbx_database_status.status_code_cs                  ? 
_pdbx_database_status.status_code_nmr_data            ? 
_pdbx_database_status.methods_development_category    ? 
_pdbx_database_status.pdb_format_compatible           Y 
# 
loop_
_audit_author.name 
_audit_author.pdbx_ordinal 
_audit_author.identifier_ORCID 
'Zhang, Y.' 1 ? 
'Zhang, X.' 2 ? 
'Rao, F.'   3 ? 
'Wang, C.'  4 ? 
# 
_citation.abstract                  ? 
_citation.abstract_id_CAS           ? 
_citation.book_id_ISBN              ? 
_citation.book_publisher            ? 
_citation.book_publisher_city       ? 
_citation.book_title                ? 
_citation.coordinate_linkage        ? 
_citation.country                   ? 
_citation.database_id_Medline       ? 
_citation.details                   ? 
_citation.id                        primary 
_citation.journal_abbrev            'Nat Metab' 
_citation.journal_id_ASTM           ? 
_citation.journal_id_CSD            ? 
_citation.journal_id_ISSN           2522-5812 
_citation.journal_full              ? 
_citation.journal_issue             ? 
_citation.journal_volume            3 
_citation.language                  ? 
_citation.page_first                1400 
_citation.page_last                 1414 
_citation.title                     
'5-IP 7 is a GPCR messenger mediating neural control of synaptotagmin-dependent insulin exocytosis and glucose homeostasis.' 
_citation.year                      2021 
_citation.database_id_CSD           ? 
_citation.pdbx_database_id_DOI      10.1038/s42255-021-00468-7 
_citation.pdbx_database_id_PubMed   34663975 
_citation.unpublished_flag          ? 
# 
loop_
_citation_author.citation_id 
_citation_author.name 
_citation_author.ordinal 
_citation_author.identifier_ORCID 
primary 'Zhang, X.' 1  ?                   
primary 'Li, N.'    2  ?                   
primary 'Zhang, J.' 3  0000-0001-5521-2092 
primary 'Zhang, Y.' 4  ?                   
primary 'Yang, X.'  5  ?                   
primary 'Luo, Y.'   6  ?                   
primary 'Zhang, B.' 7  ?                   
primary 'Xu, Z.'    8  ?                   
primary 'Zhu, Z.'   9  ?                   
primary 'Yang, X.'  10 ?                   
primary 'Yan, Y.'   11 ?                   
primary 'Lin, B.'   12 ?                   
primary 'Wang, S.'  13 0000-0002-5013-1039 
primary 'Chen, D.'  14 ?                   
primary 'Ye, C.'    15 0000-0002-9197-8922 
primary 'Ding, Y.'  16 ?                   
primary 'Lou, M.'   17 ?                   
primary 'Wu, Q.'    18 ?                   
primary 'Hou, Z.'   19 ?                   
primary 'Zhang, K.' 20 ?                   
primary 'Liang, Z.' 21 ?                   
primary 'Wei, A.'   22 ?                   
primary 'Wang, B.'  23 ?                   
primary 'Wang, C.'  24 ?                   
primary 'Jiang, N.' 25 ?                   
primary 'Zhang, W.' 26 ?                   
primary 'Xiao, G.'  27 ?                   
primary 'Ma, C.'    28 ?                   
primary 'Ren, Y.'   29 ?                   
primary 'Qi, X.'    30 0000-0002-7139-5164 
primary 'Han, W.'   31 ?                   
primary 'Wang, C.'  32 0000-0003-3192-2780 
primary 'Rao, F.'   33 0000-0002-6038-6406 
# 
_cell.angle_alpha                  90.000 
_cell.angle_alpha_esd              ? 
_cell.angle_beta                   90.000 
_cell.angle_beta_esd               ? 
_cell.angle_gamma                  120.000 
_cell.angle_gamma_esd              ? 
_cell.entry_id                     6LCY 
_cell.details                      ? 
_cell.formula_units_Z              ? 
_cell.length_a                     104.406 
_cell.length_a_esd                 ? 
_cell.length_b                     104.406 
_cell.length_b_esd                 ? 
_cell.length_c                     53.404 
_cell.length_c_esd                 ? 
_cell.volume                       ? 
_cell.volume_esd                   ? 
_cell.Z_PDB                        6 
_cell.reciprocal_angle_alpha       ? 
_cell.reciprocal_angle_beta        ? 
_cell.reciprocal_angle_gamma       ? 
_cell.reciprocal_angle_alpha_esd   ? 
_cell.reciprocal_angle_beta_esd    ? 
_cell.reciprocal_angle_gamma_esd   ? 
_cell.reciprocal_length_a          ? 
_cell.reciprocal_length_b          ? 
_cell.reciprocal_length_c          ? 
_cell.reciprocal_length_a_esd      ? 
_cell.reciprocal_length_b_esd      ? 
_cell.reciprocal_length_c_esd      ? 
_cell.pdbx_unique_axis             ? 
# 
_symmetry.entry_id                         6LCY 
_symmetry.cell_setting                     ? 
_symmetry.Int_Tables_number                169 
_symmetry.space_group_name_Hall            ? 
_symmetry.space_group_name_H-M             'P 61' 
_symmetry.pdbx_full_space_group_name_H-M   ? 
# 
loop_
_entity.id 
_entity.type 
_entity.src_method 
_entity.pdbx_description 
_entity.formula_weight 
_entity.pdbx_number_of_molecules 
_entity.pdbx_ec 
_entity.pdbx_mutation 
_entity.pdbx_fragment 
_entity.details 
1 polymer     man Synaptotagmin-7             16455.207 1  ? ? 'C2B domain' ? 
2 non-polymer syn 'INOSITOL HEXAKISPHOSPHATE' 660.035   2  ? ? ?            ? 
3 water       nat water                       18.015    34 ? ? ?            ? 
# 
_entity_name_com.entity_id   1 
_entity_name_com.name        'Synaptotagmin VII,SytVII' 
# 
_entity_poly.entity_id                      1 
_entity_poly.type                           'polypeptide(L)' 
_entity_poly.nstd_linkage                   no 
_entity_poly.nstd_monomer                   no 
_entity_poly.pdbx_seq_one_letter_code       
;GPGSGSGSRGELLLSLCYNPSANSIIVNIIKARNLKAMDIGGTSDPYVKVWLMYKDKRVEKKKTVTKKRNLNPIFNESFA
FDIPTEKLRETTIIITVMDKDKLSRNDVIGKIYLSWKSGPGEVKHWKDMIARPRQPVAQWHQLKA
;
_entity_poly.pdbx_seq_one_letter_code_can   
;GPGSGSGSRGELLLSLCYNPSANSIIVNIIKARNLKAMDIGGTSDPYVKVWLMYKDKRVEKKKTVTKKRNLNPIFNESFA
FDIPTEKLRETTIIITVMDKDKLSRNDVIGKIYLSWKSGPGEVKHWKDMIARPRQPVAQWHQLKA
;
_entity_poly.pdbx_strand_id                 A 
_entity_poly.pdbx_target_identifier         ? 
# 
loop_
_entity_poly_seq.entity_id 
_entity_poly_seq.num 
_entity_poly_seq.mon_id 
_entity_poly_seq.hetero 
1 1   GLY n 
1 2   PRO n 
1 3   GLY n 
1 4   SER n 
1 5   GLY n 
1 6   SER n 
1 7   GLY n 
1 8   SER n 
1 9   ARG n 
1 10  GLY n 
1 11  GLU n 
1 12  LEU n 
1 13  LEU n 
1 14  LEU n 
1 15  SER n 
1 16  LEU n 
1 17  CYS n 
1 18  TYR n 
1 19  ASN n 
1 20  PRO n 
1 21  SER n 
1 22  ALA n 
1 23  ASN n 
1 24  SER n 
1 25  ILE n 
1 26  ILE n 
1 27  VAL n 
1 28  ASN n 
1 29  ILE n 
1 30  ILE n 
1 31  LYS n 
1 32  ALA n 
1 33  ARG n 
1 34  ASN n 
1 35  LEU n 
1 36  LYS n 
1 37  ALA n 
1 38  MET n 
1 39  ASP n 
1 40  ILE n 
1 41  GLY n 
1 42  GLY n 
1 43  THR n 
1 44  SER n 
1 45  ASP n 
1 46  PRO n 
1 47  TYR n 
1 48  VAL n 
1 49  LYS n 
1 50  VAL n 
1 51  TRP n 
1 52  LEU n 
1 53  MET n 
1 54  TYR n 
1 55  LYS n 
1 56  ASP n 
1 57  LYS n 
1 58  ARG n 
1 59  VAL n 
1 60  GLU n 
1 61  LYS n 
1 62  LYS n 
1 63  LYS n 
1 64  THR n 
1 65  VAL n 
1 66  THR n 
1 67  LYS n 
1 68  LYS n 
1 69  ARG n 
1 70  ASN n 
1 71  LEU n 
1 72  ASN n 
1 73  PRO n 
1 74  ILE n 
1 75  PHE n 
1 76  ASN n 
1 77  GLU n 
1 78  SER n 
1 79  PHE n 
1 80  ALA n 
1 81  PHE n 
1 82  ASP n 
1 83  ILE n 
1 84  PRO n 
1 85  THR n 
1 86  GLU n 
1 87  LYS n 
1 88  LEU n 
1 89  ARG n 
1 90  GLU n 
1 91  THR n 
1 92  THR n 
1 93  ILE n 
1 94  ILE n 
1 95  ILE n 
1 96  THR n 
1 97  VAL n 
1 98  MET n 
1 99  ASP n 
1 100 LYS n 
1 101 ASP n 
1 102 LYS n 
1 103 LEU n 
1 104 SER n 
1 105 ARG n 
1 106 ASN n 
1 107 ASP n 
1 108 VAL n 
1 109 ILE n 
1 110 GLY n 
1 111 LYS n 
1 112 ILE n 
1 113 TYR n 
1 114 LEU n 
1 115 SER n 
1 116 TRP n 
1 117 LYS n 
1 118 SER n 
1 119 GLY n 
1 120 PRO n 
1 121 GLY n 
1 122 GLU n 
1 123 VAL n 
1 124 LYS n 
1 125 HIS n 
1 126 TRP n 
1 127 LYS n 
1 128 ASP n 
1 129 MET n 
1 130 ILE n 
1 131 ALA n 
1 132 ARG n 
1 133 PRO n 
1 134 ARG n 
1 135 GLN n 
1 136 PRO n 
1 137 VAL n 
1 138 ALA n 
1 139 GLN n 
1 140 TRP n 
1 141 HIS n 
1 142 GLN n 
1 143 LEU n 
1 144 LYS n 
1 145 ALA n 
# 
_entity_src_gen.entity_id                          1 
_entity_src_gen.pdbx_src_id                        1 
_entity_src_gen.pdbx_alt_source_flag               sample 
_entity_src_gen.pdbx_seq_type                      'Biological sequence' 
_entity_src_gen.pdbx_beg_seq_num                   1 
_entity_src_gen.pdbx_end_seq_num                   145 
_entity_src_gen.gene_src_common_name               Mouse 
_entity_src_gen.gene_src_genus                     ? 
_entity_src_gen.pdbx_gene_src_gene                 Syt7 
_entity_src_gen.gene_src_species                   ? 
_entity_src_gen.gene_src_strain                    ? 
_entity_src_gen.gene_src_tissue                    ? 
_entity_src_gen.gene_src_tissue_fraction           ? 
_entity_src_gen.gene_src_details                   ? 
_entity_src_gen.pdbx_gene_src_fragment             ? 
_entity_src_gen.pdbx_gene_src_scientific_name      'Mus musculus' 
_entity_src_gen.pdbx_gene_src_ncbi_taxonomy_id     10090 
_entity_src_gen.pdbx_gene_src_variant              ? 
_entity_src_gen.pdbx_gene_src_cell_line            ? 
_entity_src_gen.pdbx_gene_src_atcc                 ? 
_entity_src_gen.pdbx_gene_src_organ                ? 
_entity_src_gen.pdbx_gene_src_organelle            ? 
_entity_src_gen.pdbx_gene_src_cell                 ? 
_entity_src_gen.pdbx_gene_src_cellular_location    ? 
_entity_src_gen.host_org_common_name               ? 
_entity_src_gen.pdbx_host_org_scientific_name      'Escherichia coli' 
_entity_src_gen.pdbx_host_org_ncbi_taxonomy_id     562 
_entity_src_gen.host_org_genus                     ? 
_entity_src_gen.pdbx_host_org_gene                 ? 
_entity_src_gen.pdbx_host_org_organ                ? 
_entity_src_gen.host_org_species                   ? 
_entity_src_gen.pdbx_host_org_tissue               ? 
_entity_src_gen.pdbx_host_org_tissue_fraction      ? 
_entity_src_gen.pdbx_host_org_strain               ? 
_entity_src_gen.pdbx_host_org_variant              ? 
_entity_src_gen.pdbx_host_org_cell_line            ? 
_entity_src_gen.pdbx_host_org_atcc                 ? 
_entity_src_gen.pdbx_host_org_culture_collection   ? 
_entity_src_gen.pdbx_host_org_cell                 ? 
_entity_src_gen.pdbx_host_org_organelle            ? 
_entity_src_gen.pdbx_host_org_cellular_location    ? 
_entity_src_gen.pdbx_host_org_vector_type          ? 
_entity_src_gen.pdbx_host_org_vector               ? 
_entity_src_gen.host_org_details                   ? 
_entity_src_gen.expression_system_id               ? 
_entity_src_gen.plasmid_name                       ? 
_entity_src_gen.plasmid_details                    ? 
_entity_src_gen.pdbx_description                   ? 
# 
_struct_ref.id                         1 
_struct_ref.db_name                    UNP 
_struct_ref.db_code                    SYT7_MOUSE 
_struct_ref.pdbx_db_accession          Q9R0N7 
_struct_ref.pdbx_db_isoform            ? 
_struct_ref.entity_id                  1 
_struct_ref.pdbx_seq_one_letter_code   
;GSGSRGELLLSLCYNPSANSIIVNIIKARNLKAMDIGGTSDPYVKVWLMYKDKRVEKKKTVTKKRNLNPIFNESFAFDIP
TEKLRETTIIITVMDKDKLSRNDVIGKIYLSWKSGPGEVKHWKDMIARPRQPVAQWHQLKA
;
_struct_ref.pdbx_align_begin           263 
# 
_struct_ref_seq.align_id                      1 
_struct_ref_seq.ref_id                        1 
_struct_ref_seq.pdbx_PDB_id_code              6LCY 
_struct_ref_seq.pdbx_strand_id                A 
_struct_ref_seq.seq_align_beg                 5 
_struct_ref_seq.pdbx_seq_align_beg_ins_code   ? 
_struct_ref_seq.seq_align_end                 145 
_struct_ref_seq.pdbx_seq_align_end_ins_code   ? 
_struct_ref_seq.pdbx_db_accession             Q9R0N7 
_struct_ref_seq.db_align_beg                  263 
_struct_ref_seq.pdbx_db_align_beg_ins_code    ? 
_struct_ref_seq.db_align_end                  403 
_struct_ref_seq.pdbx_db_align_end_ins_code    ? 
_struct_ref_seq.pdbx_auth_seq_align_beg       263 
_struct_ref_seq.pdbx_auth_seq_align_end       403 
# 
loop_
_struct_ref_seq_dif.align_id 
_struct_ref_seq_dif.pdbx_pdb_id_code 
_struct_ref_seq_dif.mon_id 
_struct_ref_seq_dif.pdbx_pdb_strand_id 
_struct_ref_seq_dif.seq_num 
_struct_ref_seq_dif.pdbx_pdb_ins_code 
_struct_ref_seq_dif.pdbx_seq_db_name 
_struct_ref_seq_dif.pdbx_seq_db_accession_code 
_struct_ref_seq_dif.db_mon_id 
_struct_ref_seq_dif.pdbx_seq_db_seq_num 
_struct_ref_seq_dif.details 
_struct_ref_seq_dif.pdbx_auth_seq_num 
_struct_ref_seq_dif.pdbx_ordinal 
1 6LCY GLY A 1 ? UNP Q9R0N7 ? ? 'expression tag' 259 1 
1 6LCY PRO A 2 ? UNP Q9R0N7 ? ? 'expression tag' 260 2 
1 6LCY GLY A 3 ? UNP Q9R0N7 ? ? 'expression tag' 261 3 
1 6LCY SER A 4 ? UNP Q9R0N7 ? ? 'expression tag' 262 4 
# 
loop_
_chem_comp.id 
_chem_comp.type 
_chem_comp.mon_nstd_flag 
_chem_comp.name 
_chem_comp.pdbx_synonyms 
_chem_comp.formula 
_chem_comp.formula_weight 
ALA 'L-peptide linking' y ALANINE                     ?                                                                      
'C3 H7 N O2'     89.093  
ARG 'L-peptide linking' y ARGININE                    ?                                                                      
'C6 H15 N4 O2 1' 175.209 
ASN 'L-peptide linking' y ASPARAGINE                  ?                                                                      
'C4 H8 N2 O3'    132.118 
ASP 'L-peptide linking' y 'ASPARTIC ACID'             ?                                                                      
'C4 H7 N O4'     133.103 
CYS 'L-peptide linking' y CYSTEINE                    ?                                                                      
'C3 H7 N O2 S'   121.158 
GLN 'L-peptide linking' y GLUTAMINE                   ?                                                                      
'C5 H10 N2 O3'   146.144 
GLU 'L-peptide linking' y 'GLUTAMIC ACID'             ?                                                                      
'C5 H9 N O4'     147.129 
GLY 'peptide linking'   y GLYCINE                     ?                                                                      
'C2 H5 N O2'     75.067  
HIS 'L-peptide linking' y HISTIDINE                   ?                                                                      
'C6 H10 N3 O2 1' 156.162 
HOH non-polymer         . WATER                       ?                                                                      
'H2 O'           18.015  
IHP non-polymer         . 'INOSITOL HEXAKISPHOSPHATE' 'MYO-INOSITOL HEXAKISPHOSPHATE; INOSITOL 1,2,3,4,5,6-HEXAKISPHOSPHATE' 
'C6 H18 O24 P6'  660.035 
ILE 'L-peptide linking' y ISOLEUCINE                  ?                                                                      
'C6 H13 N O2'    131.173 
LEU 'L-peptide linking' y LEUCINE                     ?                                                                      
'C6 H13 N O2'    131.173 
LYS 'L-peptide linking' y LYSINE                      ?                                                                      
'C6 H15 N2 O2 1' 147.195 
MET 'L-peptide linking' y METHIONINE                  ?                                                                      
'C5 H11 N O2 S'  149.211 
PHE 'L-peptide linking' y PHENYLALANINE               ?                                                                      
'C9 H11 N O2'    165.189 
PRO 'L-peptide linking' y PROLINE                     ?                                                                      
'C5 H9 N O2'     115.130 
SER 'L-peptide linking' y SERINE                      ?                                                                      
'C3 H7 N O3'     105.093 
THR 'L-peptide linking' y THREONINE                   ?                                                                      
'C4 H9 N O3'     119.119 
TRP 'L-peptide linking' y TRYPTOPHAN                  ?                                                                      
'C11 H12 N2 O2'  204.225 
TYR 'L-peptide linking' y TYROSINE                    ?                                                                      
'C9 H11 N O3'    181.189 
VAL 'L-peptide linking' y VALINE                      ?                                                                      
'C5 H11 N O2'    117.146 
# 
_exptl.absorpt_coefficient_mu     ? 
_exptl.absorpt_correction_T_max   ? 
_exptl.absorpt_correction_T_min   ? 
_exptl.absorpt_correction_type    ? 
_exptl.absorpt_process_details    ? 
_exptl.entry_id                   6LCY 
_exptl.crystals_number            1 
_exptl.details                    ? 
_exptl.method                     'X-RAY DIFFRACTION' 
_exptl.method_details             ? 
# 
_exptl_crystal.colour                      ? 
_exptl_crystal.density_diffrn              ? 
_exptl_crystal.density_Matthews            5.11 
_exptl_crystal.density_method              ? 
_exptl_crystal.density_percent_sol         75.91 
_exptl_crystal.description                 ? 
_exptl_crystal.F_000                       ? 
_exptl_crystal.id                          1 
_exptl_crystal.preparation                 ? 
_exptl_crystal.size_max                    ? 
_exptl_crystal.size_mid                    ? 
_exptl_crystal.size_min                    ? 
_exptl_crystal.size_rad                    ? 
_exptl_crystal.colour_lustre               ? 
_exptl_crystal.colour_modifier             ? 
_exptl_crystal.colour_primary              ? 
_exptl_crystal.density_meas                ? 
_exptl_crystal.density_meas_esd            ? 
_exptl_crystal.density_meas_gt             ? 
_exptl_crystal.density_meas_lt             ? 
_exptl_crystal.density_meas_temp           ? 
_exptl_crystal.density_meas_temp_esd       ? 
_exptl_crystal.density_meas_temp_gt        ? 
_exptl_crystal.density_meas_temp_lt        ? 
_exptl_crystal.pdbx_crystal_image_url      ? 
_exptl_crystal.pdbx_crystal_image_format   ? 
_exptl_crystal.pdbx_mosaicity              ? 
_exptl_crystal.pdbx_mosaicity_esd          ? 
# 
_exptl_crystal_grow.apparatus       ? 
_exptl_crystal_grow.atmosphere      ? 
_exptl_crystal_grow.crystal_id      1 
_exptl_crystal_grow.details         ? 
_exptl_crystal_grow.method          'VAPOR DIFFUSION, SITTING DROP' 
_exptl_crystal_grow.method_ref      ? 
_exptl_crystal_grow.pH              ? 
_exptl_crystal_grow.pressure        ? 
_exptl_crystal_grow.pressure_esd    ? 
_exptl_crystal_grow.seeding         ? 
_exptl_crystal_grow.seeding_ref     ? 
_exptl_crystal_grow.temp            277 
_exptl_crystal_grow.temp_details    ? 
_exptl_crystal_grow.temp_esd        ? 
_exptl_crystal_grow.time            ? 
_exptl_crystal_grow.pdbx_details    '100mM NaCl, 50mM Tris-Cl, 1mM EDTA, 1mM DDT, 5mM IP6' 
_exptl_crystal_grow.pdbx_pH_range   ? 
# 
_diffrn.ambient_environment              ? 
_diffrn.ambient_temp                     100 
_diffrn.ambient_temp_details             ? 
_diffrn.ambient_temp_esd                 ? 
_diffrn.crystal_id                       1 
_diffrn.crystal_support                  ? 
_diffrn.crystal_treatment                ? 
_diffrn.details                          ? 
_diffrn.id                               1 
_diffrn.ambient_pressure                 ? 
_diffrn.ambient_pressure_esd             ? 
_diffrn.ambient_pressure_gt              ? 
_diffrn.ambient_pressure_lt              ? 
_diffrn.ambient_temp_gt                  ? 
_diffrn.ambient_temp_lt                  ? 
_diffrn.pdbx_serial_crystal_experiment   N 
# 
_diffrn_detector.details                      ? 
_diffrn_detector.detector                     PIXEL 
_diffrn_detector.diffrn_id                    1 
_diffrn_detector.type                         'DECTRIS EIGER X 16M' 
_diffrn_detector.area_resol_mean              ? 
_diffrn_detector.dtime                        ? 
_diffrn_detector.pdbx_frames_total            ? 
_diffrn_detector.pdbx_collection_time_total   ? 
_diffrn_detector.pdbx_collection_date         2019-07-06 
_diffrn_detector.pdbx_frequency               ? 
# 
_diffrn_radiation.collimation                      ? 
_diffrn_radiation.diffrn_id                        1 
_diffrn_radiation.filter_edge                      ? 
_diffrn_radiation.inhomogeneity                    ? 
_diffrn_radiation.monochromator                    ? 
_diffrn_radiation.polarisn_norm                    ? 
_diffrn_radiation.polarisn_ratio                   ? 
_diffrn_radiation.probe                            ? 
_diffrn_radiation.type                             ? 
_diffrn_radiation.xray_symbol                      ? 
_diffrn_radiation.wavelength_id                    1 
_diffrn_radiation.pdbx_monochromatic_or_laue_m_l   M 
_diffrn_radiation.pdbx_wavelength_list             ? 
_diffrn_radiation.pdbx_wavelength                  ? 
_diffrn_radiation.pdbx_diffrn_protocol             'SINGLE WAVELENGTH' 
_diffrn_radiation.pdbx_analyzer                    ? 
_diffrn_radiation.pdbx_scattering_type             x-ray 
# 
_diffrn_radiation_wavelength.id           1 
_diffrn_radiation_wavelength.wavelength   0.97918 
_diffrn_radiation_wavelength.wt           1.0 
# 
_diffrn_source.current                     ? 
_diffrn_source.details                     ? 
_diffrn_source.diffrn_id                   1 
_diffrn_source.power                       ? 
_diffrn_source.size                        ? 
_diffrn_source.source                      SYNCHROTRON 
_diffrn_source.target                      ? 
_diffrn_source.type                        'SSRF BEAMLINE BL17U1' 
_diffrn_source.voltage                     ? 
_diffrn_source.take-off_angle              ? 
_diffrn_source.pdbx_wavelength_list        0.97918 
_diffrn_source.pdbx_wavelength             ? 
_diffrn_source.pdbx_synchrotron_beamline   BL17U1 
_diffrn_source.pdbx_synchrotron_site       SSRF 
# 
_reflns.B_iso_Wilson_estimate            30.640 
_reflns.entry_id                         6LCY 
_reflns.data_reduction_details           ? 
_reflns.data_reduction_method            ? 
_reflns.d_resolution_high                2.300 
_reflns.d_resolution_low                 50.000 
_reflns.details                          ? 
_reflns.limit_h_max                      ? 
_reflns.limit_h_min                      ? 
_reflns.limit_k_max                      ? 
_reflns.limit_k_min                      ? 
_reflns.limit_l_max                      ? 
_reflns.limit_l_min                      ? 
_reflns.number_all                       ? 
_reflns.number_obs                       14840 
_reflns.observed_criterion               ? 
_reflns.observed_criterion_F_max         ? 
_reflns.observed_criterion_F_min         ? 
_reflns.observed_criterion_I_max         ? 
_reflns.observed_criterion_I_min         ? 
_reflns.observed_criterion_sigma_F       ? 
_reflns.observed_criterion_sigma_I       ? 
_reflns.percent_possible_obs             99.600 
_reflns.R_free_details                   ? 
_reflns.Rmerge_F_all                     ? 
_reflns.Rmerge_F_obs                     ? 
_reflns.Friedel_coverage                 ? 
_reflns.number_gt                        ? 
_reflns.threshold_expression             ? 
_reflns.pdbx_redundancy                  4.100 
_reflns.pdbx_Rmerge_I_obs                0.079 
_reflns.pdbx_Rmerge_I_all                ? 
_reflns.pdbx_Rsym_value                  ? 
_reflns.pdbx_netI_over_av_sigmaI         ? 
_reflns.pdbx_netI_over_sigmaI            10.300 
_reflns.pdbx_res_netI_over_av_sigmaI_2   ? 
_reflns.pdbx_res_netI_over_sigmaI_2      ? 
_reflns.pdbx_chi_squared                 0.847 
_reflns.pdbx_scaling_rejects             ? 
_reflns.pdbx_d_res_high_opt              ? 
_reflns.pdbx_d_res_low_opt               ? 
_reflns.pdbx_d_res_opt_method            ? 
_reflns.phase_calculation_details        ? 
_reflns.pdbx_Rrim_I_all                  0.090 
_reflns.pdbx_Rpim_I_all                  0.043 
_reflns.pdbx_d_opt                       ? 
_reflns.pdbx_number_measured_all         60777 
_reflns.pdbx_diffrn_id                   1 
_reflns.pdbx_ordinal                     1 
_reflns.pdbx_CC_half                     ? 
_reflns.pdbx_CC_star                     ? 
_reflns.pdbx_R_split                     ? 
# 
loop_
_reflns_shell.d_res_high 
_reflns_shell.d_res_low 
_reflns_shell.meanI_over_sigI_all 
_reflns_shell.meanI_over_sigI_obs 
_reflns_shell.number_measured_all 
_reflns_shell.number_measured_obs 
_reflns_shell.number_possible 
_reflns_shell.number_unique_all 
_reflns_shell.number_unique_obs 
_reflns_shell.percent_possible_all 
_reflns_shell.percent_possible_obs 
_reflns_shell.Rmerge_F_all 
_reflns_shell.Rmerge_F_obs 
_reflns_shell.Rmerge_I_all 
_reflns_shell.Rmerge_I_obs 
_reflns_shell.meanI_over_sigI_gt 
_reflns_shell.meanI_over_uI_all 
_reflns_shell.meanI_over_uI_gt 
_reflns_shell.number_measured_gt 
_reflns_shell.number_unique_gt 
_reflns_shell.percent_possible_gt 
_reflns_shell.Rmerge_F_gt 
_reflns_shell.Rmerge_I_gt 
_reflns_shell.pdbx_redundancy 
_reflns_shell.pdbx_Rsym_value 
_reflns_shell.pdbx_chi_squared 
_reflns_shell.pdbx_netI_over_sigmaI_all 
_reflns_shell.pdbx_netI_over_sigmaI_obs 
_reflns_shell.pdbx_Rrim_I_all 
_reflns_shell.pdbx_Rpim_I_all 
_reflns_shell.pdbx_rejects 
_reflns_shell.pdbx_ordinal 
_reflns_shell.pdbx_diffrn_id 
_reflns_shell.pdbx_CC_half 
_reflns_shell.pdbx_CC_star 
_reflns_shell.pdbx_R_split 
2.300 2.340  ? ? ? ? ? ? 724 100.000 ? ? ? ? 0.518 ? ? ? ? ? ? ? ? 3.900 ? 1.002 ? ? 0.600 0.298 ? 1  1 0.802 ? ? 
2.340 2.380  ? ? ? ? ? ? 729 99.900  ? ? ? ? 0.490 ? ? ? ? ? ? ? ? 4.100 ? 0.945 ? ? 0.560 0.268 ? 2  1 0.895 ? ? 
2.380 2.430  ? ? ? ? ? ? 755 100.000 ? ? ? ? 0.419 ? ? ? ? ? ? ? ? 4.300 ? 0.922 ? ? 0.477 0.226 ? 3  1 0.906 ? ? 
2.430 2.480  ? ? ? ? ? ? 732 100.000 ? ? ? ? 0.377 ? ? ? ? ? ? ? ? 4.300 ? 0.880 ? ? 0.430 0.204 ? 4  1 0.911 ? ? 
2.480 2.530  ? ? ? ? ? ? 738 99.900  ? ? ? ? 0.331 ? ? ? ? ? ? ? ? 4.200 ? 0.898 ? ? 0.378 0.180 ? 5  1 0.932 ? ? 
2.530 2.590  ? ? ? ? ? ? 730 100.000 ? ? ? ? 0.319 ? ? ? ? ? ? ? ? 4.200 ? 0.941 ? ? 0.365 0.176 ? 6  1 0.937 ? ? 
2.590 2.660  ? ? ? ? ? ? 755 100.000 ? ? ? ? 0.255 ? ? ? ? ? ? ? ? 4.000 ? 0.918 ? ? 0.293 0.143 ? 7  1 0.953 ? ? 
2.660 2.730  ? ? ? ? ? ? 735 99.600  ? ? ? ? 0.222 ? ? ? ? ? ? ? ? 3.900 ? 0.965 ? ? 0.256 0.125 ? 8  1 0.951 ? ? 
2.730 2.810  ? ? ? ? ? ? 745 99.900  ? ? ? ? 0.200 ? ? ? ? ? ? ? ? 4.200 ? 0.853 ? ? 0.228 0.108 ? 9  1 0.962 ? ? 
2.810 2.900  ? ? ? ? ? ? 733 99.900  ? ? ? ? 0.173 ? ? ? ? ? ? ? ? 4.200 ? 0.836 ? ? 0.198 0.094 ? 10 1 0.968 ? ? 
2.900 3.000  ? ? ? ? ? ? 735 99.900  ? ? ? ? 0.122 ? ? ? ? ? ? ? ? 4.200 ? 0.858 ? ? 0.139 0.067 ? 11 1 0.982 ? ? 
3.000 3.120  ? ? ? ? ? ? 744 100.000 ? ? ? ? 0.101 ? ? ? ? ? ? ? ? 4.100 ? 0.870 ? ? 0.116 0.056 ? 12 1 0.983 ? ? 
3.120 3.260  ? ? ? ? ? ? 750 99.700  ? ? ? ? 0.080 ? ? ? ? ? ? ? ? 3.900 ? 0.908 ? ? 0.092 0.045 ? 13 1 0.985 ? ? 
3.260 3.440  ? ? ? ? ? ? 726 99.600  ? ? ? ? 0.062 ? ? ? ? ? ? ? ? 4.200 ? 0.888 ? ? 0.072 0.034 ? 14 1 0.990 ? ? 
3.440 3.650  ? ? ? ? ? ? 759 99.700  ? ? ? ? 0.051 ? ? ? ? ? ? ? ? 4.200 ? 0.826 ? ? 0.059 0.028 ? 15 1 0.992 ? ? 
3.650 3.930  ? ? ? ? ? ? 736 99.700  ? ? ? ? 0.046 ? ? ? ? ? ? ? ? 4.000 ? 0.935 ? ? 0.053 0.026 ? 16 1 0.993 ? ? 
3.930 4.330  ? ? ? ? ? ? 746 98.900  ? ? ? ? 0.036 ? ? ? ? ? ? ? ? 4.000 ? 0.737 ? ? 0.042 0.020 ? 17 1 0.994 ? ? 
4.330 4.950  ? ? ? ? ? ? 752 99.500  ? ? ? ? 0.032 ? ? ? ? ? ? ? ? 4.200 ? 0.607 ? ? 0.036 0.017 ? 18 1 0.997 ? ? 
4.950 6.240  ? ? ? ? ? ? 753 98.900  ? ? ? ? 0.032 ? ? ? ? ? ? ? ? 4.000 ? 0.589 ? ? 0.037 0.018 ? 19 1 0.996 ? ? 
6.240 50.000 ? ? ? ? ? ? 763 96.700  ? ? ? ? 0.035 ? ? ? ? ? ? ? ? 3.800 ? 0.564 ? ? 0.040 0.019 ? 20 1 0.994 ? ? 
# 
_refine.aniso_B[1][1]                            ? 
_refine.aniso_B[1][2]                            ? 
_refine.aniso_B[1][3]                            ? 
_refine.aniso_B[2][2]                            ? 
_refine.aniso_B[2][3]                            ? 
_refine.aniso_B[3][3]                            ? 
_refine.B_iso_max                                97.880 
_refine.B_iso_mean                               33.0726 
_refine.B_iso_min                                13.930 
_refine.correlation_coeff_Fo_to_Fc               ? 
_refine.correlation_coeff_Fo_to_Fc_free          ? 
_refine.details                                  ? 
_refine.diff_density_max                         ? 
_refine.diff_density_max_esd                     ? 
_refine.diff_density_min                         ? 
_refine.diff_density_min_esd                     ? 
_refine.diff_density_rms                         ? 
_refine.diff_density_rms_esd                     ? 
_refine.entry_id                                 6LCY 
_refine.pdbx_refine_id                           'X-RAY DIFFRACTION' 
_refine.ls_abs_structure_details                 ? 
_refine.ls_abs_structure_Flack                   ? 
_refine.ls_abs_structure_Flack_esd               ? 
_refine.ls_abs_structure_Rogers                  ? 
_refine.ls_abs_structure_Rogers_esd              ? 
_refine.ls_d_res_high                            2.3010 
_refine.ls_d_res_low                             45.2090 
_refine.ls_extinction_coef                       ? 
_refine.ls_extinction_coef_esd                   ? 
_refine.ls_extinction_expression                 ? 
_refine.ls_extinction_method                     ? 
_refine.ls_goodness_of_fit_all                   ? 
_refine.ls_goodness_of_fit_all_esd               ? 
_refine.ls_goodness_of_fit_obs                   ? 
_refine.ls_goodness_of_fit_obs_esd               ? 
_refine.ls_hydrogen_treatment                    ? 
_refine.ls_matrix_type                           ? 
_refine.ls_number_constraints                    ? 
_refine.ls_number_parameters                     ? 
_refine.ls_number_reflns_all                     ? 
_refine.ls_number_reflns_obs                     14713 
_refine.ls_number_reflns_R_free                  740 
_refine.ls_number_reflns_R_work                  13973 
_refine.ls_number_restraints                     ? 
_refine.ls_percent_reflns_obs                    98.7800 
_refine.ls_percent_reflns_R_free                 5.0300 
_refine.ls_R_factor_all                          ? 
_refine.ls_R_factor_obs                          0.2034 
_refine.ls_R_factor_R_free                       0.2387 
_refine.ls_R_factor_R_free_error                 ? 
_refine.ls_R_factor_R_free_error_details         ? 
_refine.ls_R_factor_R_work                       0.2016 
_refine.ls_R_Fsqd_factor_obs                     ? 
_refine.ls_R_I_factor_obs                        ? 
_refine.ls_redundancy_reflns_all                 ? 
_refine.ls_redundancy_reflns_obs                 ? 
_refine.ls_restrained_S_all                      ? 
_refine.ls_restrained_S_obs                      ? 
_refine.ls_shift_over_esd_max                    ? 
_refine.ls_shift_over_esd_mean                   ? 
_refine.ls_structure_factor_coef                 ? 
_refine.ls_weighting_details                     ? 
_refine.ls_weighting_scheme                      ? 
_refine.ls_wR_factor_all                         ? 
_refine.ls_wR_factor_obs                         ? 
_refine.ls_wR_factor_R_free                      ? 
_refine.ls_wR_factor_R_work                      ? 
_refine.occupancy_max                            ? 
_refine.occupancy_min                            ? 
_refine.solvent_model_details                    'FLAT BULK SOLVENT MODEL' 
_refine.solvent_model_param_bsol                 ? 
_refine.solvent_model_param_ksol                 ? 
_refine.pdbx_R_complete                          ? 
_refine.ls_R_factor_gt                           ? 
_refine.ls_goodness_of_fit_gt                    ? 
_refine.ls_goodness_of_fit_ref                   ? 
_refine.ls_shift_over_su_max                     ? 
_refine.ls_shift_over_su_max_lt                  ? 
_refine.ls_shift_over_su_mean                    ? 
_refine.ls_shift_over_su_mean_lt                 ? 
_refine.pdbx_ls_sigma_I                          ? 
_refine.pdbx_ls_sigma_F                          1.360 
_refine.pdbx_ls_sigma_Fsqd                       ? 
_refine.pdbx_data_cutoff_high_absF               ? 
_refine.pdbx_data_cutoff_high_rms_absF           ? 
_refine.pdbx_data_cutoff_low_absF                ? 
_refine.pdbx_isotropic_thermal_model             ? 
_refine.pdbx_ls_cross_valid_method               THROUGHOUT 
_refine.pdbx_method_to_determine_struct          'MOLECULAR REPLACEMENT' 
_refine.pdbx_starting_model                      3N5A 
_refine.pdbx_stereochemistry_target_values       ML 
_refine.pdbx_R_Free_selection_details            ? 
_refine.pdbx_stereochem_target_val_spec_case     ? 
_refine.pdbx_overall_ESU_R                       ? 
_refine.pdbx_overall_ESU_R_Free                  ? 
_refine.pdbx_solvent_vdw_probe_radii             1.1100 
_refine.pdbx_solvent_ion_probe_radii             ? 
_refine.pdbx_solvent_shrinkage_radii             0.9000 
_refine.pdbx_real_space_R                        ? 
_refine.pdbx_density_correlation                 ? 
_refine.pdbx_pd_number_of_powder_patterns        ? 
_refine.pdbx_pd_number_of_points                 ? 
_refine.pdbx_pd_meas_number_of_points            ? 
_refine.pdbx_pd_proc_ls_prof_R_factor            ? 
_refine.pdbx_pd_proc_ls_prof_wR_factor           ? 
_refine.pdbx_pd_Marquardt_correlation_coeff      ? 
_refine.pdbx_pd_Fsqrd_R_factor                   ? 
_refine.pdbx_pd_ls_matrix_band_width             ? 
_refine.pdbx_overall_phase_error                 24.2100 
_refine.pdbx_overall_SU_R_free_Cruickshank_DPI   ? 
_refine.pdbx_overall_SU_R_free_Blow_DPI          ? 
_refine.pdbx_overall_SU_R_Blow_DPI               ? 
_refine.pdbx_TLS_residual_ADP_flag               ? 
_refine.pdbx_diffrn_id                           1 
_refine.overall_SU_B                             ? 
_refine.overall_SU_ML                            0.3100 
_refine.overall_SU_R_Cruickshank_DPI             ? 
_refine.overall_SU_R_free                        ? 
_refine.overall_FOM_free_R_set                   ? 
_refine.overall_FOM_work_R_set                   ? 
_refine.pdbx_average_fsc_overall                 ? 
_refine.pdbx_average_fsc_work                    ? 
_refine.pdbx_average_fsc_free                    ? 
# 
_refine_hist.pdbx_refine_id                   'X-RAY DIFFRACTION' 
_refine_hist.cycle_id                         final 
_refine_hist.details                          ? 
_refine_hist.d_res_high                       2.3010 
_refine_hist.d_res_low                        45.2090 
_refine_hist.number_atoms_solvent             34 
_refine_hist.number_atoms_total               1238 
_refine_hist.number_reflns_all                ? 
_refine_hist.number_reflns_obs                ? 
_refine_hist.number_reflns_R_free             ? 
_refine_hist.number_reflns_R_work             ? 
_refine_hist.R_factor_all                     ? 
_refine_hist.R_factor_obs                     ? 
_refine_hist.R_factor_R_free                  ? 
_refine_hist.R_factor_R_work                  ? 
_refine_hist.pdbx_number_residues_total       138 
_refine_hist.pdbx_B_iso_mean_ligand           57.79 
_refine_hist.pdbx_B_iso_mean_solvent          28.76 
_refine_hist.pdbx_number_atoms_protein        1120 
_refine_hist.pdbx_number_atoms_nucleic_acid   0 
_refine_hist.pdbx_number_atoms_ligand         84 
_refine_hist.pdbx_number_atoms_lipid          ? 
_refine_hist.pdbx_number_atoms_carb           ? 
_refine_hist.pdbx_pseudo_atom_details         ? 
# 
loop_
_refine_ls_shell.pdbx_refine_id 
_refine_ls_shell.d_res_high 
_refine_ls_shell.d_res_low 
_refine_ls_shell.number_reflns_all 
_refine_ls_shell.number_reflns_obs 
_refine_ls_shell.number_reflns_R_free 
_refine_ls_shell.number_reflns_R_work 
_refine_ls_shell.percent_reflns_obs 
_refine_ls_shell.percent_reflns_R_free 
_refine_ls_shell.R_factor_all 
_refine_ls_shell.R_factor_obs 
_refine_ls_shell.R_factor_R_free 
_refine_ls_shell.R_factor_R_free_error 
_refine_ls_shell.R_factor_R_work 
_refine_ls_shell.redundancy_reflns_all 
_refine_ls_shell.redundancy_reflns_obs 
_refine_ls_shell.wR_factor_all 
_refine_ls_shell.wR_factor_obs 
_refine_ls_shell.wR_factor_R_free 
_refine_ls_shell.wR_factor_R_work 
_refine_ls_shell.pdbx_R_complete 
_refine_ls_shell.pdbx_total_number_of_bins_used 
_refine_ls_shell.pdbx_phase_error 
_refine_ls_shell.pdbx_fsc_work 
_refine_ls_shell.pdbx_fsc_free 
'X-RAY DIFFRACTION' 2.3010 2.4784 . . 156 2666 96.0000  . . . 0.3197 0.0000 0.2455 . . . . . . . . . . . 
'X-RAY DIFFRACTION' 2.4784 2.7278 . . 141 2806 99.0000  . . . 0.2993 0.0000 0.2482 . . . . . . . . . . . 
'X-RAY DIFFRACTION' 2.7278 3.1224 . . 135 2829 100.0000 . . . 0.2352 0.0000 0.2352 . . . . . . . . . . . 
'X-RAY DIFFRACTION' 3.1224 3.9336 . . 159 2809 100.0000 . . . 0.2308 0.0000 0.1950 . . . . . . . . . . . 
'X-RAY DIFFRACTION' 3.9336 10     . . 149 2863 99.0000  . . . 0.2040 0.0000 0.1666 . . . . . . . . . . . 
# 
_struct.entry_id                     6LCY 
_struct.title                        'Crystal structure of Synaptotagmin-7 C2B in complex with IP6' 
_struct.pdbx_model_details           ? 
_struct.pdbx_formula_weight          ? 
_struct.pdbx_formula_weight_method   ? 
_struct.pdbx_model_type_details      ? 
_struct.pdbx_CASP_flag               N 
# 
_struct_keywords.entry_id        6LCY 
_struct_keywords.text            'Synaptotagmin-7, IP6, Insulin secretion, Exocytosis' 
_struct_keywords.pdbx_keywords   EXOCYTOSIS 
# 
loop_
_struct_asym.id 
_struct_asym.pdbx_blank_PDB_chainid_flag 
_struct_asym.pdbx_modified 
_struct_asym.entity_id 
_struct_asym.details 
A N N 1 ? 
B N N 2 ? 
C N N 2 ? 
D N N 3 ? 
# 
loop_
_struct_conf.conf_type_id 
_struct_conf.id 
_struct_conf.pdbx_PDB_helix_id 
_struct_conf.beg_label_comp_id 
_struct_conf.beg_label_asym_id 
_struct_conf.beg_label_seq_id 
_struct_conf.pdbx_beg_PDB_ins_code 
_struct_conf.end_label_comp_id 
_struct_conf.end_label_asym_id 
_struct_conf.end_label_seq_id 
_struct_conf.pdbx_end_PDB_ins_code 
_struct_conf.beg_auth_comp_id 
_struct_conf.beg_auth_asym_id 
_struct_conf.beg_auth_seq_id 
_struct_conf.end_auth_comp_id 
_struct_conf.end_auth_asym_id 
_struct_conf.end_auth_seq_id 
_struct_conf.pdbx_PDB_helix_class 
_struct_conf.details 
_struct_conf.pdbx_PDB_helix_length 
HELX_P HELX_P1 AA1 PRO A 84  ? ARG A 89  ? PRO A 342 ARG A 347 5 ? 6  
HELX_P HELX_P2 AA2 GLY A 119 ? ARG A 132 ? GLY A 377 ARG A 390 1 ? 14 
# 
_struct_conf_type.id          HELX_P 
_struct_conf_type.criteria    ? 
_struct_conf_type.reference   ? 
# 
loop_
_struct_sheet.id 
_struct_sheet.type 
_struct_sheet.number_strands 
_struct_sheet.details 
AA1 ? 4 ? 
AA2 ? 4 ? 
# 
loop_
_struct_sheet_order.sheet_id 
_struct_sheet_order.range_id_1 
_struct_sheet_order.range_id_2 
_struct_sheet_order.offset 
_struct_sheet_order.sense 
AA1 1 2 ? anti-parallel 
AA1 2 3 ? anti-parallel 
AA1 3 4 ? anti-parallel 
AA2 1 2 ? anti-parallel 
AA2 2 3 ? anti-parallel 
AA2 3 4 ? anti-parallel 
# 
loop_
_struct_sheet_range.sheet_id 
_struct_sheet_range.id 
_struct_sheet_range.beg_label_comp_id 
_struct_sheet_range.beg_label_asym_id 
_struct_sheet_range.beg_label_seq_id 
_struct_sheet_range.pdbx_beg_PDB_ins_code 
_struct_sheet_range.end_label_comp_id 
_struct_sheet_range.end_label_asym_id 
_struct_sheet_range.end_label_seq_id 
_struct_sheet_range.pdbx_end_PDB_ins_code 
_struct_sheet_range.beg_auth_comp_id 
_struct_sheet_range.beg_auth_asym_id 
_struct_sheet_range.beg_auth_seq_id 
_struct_sheet_range.end_auth_comp_id 
_struct_sheet_range.end_auth_asym_id 
_struct_sheet_range.end_auth_seq_id 
AA1 1 ILE A 74  ? ASP A 82  ? ILE A 332 ASP A 340 
AA1 2 SER A 24  ? ARG A 33  ? SER A 282 ARG A 291 
AA1 3 GLU A 11  ? ASN A 19  ? GLU A 269 ASN A 277 
AA1 4 VAL A 137 ? GLN A 142 ? VAL A 395 GLN A 400 
AA2 1 LYS A 57  ? LYS A 63  ? LYS A 315 LYS A 321 
AA2 2 PRO A 46  ? TYR A 54  ? PRO A 304 TYR A 312 
AA2 3 THR A 91  ? ASP A 99  ? THR A 349 ASP A 357 
AA2 4 ASP A 107 ? LEU A 114 ? ASP A 365 LEU A 372 
# 
loop_
_pdbx_struct_sheet_hbond.sheet_id 
_pdbx_struct_sheet_hbond.range_id_1 
_pdbx_struct_sheet_hbond.range_id_2 
_pdbx_struct_sheet_hbond.range_1_label_atom_id 
_pdbx_struct_sheet_hbond.range_1_label_comp_id 
_pdbx_struct_sheet_hbond.range_1_label_asym_id 
_pdbx_struct_sheet_hbond.range_1_label_seq_id 
_pdbx_struct_sheet_hbond.range_1_PDB_ins_code 
_pdbx_struct_sheet_hbond.range_1_auth_atom_id 
_pdbx_struct_sheet_hbond.range_1_auth_comp_id 
_pdbx_struct_sheet_hbond.range_1_auth_asym_id 
_pdbx_struct_sheet_hbond.range_1_auth_seq_id 
_pdbx_struct_sheet_hbond.range_2_label_atom_id 
_pdbx_struct_sheet_hbond.range_2_label_comp_id 
_pdbx_struct_sheet_hbond.range_2_label_asym_id 
_pdbx_struct_sheet_hbond.range_2_label_seq_id 
_pdbx_struct_sheet_hbond.range_2_PDB_ins_code 
_pdbx_struct_sheet_hbond.range_2_auth_atom_id 
_pdbx_struct_sheet_hbond.range_2_auth_comp_id 
_pdbx_struct_sheet_hbond.range_2_auth_asym_id 
_pdbx_struct_sheet_hbond.range_2_auth_seq_id 
AA1 1 2 O PHE A 79 ? O PHE A 337 N VAL A 27  ? N VAL A 285 
AA1 2 3 O LYS A 31 ? O LYS A 289 N LEU A 13  ? N LEU A 271 
AA1 3 4 N LEU A 16 ? N LEU A 274 O VAL A 137 ? O VAL A 395 
AA2 1 2 O VAL A 59 ? O VAL A 317 N LEU A 52  ? N LEU A 310 
AA2 2 3 N TYR A 47 ? N TYR A 305 O MET A 98  ? O MET A 356 
AA2 3 4 N ILE A 93 ? N ILE A 351 O LEU A 114 ? O LEU A 372 
# 
loop_
_struct_site.id 
_struct_site.pdbx_evidence_code 
_struct_site.pdbx_auth_asym_id 
_struct_site.pdbx_auth_comp_id 
_struct_site.pdbx_auth_seq_id 
_struct_site.pdbx_auth_ins_code 
_struct_site.pdbx_num_residues 
_struct_site.details 
AC1 Software A IHP 501 ? 12 'binding site for residue IHP A 501' 
AC2 Software A IHP 502 ? 6  'binding site for residue IHP A 502' 
# 
loop_
_struct_site_gen.id 
_struct_site_gen.site_id 
_struct_site_gen.pdbx_num_res 
_struct_site_gen.label_comp_id 
_struct_site_gen.label_asym_id 
_struct_site_gen.label_seq_id 
_struct_site_gen.pdbx_auth_ins_code 
_struct_site_gen.auth_comp_id 
_struct_site_gen.auth_asym_id 
_struct_site_gen.auth_seq_id 
_struct_site_gen.label_atom_id 
_struct_site_gen.label_alt_id 
_struct_site_gen.symmetry 
_struct_site_gen.details 
1  AC1 12 TYR A 47  ? TYR A 305 . ? 1_555 ? 
2  AC1 12 LYS A 49  ? LYS A 307 . ? 1_555 ? 
3  AC1 12 TRP A 51  ? TRP A 309 . ? 1_555 ? 
4  AC1 12 TYR A 54  ? TYR A 312 . ? 2_545 ? 
5  AC1 12 LYS A 55  ? LYS A 313 . ? 2_545 ? 
6  AC1 12 LYS A 57  ? LYS A 315 . ? 2_545 ? 
7  AC1 12 ARG A 58  ? ARG A 316 . ? 1_555 ? 
8  AC1 12 LYS A 61  ? LYS A 319 . ? 1_555 ? 
9  AC1 12 LYS A 63  ? LYS A 321 . ? 1_555 ? 
10 AC1 12 LYS A 87  ? LYS A 345 . ? 2_545 ? 
11 AC1 12 ASN A 106 ? ASN A 364 . ? 1_555 ? 
12 AC1 12 HOH D .   ? HOH A 625 . ? 1_555 ? 
13 AC2 6  LYS A 31  ? LYS A 289 . ? 1_555 ? 
14 AC2 6  ARG A 33  ? ARG A 291 . ? 1_555 ? 
15 AC2 6  LYS A 68  ? LYS A 326 . ? 4_654 ? 
16 AC2 6  ARG A 69  ? ARG A 327 . ? 4_654 ? 
17 AC2 6  LYS A 102 ? LYS A 360 . ? 4_654 ? 
18 AC2 6  TRP A 140 ? TRP A 398 . ? 1_555 ? 
# 
_atom_sites.entry_id                    6LCY 
_atom_sites.Cartn_transf_matrix[1][1]   ? 
_atom_sites.Cartn_transf_matrix[1][2]   ? 
_atom_sites.Cartn_transf_matrix[1][3]   ? 
_atom_sites.Cartn_transf_matrix[2][1]   ? 
_atom_sites.Cartn_transf_matrix[2][2]   ? 
_atom_sites.Cartn_transf_matrix[2][3]   ? 
_atom_sites.Cartn_transf_matrix[3][1]   ? 
_atom_sites.Cartn_transf_matrix[3][2]   ? 
_atom_sites.Cartn_transf_matrix[3][3]   ? 
_atom_sites.Cartn_transf_vector[1]      ? 
_atom_sites.Cartn_transf_vector[2]      ? 
_atom_sites.Cartn_transf_vector[3]      ? 
_atom_sites.fract_transf_matrix[1][1]   -0.00929463 
_atom_sites.fract_transf_matrix[1][2]   0.00596224 
_atom_sites.fract_transf_matrix[1][3]   -0.00061696 
_atom_sites.fract_transf_matrix[2][1]   0.00038829 
_atom_sites.fract_transf_matrix[2][2]   0.01098776 
_atom_sites.fract_transf_matrix[2][3]   0.00120084 
_atom_sites.fract_transf_matrix[3][1]   0.00246384 
_atom_sites.fract_transf_matrix[3][2]   0.00193057 
_atom_sites.fract_transf_matrix[3][3]   -0.01846153 
_atom_sites.fract_transf_vector[1]      0.419350 
_atom_sites.fract_transf_vector[2]      -0.139587 
_atom_sites.fract_transf_vector[3]      0.142371 
_atom_sites.solution_primary            ? 
_atom_sites.solution_secondary          ? 
_atom_sites.solution_hydrogens          ? 
_atom_sites.special_details             ? 
# 
loop_
_atom_type.symbol 
C 
H 
N 
O 
P 
S 
# 
loop_
_atom_site.group_PDB 
_atom_site.id 
_atom_site.type_symbol 
_atom_site.label_atom_id 
_atom_site.label_alt_id 
_atom_site.label_comp_id 
_atom_site.label_asym_id 
_atom_site.label_entity_id 
_atom_site.label_seq_id 
_atom_site.pdbx_PDB_ins_code 
_atom_site.Cartn_x 
_atom_site.Cartn_y 
_atom_site.Cartn_z 
_atom_site.occupancy 
_atom_site.B_iso_or_equiv 
_atom_site.pdbx_formal_charge 
_atom_site.auth_seq_id 
_atom_site.auth_comp_id 
_atom_site.auth_asym_id 
_atom_site.auth_atom_id 
_atom_site.pdbx_PDB_model_num 
ATOM   1    N N    . SER A 1 8   ? 14.750  6.904   -0.853  1.00 47.74 ? 266 SER A N    1 
ATOM   2    C CA   . SER A 1 8   ? 15.583  6.431   -1.952  1.00 44.67 ? 266 SER A CA   1 
ATOM   3    C C    . SER A 1 8   ? 14.753  6.208   -3.213  1.00 46.05 ? 266 SER A C    1 
ATOM   4    O O    . SER A 1 8   ? 15.157  6.597   -4.308  1.00 58.12 ? 266 SER A O    1 
ATOM   5    C CB   . SER A 1 8   ? 16.307  5.145   -1.556  1.00 51.89 ? 266 SER A CB   1 
ATOM   6    O OG   . SER A 1 8   ? 17.045  4.626   -2.647  1.00 55.05 ? 266 SER A OG   1 
ATOM   7    N N    . ARG A 1 9   ? 13.594  5.572   -3.050  1.00 40.54 ? 267 ARG A N    1 
ATOM   8    C CA   . ARG A 1 9   ? 12.625  5.408   -4.124  1.00 39.21 ? 267 ARG A CA   1 
ATOM   9    C C    . ARG A 1 9   ? 11.392  6.273   -3.915  1.00 36.38 ? 267 ARG A C    1 
ATOM   10   O O    . ARG A 1 9   ? 10.528  6.327   -4.797  1.00 35.65 ? 267 ARG A O    1 
ATOM   11   C CB   . ARG A 1 9   ? 12.207  3.934   -4.241  1.00 43.04 ? 267 ARG A CB   1 
ATOM   12   C CG   . ARG A 1 9   ? 13.354  2.942   -4.149  1.00 47.70 ? 267 ARG A CG   1 
ATOM   13   C CD   . ARG A 1 9   ? 14.035  2.728   -5.494  1.00 46.46 ? 267 ARG A CD   1 
ATOM   14   N NE   . ARG A 1 9   ? 13.114  2.209   -6.502  1.00 50.23 ? 267 ARG A NE   1 
ATOM   15   C CZ   . ARG A 1 9   ? 13.496  1.557   -7.595  1.00 51.59 ? 267 ARG A CZ   1 
ATOM   16   N NH1  . ARG A 1 9   ? 12.592  1.118   -8.461  1.00 46.83 ? 267 ARG A NH1  1 
ATOM   17   N NH2  . ARG A 1 9   ? 14.784  1.333   -7.817  1.00 54.91 ? 267 ARG A NH2  1 
ATOM   18   N N    . GLY A 1 10  ? 11.294  6.948   -2.781  1.00 30.55 ? 268 GLY A N    1 
ATOM   19   C CA   . GLY A 1 10  ? 10.116  7.698   -2.407  1.00 31.35 ? 268 GLY A CA   1 
ATOM   20   C C    . GLY A 1 10  ? 9.449   7.110   -1.175  1.00 31.77 ? 268 GLY A C    1 
ATOM   21   O O    . GLY A 1 10  ? 9.864   6.092   -0.632  1.00 32.86 ? 268 GLY A O    1 
ATOM   22   N N    . GLU A 1 11  ? 8.391   7.796   -0.743  1.00 26.63 ? 269 GLU A N    1 
ATOM   23   C CA   . GLU A 1 11  ? 7.596   7.370   0.399   1.00 29.14 ? 269 GLU A CA   1 
ATOM   24   C C    . GLU A 1 11  ? 6.123   7.358   0.022   1.00 24.49 ? 269 GLU A C    1 
ATOM   25   O O    . GLU A 1 11  ? 5.679   8.119   -0.841  1.00 24.13 ? 269 GLU A O    1 
ATOM   26   C CB   . GLU A 1 11  ? 7.805   8.285   1.615   1.00 30.42 ? 269 GLU A CB   1 
ATOM   27   C CG   . GLU A 1 11  ? 9.167   8.174   2.273   1.00 35.16 ? 269 GLU A CG   1 
ATOM   28   C CD   . GLU A 1 11  ? 9.378   9.241   3.323   1.00 38.29 ? 269 GLU A CD   1 
ATOM   29   O OE1  . GLU A 1 11  ? 9.598   10.410  2.942   1.00 41.46 ? 269 GLU A OE1  1 
ATOM   30   O OE2  . GLU A 1 11  ? 9.312   8.914   4.524   1.00 38.57 ? 269 GLU A OE2  1 
ATOM   31   N N    . LEU A 1 12  ? 5.366   6.486   0.681   1.00 21.86 ? 270 LEU A N    1 
ATOM   32   C CA   . LEU A 1 12  ? 3.924   6.414   0.511   1.00 22.21 ? 270 LEU A CA   1 
ATOM   33   C C    . LEU A 1 12  ? 3.251   6.584   1.864   1.00 23.53 ? 270 LEU A C    1 
ATOM   34   O O    . LEU A 1 12  ? 3.678   5.990   2.859   1.00 23.45 ? 270 LEU A O    1 
ATOM   35   C CB   . LEU A 1 12  ? 3.496   5.084   -0.120  1.00 21.95 ? 270 LEU A CB   1 
ATOM   36   C CG   . LEU A 1 12  ? 2.001   4.939   -0.413  1.00 23.13 ? 270 LEU A CG   1 
ATOM   37   C CD1  . LEU A 1 12  ? 1.558   5.946   -1.463  1.00 21.23 ? 270 LEU A CD1  1 
ATOM   38   C CD2  . LEU A 1 12  ? 1.670   3.522   -0.850  1.00 21.45 ? 270 LEU A CD2  1 
ATOM   39   N N    . LEU A 1 13  ? 2.204   7.403   1.896   1.00 22.46 ? 271 LEU A N    1 
ATOM   40   C CA   . LEU A 1 13  ? 1.415   7.645   3.096   1.00 22.93 ? 271 LEU A CA   1 
ATOM   41   C C    . LEU A 1 13  ? 0.092   6.907   2.959   1.00 20.26 ? 271 LEU A C    1 
ATOM   42   O O    . LEU A 1 13  ? -0.639  7.113   1.984   1.00 22.21 ? 271 LEU A O    1 
ATOM   43   C CB   . LEU A 1 13  ? 1.179   9.139   3.313   1.00 24.24 ? 271 LEU A CB   1 
ATOM   44   C CG   . LEU A 1 13  ? 0.310   9.510   4.518   1.00 27.16 ? 271 LEU A CG   1 
ATOM   45   C CD1  . LEU A 1 13  ? 0.976   9.081   5.818   1.00 24.27 ? 271 LEU A CD1  1 
ATOM   46   C CD2  . LEU A 1 13  ? 0.022   10.999  4.528   1.00 23.10 ? 271 LEU A CD2  1 
ATOM   47   N N    . LEU A 1 14  ? -0.207  6.048   3.930   1.00 22.25 ? 272 LEU A N    1 
ATOM   48   C CA   . LEU A 1 14  ? -1.421  5.248   3.899   1.00 24.51 ? 272 LEU A CA   1 
ATOM   49   C C    . LEU A 1 14  ? -1.897  5.004   5.321   1.00 21.51 ? 272 LEU A C    1 
ATOM   50   O O    . LEU A 1 14  ? -1.103  5.000   6.267   1.00 22.38 ? 272 LEU A O    1 
ATOM   51   C CB   . LEU A 1 14  ? -1.188  3.910   3.189   1.00 22.88 ? 272 LEU A CB   1 
ATOM   52   C CG   . LEU A 1 14  ? -0.272  2.958   3.960   1.00 21.51 ? 272 LEU A CG   1 
ATOM   53   C CD1  . LEU A 1 14  ? -1.059  1.773   4.512   1.00 22.48 ? 272 LEU A CD1  1 
ATOM   54   C CD2  . LEU A 1 14  ? 0.891   2.494   3.090   1.00 25.58 ? 272 LEU A CD2  1 
ATOM   55   N N    . SER A 1 15  ? -3.201  4.804   5.467   1.00 20.34 ? 273 SER A N    1 
ATOM   56   C CA   . SER A 1 15  ? -3.792  4.500   6.758   1.00 25.20 ? 273 SER A CA   1 
ATOM   57   C C    . SER A 1 15  ? -4.443  3.125   6.716   1.00 27.64 ? 273 SER A C    1 
ATOM   58   O O    . SER A 1 15  ? -4.931  2.679   5.672   1.00 21.62 ? 273 SER A O    1 
ATOM   59   C CB   . SER A 1 15  ? -4.828  5.553   7.172   1.00 23.42 ? 273 SER A CB   1 
ATOM   60   O OG   . SER A 1 15  ? -5.984  5.491   6.357   1.00 28.38 ? 273 SER A OG   1 
ATOM   61   N N    . LEU A 1 16  ? -4.435  2.457   7.865   1.00 24.73 ? 274 LEU A N    1 
ATOM   62   C CA   . LEU A 1 16  ? -5.089  1.170   8.048   1.00 24.33 ? 274 LEU A CA   1 
ATOM   63   C C    . LEU A 1 16  ? -6.121  1.313   9.155   1.00 26.16 ? 274 LEU A C    1 
ATOM   64   O O    . LEU A 1 16  ? -5.816  1.859   10.220  1.00 27.41 ? 274 LEU A O    1 
ATOM   65   C CB   . LEU A 1 16  ? -4.073  0.081   8.403   1.00 22.58 ? 274 LEU A CB   1 
ATOM   66   C CG   . LEU A 1 16  ? -2.908  -0.103  7.429   1.00 24.86 ? 274 LEU A CG   1 
ATOM   67   C CD1  . LEU A 1 16  ? -1.836  -0.989  8.037   1.00 21.24 ? 274 LEU A CD1  1 
ATOM   68   C CD2  . LEU A 1 16  ? -3.399  -0.692  6.123   1.00 20.55 ? 274 LEU A CD2  1 
ATOM   69   N N    . CYS A 1 17  ? -7.338  0.838   8.901   1.00 23.28 ? 275 CYS A N    1 
ATOM   70   C CA   . CYS A 1 17  ? -8.416  0.875   9.886   1.00 26.80 ? 275 CYS A CA   1 
ATOM   71   C C    . CYS A 1 17  ? -9.015  -0.520  9.992   1.00 25.32 ? 275 CYS A C    1 
ATOM   72   O O    . CYS A 1 17  ? -9.705  -0.974  9.074   1.00 24.86 ? 275 CYS A O    1 
ATOM   73   C CB   . CYS A 1 17  ? -9.482  1.903   9.505   1.00 25.36 ? 275 CYS A CB   1 
ATOM   74   S SG   . CYS A 1 17  ? -10.840 2.029   10.685  1.00 34.00 ? 275 CYS A SG   1 
ATOM   75   N N    . TYR A 1 18  ? -8.747  -1.199  11.103  1.00 25.33 ? 276 TYR A N    1 
ATOM   76   C CA   . TYR A 1 18  ? -9.227  -2.557  11.325  1.00 27.40 ? 276 TYR A CA   1 
ATOM   77   C C    . TYR A 1 18  ? -10.437 -2.506  12.249  1.00 29.11 ? 276 TYR A C    1 
ATOM   78   O O    . TYR A 1 18  ? -10.314 -2.146  13.423  1.00 32.51 ? 276 TYR A O    1 
ATOM   79   C CB   . TYR A 1 18  ? -8.131  -3.440  11.914  1.00 26.01 ? 276 TYR A CB   1 
ATOM   80   C CG   . TYR A 1 18  ? -8.642  -4.796  12.338  1.00 29.45 ? 276 TYR A CG   1 
ATOM   81   C CD1  . TYR A 1 18  ? -9.383  -5.576  11.467  1.00 26.49 ? 276 TYR A CD1  1 
ATOM   82   C CD2  . TYR A 1 18  ? -8.386  -5.295  13.605  1.00 31.69 ? 276 TYR A CD2  1 
ATOM   83   C CE1  . TYR A 1 18  ? -9.858  -6.814  11.842  1.00 28.89 ? 276 TYR A CE1  1 
ATOM   84   C CE2  . TYR A 1 18  ? -8.856  -6.536  13.991  1.00 28.90 ? 276 TYR A CE2  1 
ATOM   85   C CZ   . TYR A 1 18  ? -9.591  -7.292  13.104  1.00 33.48 ? 276 TYR A CZ   1 
ATOM   86   O OH   . TYR A 1 18  ? -10.062 -8.528  13.481  1.00 33.32 ? 276 TYR A OH   1 
ATOM   87   N N    . ASN A 1 19  ? -11.604 -2.871  11.715  1.00 28.37 ? 277 ASN A N    1 
ATOM   88   C CA   . ASN A 1 19  ? -12.837 -2.937  12.486  1.00 28.41 ? 277 ASN A CA   1 
ATOM   89   C C    . ASN A 1 19  ? -13.126 -4.397  12.812  1.00 30.10 ? 277 ASN A C    1 
ATOM   90   O O    . ASN A 1 19  ? -13.685 -5.117  11.969  1.00 29.23 ? 277 ASN A O    1 
ATOM   91   C CB   . ASN A 1 19  ? -13.997 -2.316  11.704  1.00 30.86 ? 277 ASN A CB   1 
ATOM   92   C CG   . ASN A 1 19  ? -15.225 -2.091  12.564  1.00 35.43 ? 277 ASN A CG   1 
ATOM   93   O OD1  . ASN A 1 19  ? -15.423 -2.770  13.571  1.00 35.63 ? 277 ASN A OD1  1 
ATOM   94   N ND2  . ASN A 1 19  ? -16.058 -1.136  12.168  1.00 37.57 ? 277 ASN A ND2  1 
ATOM   95   N N    . PRO A 1 20  ? -12.776 -4.884  14.006  1.00 33.33 ? 278 PRO A N    1 
ATOM   96   C CA   . PRO A 1 20  ? -12.946 -6.322  14.279  1.00 34.39 ? 278 PRO A CA   1 
ATOM   97   C C    . PRO A 1 20  ? -14.393 -6.786  14.252  1.00 32.12 ? 278 PRO A C    1 
ATOM   98   O O    . PRO A 1 20  ? -14.665 -7.896  13.782  1.00 37.74 ? 278 PRO A O    1 
ATOM   99   C CB   . PRO A 1 20  ? -12.316 -6.488  15.669  1.00 34.36 ? 278 PRO A CB   1 
ATOM   100  C CG   . PRO A 1 20  ? -12.370 -5.122  16.282  1.00 34.52 ? 278 PRO A CG   1 
ATOM   101  C CD   . PRO A 1 20  ? -12.186 -4.163  15.147  1.00 35.18 ? 278 PRO A CD   1 
ATOM   102  N N    . SER A 1 21  ? -15.333 -5.976  14.750  1.00 31.57 ? 279 SER A N    1 
ATOM   103  C CA   . SER A 1 21  ? -16.733 -6.392  14.732  1.00 33.43 ? 279 SER A CA   1 
ATOM   104  C C    . SER A 1 21  ? -17.259 -6.507  13.307  1.00 34.42 ? 279 SER A C    1 
ATOM   105  O O    . SER A 1 21  ? -18.090 -7.377  13.024  1.00 40.46 ? 279 SER A O    1 
ATOM   106  C CB   . SER A 1 21  ? -17.595 -5.418  15.539  1.00 41.83 ? 279 SER A CB   1 
ATOM   107  O OG   . SER A 1 21  ? -17.773 -4.196  14.844  1.00 45.35 ? 279 SER A OG   1 
ATOM   108  N N    . ALA A 1 22  ? -16.782 -5.656  12.399  1.00 34.29 ? 280 ALA A N    1 
ATOM   109  C CA   . ALA A 1 22  ? -17.150 -5.738  10.994  1.00 30.72 ? 280 ALA A CA   1 
ATOM   110  C C    . ALA A 1 22  ? -16.257 -6.685  10.201  1.00 33.09 ? 280 ALA A C    1 
ATOM   111  O O    . ALA A 1 22  ? -16.591 -7.015  9.058   1.00 29.97 ? 280 ALA A O    1 
ATOM   112  C CB   . ALA A 1 22  ? -17.112 -4.346  10.354  1.00 28.60 ? 280 ALA A CB   1 
ATOM   113  N N    . ASN A 1 23  ? -15.139 -7.129  10.779  1.00 31.09 ? 281 ASN A N    1 
ATOM   114  C CA   . ASN A 1 23  ? -14.221 -8.047  10.107  1.00 27.86 ? 281 ASN A CA   1 
ATOM   115  C C    . ASN A 1 23  ? -13.705 -7.442  8.803   1.00 31.18 ? 281 ASN A C    1 
ATOM   116  O O    . ASN A 1 23  ? -13.661 -8.095  7.757   1.00 28.61 ? 281 ASN A O    1 
ATOM   117  C CB   . ASN A 1 23  ? -14.886 -9.401  9.858   1.00 28.07 ? 281 ASN A CB   1 
ATOM   118  C CG   . ASN A 1 23  ? -15.231 -10.124 11.142  1.00 34.28 ? 281 ASN A CG   1 
ATOM   119  O OD1  . ASN A 1 23  ? -14.391 -10.277 12.027  1.00 31.90 ? 281 ASN A OD1  1 
ATOM   120  N ND2  . ASN A 1 23  ? -16.471 -10.584 11.245  1.00 35.24 ? 281 ASN A ND2  1 
ATOM   121  N N    . SER A 1 24  ? -13.309 -6.176  8.871   1.00 24.45 ? 282 SER A N    1 
ATOM   122  C CA   . SER A 1 24  ? -12.845 -5.456  7.700   1.00 31.61 ? 282 SER A CA   1 
ATOM   123  C C    . SER A 1 24  ? -11.559 -4.711  8.017   1.00 28.95 ? 282 SER A C    1 
ATOM   124  O O    . SER A 1 24  ? -11.318 -4.299  9.156   1.00 29.51 ? 282 SER A O    1 
ATOM   125  C CB   . SER A 1 24  ? -13.899 -4.460  7.198   1.00 31.25 ? 282 SER A CB   1 
ATOM   126  O OG   . SER A 1 24  ? -14.123 -3.430  8.146   1.00 30.65 ? 282 SER A OG   1 
ATOM   127  N N    . ILE A 1 25  ? -10.728 -4.555  6.992   1.00 21.54 ? 283 ILE A N    1 
ATOM   128  C CA   . ILE A 1 25  ? -9.598  -3.638  7.013   1.00 21.87 ? 283 ILE A CA   1 
ATOM   129  C C    . ILE A 1 25  ? -9.788  -2.679  5.852   1.00 24.21 ? 283 ILE A C    1 
ATOM   130  O O    . ILE A 1 25  ? -9.923  -3.110  4.700   1.00 23.29 ? 283 ILE A O    1 
ATOM   131  C CB   . ILE A 1 25  ? -8.250  -4.366  6.903   1.00 21.73 ? 283 ILE A CB   1 
ATOM   132  C CG1  . ILE A 1 25  ? -8.004  -5.230  8.140   1.00 24.49 ? 283 ILE A CG1  1 
ATOM   133  C CG2  . ILE A 1 25  ? -7.119  -3.364  6.712   1.00 20.29 ? 283 ILE A CG2  1 
ATOM   134  C CD1  . ILE A 1 25  ? -6.635  -5.878  8.162   1.00 20.66 ? 283 ILE A CD1  1 
ATOM   135  N N    . ILE A 1 26  ? -9.819  -1.390  6.153   1.00 20.56 ? 284 ILE A N    1 
ATOM   136  C CA   . ILE A 1 26  ? -9.892  -0.355  5.132   1.00 23.25 ? 284 ILE A CA   1 
ATOM   137  C C    . ILE A 1 26  ? -8.487  0.175   4.901   1.00 21.11 ? 284 ILE A C    1 
ATOM   138  O O    . ILE A 1 26  ? -7.802  0.579   5.849   1.00 18.92 ? 284 ILE A O    1 
ATOM   139  C CB   . ILE A 1 26  ? -10.855 0.770   5.542   1.00 23.49 ? 284 ILE A CB   1 
ATOM   140  C CG1  . ILE A 1 26  ? -12.275 0.217   5.668   1.00 21.85 ? 284 ILE A CG1  1 
ATOM   141  C CG2  . ILE A 1 26  ? -10.803 1.904   4.535   1.00 21.41 ? 284 ILE A CG2  1 
ATOM   142  C CD1  . ILE A 1 26  ? -13.305 1.250   6.074   1.00 25.08 ? 284 ILE A CD1  1 
ATOM   143  N N    . VAL A 1 27  ? -8.050  0.152   3.647   1.00 19.77 ? 285 VAL A N    1 
ATOM   144  C CA   . VAL A 1 27  ? -6.740  0.653   3.248   1.00 23.64 ? 285 VAL A CA   1 
ATOM   145  C C    . VAL A 1 27  ? -6.961  1.952   2.492   1.00 22.03 ? 285 VAL A C    1 
ATOM   146  O O    . VAL A 1 27  ? -7.630  1.969   1.450   1.00 21.24 ? 285 VAL A O    1 
ATOM   147  C CB   . VAL A 1 27  ? -5.976  -0.368  2.393   1.00 23.52 ? 285 VAL A CB   1 
ATOM   148  C CG1  . VAL A 1 27  ? -4.601  0.166   2.033   1.00 19.60 ? 285 VAL A CG1  1 
ATOM   149  C CG2  . VAL A 1 27  ? -5.854  -1.689  3.132   1.00 22.38 ? 285 VAL A CG2  1 
ATOM   150  N N    . ASN A 1 28  ? -6.413  3.039   3.020   1.00 23.74 ? 286 ASN A N    1 
ATOM   151  C CA   . ASN A 1 28  ? -6.563  4.369   2.441   1.00 21.84 ? 286 ASN A CA   1 
ATOM   152  C C    . ASN A 1 28  ? -5.215  4.780   1.859   1.00 20.46 ? 286 ASN A C    1 
ATOM   153  O O    . ASN A 1 28  ? -4.291  5.133   2.596   1.00 22.39 ? 286 ASN A O    1 
ATOM   154  C CB   . ASN A 1 28  ? -7.061  5.360   3.490   1.00 25.14 ? 286 ASN A CB   1 
ATOM   155  C CG   . ASN A 1 28  ? -7.437  6.698   2.895   1.00 28.95 ? 286 ASN A CG   1 
ATOM   156  O OD1  . ASN A 1 28  ? -7.464  6.860   1.676   1.00 25.63 ? 286 ASN A OD1  1 
ATOM   157  N ND2  . ASN A 1 28  ? -7.738  7.665   3.753   1.00 28.20 ? 286 ASN A ND2  1 
ATOM   158  N N    . ILE A 1 29  ? -5.102  4.711   0.537   1.00 21.79 ? 287 ILE A N    1 
ATOM   159  C CA   . ILE A 1 29  ? -3.918  5.200   -0.162  1.00 25.66 ? 287 ILE A CA   1 
ATOM   160  C C    . ILE A 1 29  ? -4.039  6.718   -0.251  1.00 22.91 ? 287 ILE A C    1 
ATOM   161  O O    . ILE A 1 29  ? -4.857  7.244   -1.008  1.00 24.81 ? 287 ILE A O    1 
ATOM   162  C CB   . ILE A 1 29  ? -3.777  4.568   -1.551  1.00 22.21 ? 287 ILE A CB   1 
ATOM   163  C CG1  . ILE A 1 29  ? -3.760  3.041   -1.441  1.00 20.45 ? 287 ILE A CG1  1 
ATOM   164  C CG2  . ILE A 1 29  ? -2.520  5.075   -2.240  1.00 19.95 ? 287 ILE A CG2  1 
ATOM   165  C CD1  . ILE A 1 29  ? -2.738  2.508   -0.469  1.00 21.97 ? 287 ILE A CD1  1 
ATOM   166  N N    . ILE A 1 30  ? -3.228  7.425   0.530   1.00 22.86 ? 288 ILE A N    1 
ATOM   167  C CA   . ILE A 1 30  ? -3.379  8.868   0.668   1.00 26.92 ? 288 ILE A CA   1 
ATOM   168  C C    . ILE A 1 30  ? -2.537  9.592   -0.375  1.00 22.71 ? 288 ILE A C    1 
ATOM   169  O O    . ILE A 1 30  ? -3.078  10.164  -1.328  1.00 26.08 ? 288 ILE A O    1 
ATOM   170  C CB   . ILE A 1 30  ? -3.028  9.316   2.098   1.00 26.71 ? 288 ILE A CB   1 
ATOM   171  C CG1  . ILE A 1 30  ? -3.991  8.659   3.091   1.00 22.84 ? 288 ILE A CG1  1 
ATOM   172  C CG2  . ILE A 1 30  ? -3.087  10.830  2.212   1.00 22.83 ? 288 ILE A CG2  1 
ATOM   173  C CD1  . ILE A 1 30  ? -3.715  8.989   4.535   1.00 21.87 ? 288 ILE A CD1  1 
ATOM   174  N N    . LYS A 1 31  ? -1.216  9.573   -0.213  1.00 22.08 ? 289 LYS A N    1 
ATOM   175  C CA   . LYS A 1 31  ? -0.338  10.265  -1.149  1.00 26.31 ? 289 LYS A CA   1 
ATOM   176  C C    . LYS A 1 31  ? 1.076   9.711   -1.028  1.00 20.30 ? 289 LYS A C    1 
ATOM   177  O O    . LYS A 1 31  ? 1.415   9.008   -0.074  1.00 21.86 ? 289 LYS A O    1 
ATOM   178  C CB   . LYS A 1 31  ? -0.355  11.779  -0.907  1.00 25.82 ? 289 LYS A CB   1 
ATOM   179  C CG   . LYS A 1 31  ? 0.330   12.206  0.377   1.00 25.91 ? 289 LYS A CG   1 
ATOM   180  C CD   . LYS A 1 31  ? 0.083   13.675  0.671   1.00 30.09 ? 289 LYS A CD   1 
ATOM   181  C CE   . LYS A 1 31  ? 0.802   14.118  1.935   1.00 38.74 ? 289 LYS A CE   1 
ATOM   182  N NZ   . LYS A 1 31  ? 0.475   15.530  2.285   1.00 43.13 ? 289 LYS A NZ   1 
ATOM   183  N N    . ALA A 1 32  ? 1.897   10.039  -2.023  1.00 21.63 ? 290 ALA A N    1 
ATOM   184  C CA   . ALA A 1 32  ? 3.306   9.680   -2.046  1.00 23.48 ? 290 ALA A CA   1 
ATOM   185  C C    . ALA A 1 32  ? 4.127   10.933  -2.313  1.00 23.33 ? 290 ALA A C    1 
ATOM   186  O O    . ALA A 1 32  ? 3.613   11.939  -2.808  1.00 24.20 ? 290 ALA A O    1 
ATOM   187  C CB   . ALA A 1 32  ? 3.602   8.611   -3.106  1.00 18.76 ? 290 ALA A CB   1 
ATOM   188  N N    . ARG A 1 33  ? 5.414   10.868  -1.974  1.00 23.77 ? 291 ARG A N    1 
ATOM   189  C CA   . ARG A 1 33  ? 6.302   12.008  -2.150  1.00 28.53 ? 291 ARG A CA   1 
ATOM   190  C C    . ARG A 1 33  ? 7.691   11.546  -2.565  1.00 27.66 ? 291 ARG A C    1 
ATOM   191  O O    . ARG A 1 33  ? 8.168   10.484  -2.150  1.00 26.15 ? 291 ARG A O    1 
ATOM   192  C CB   . ARG A 1 33  ? 6.390   12.864  -0.871  1.00 27.22 ? 291 ARG A CB   1 
ATOM   193  C CG   . ARG A 1 33  ? 7.033   12.171  0.320   1.00 29.83 ? 291 ARG A CG   1 
ATOM   194  C CD   . ARG A 1 33  ? 6.907   13.015  1.579   1.00 31.69 ? 291 ARG A CD   1 
ATOM   195  N NE   . ARG A 1 33  ? 7.413   12.328  2.762   1.00 34.23 ? 291 ARG A NE   1 
ATOM   196  C CZ   . ARG A 1 33  ? 7.187   12.725  4.010   1.00 32.57 ? 291 ARG A CZ   1 
ATOM   197  N NH1  . ARG A 1 33  ? 6.454   13.806  4.246   1.00 31.96 ? 291 ARG A NH1  1 
ATOM   198  N NH2  . ARG A 1 33  ? 7.691   12.036  5.024   1.00 26.57 ? 291 ARG A NH2  1 
ATOM   199  N N    . ASN A 1 34  ? 8.330   12.363  -3.400  1.00 30.30 ? 292 ASN A N    1 
ATOM   200  C CA   . ASN A 1 34  ? 9.709   12.142  -3.833  1.00 28.12 ? 292 ASN A CA   1 
ATOM   201  C C    . ASN A 1 34  ? 9.872   10.799  -4.541  1.00 29.54 ? 292 ASN A C    1 
ATOM   202  O O    . ASN A 1 34  ? 10.852  10.081  -4.332  1.00 33.82 ? 292 ASN A O    1 
ATOM   203  C CB   . ASN A 1 34  ? 10.680  12.256  -2.656  1.00 27.46 ? 292 ASN A CB   1 
ATOM   204  C CG   . ASN A 1 34  ? 10.543  13.571  -1.913  1.00 33.46 ? 292 ASN A CG   1 
ATOM   205  O OD1  . ASN A 1 34  ? 10.461  13.595  -0.685  1.00 40.35 ? 292 ASN A OD1  1 
ATOM   206  N ND2  . ASN A 1 34  ? 10.518  14.672  -2.654  1.00 33.23 ? 292 ASN A ND2  1 
ATOM   207  N N    . LEU A 1 35  ? 8.914   10.463  -5.401  1.00 30.88 ? 293 LEU A N    1 
ATOM   208  C CA   . LEU A 1 35  ? 9.007   9.225   -6.160  1.00 30.90 ? 293 LEU A CA   1 
ATOM   209  C C    . LEU A 1 35  ? 10.219  9.255   -7.085  1.00 37.51 ? 293 LEU A C    1 
ATOM   210  O O    . LEU A 1 35  ? 10.644  10.310  -7.561  1.00 32.58 ? 293 LEU A O    1 
ATOM   211  C CB   . LEU A 1 35  ? 7.732   8.993   -6.971  1.00 30.46 ? 293 LEU A CB   1 
ATOM   212  C CG   . LEU A 1 35  ? 6.471   8.684   -6.165  1.00 29.60 ? 293 LEU A CG   1 
ATOM   213  C CD1  . LEU A 1 35  ? 5.317   8.338   -7.093  1.00 23.62 ? 293 LEU A CD1  1 
ATOM   214  C CD2  . LEU A 1 35  ? 6.735   7.549   -5.189  1.00 29.33 ? 293 LEU A CD2  1 
ATOM   215  N N    . LYS A 1 36  ? 10.780  8.077   -7.333  1.00 40.01 ? 294 LYS A N    1 
ATOM   216  C CA   . LYS A 1 36  ? 11.908  7.953   -8.242  1.00 42.83 ? 294 LYS A CA   1 
ATOM   217  C C    . LYS A 1 36  ? 11.412  7.834   -9.679  1.00 48.49 ? 294 LYS A C    1 
ATOM   218  O O    . LYS A 1 36  ? 10.539  7.014   -9.980  1.00 47.88 ? 294 LYS A O    1 
ATOM   219  C CB   . LYS A 1 36  ? 12.759  6.740   -7.865  1.00 48.30 ? 294 LYS A CB   1 
ATOM   220  C CG   . LYS A 1 36  ? 13.999  6.535   -8.728  1.00 54.80 ? 294 LYS A CG   1 
ATOM   221  C CD   . LYS A 1 36  ? 14.879  5.428   -8.158  1.00 55.98 ? 294 LYS A CD   1 
ATOM   222  C CE   . LYS A 1 36  ? 16.213  5.327   -8.885  1.00 58.86 ? 294 LYS A CE   1 
ATOM   223  N NZ   . LYS A 1 36  ? 16.080  4.771   -10.258 1.00 61.88 ? 294 LYS A NZ   1 
ATOM   224  N N    . ALA A 1 37  ? 11.969  8.655   -10.562 1.00 49.49 ? 295 ALA A N    1 
ATOM   225  C CA   . ALA A 1 37  ? 11.635  8.596   -11.976 1.00 49.09 ? 295 ALA A CA   1 
ATOM   226  C C    . ALA A 1 37  ? 12.555  7.616   -12.695 1.00 52.31 ? 295 ALA A C    1 
ATOM   227  O O    . ALA A 1 37  ? 13.644  7.284   -12.221 1.00 55.77 ? 295 ALA A O    1 
ATOM   228  C CB   . ALA A 1 37  ? 11.736  9.982   -12.615 1.00 48.34 ? 295 ALA A CB   1 
ATOM   229  N N    . MET A 1 38  ? 12.097  7.145   -13.855 1.00 59.84 ? 296 MET A N    1 
ATOM   230  C CA   . MET A 1 38  ? 12.908  6.231   -14.654 1.00 70.57 ? 296 MET A CA   1 
ATOM   231  C C    . MET A 1 38  ? 14.197  6.908   -15.107 1.00 74.64 ? 296 MET A C    1 
ATOM   232  O O    . MET A 1 38  ? 15.299  6.491   -14.736 1.00 70.77 ? 296 MET A O    1 
ATOM   233  C CB   . MET A 1 38  ? 12.105  5.727   -15.855 1.00 68.31 ? 296 MET A CB   1 
ATOM   234  C CG   . MET A 1 38  ? 11.038  4.699   -15.510 1.00 74.73 ? 296 MET A CG   1 
ATOM   235  S SD   . MET A 1 38  ? 11.729  3.112   -15.005 1.00 88.05 ? 296 MET A SD   1 
ATOM   236  C CE   . MET A 1 38  ? 12.409  2.523   -16.554 1.00 68.94 ? 296 MET A CE   1 
ATOM   237  N N    . ASP A 1 39  ? 14.073  7.961   -15.909 1.00 78.92 ? 297 ASP A N    1 
ATOM   238  C CA   . ASP A 1 39  ? 15.232  8.705   -16.371 1.00 74.97 ? 297 ASP A CA   1 
ATOM   239  C C    . ASP A 1 39  ? 15.702  9.686   -15.297 1.00 72.22 ? 297 ASP A C    1 
ATOM   240  O O    . ASP A 1 39  ? 15.007  9.959   -14.316 1.00 71.66 ? 297 ASP A O    1 
ATOM   241  C CB   . ASP A 1 39  ? 14.908  9.456   -17.662 1.00 79.96 ? 297 ASP A CB   1 
ATOM   242  C CG   . ASP A 1 39  ? 14.128  8.612   -18.649 1.00 83.01 ? 297 ASP A CG   1 
ATOM   243  O OD1  . ASP A 1 39  ? 14.311  7.376   -18.659 1.00 82.54 ? 297 ASP A OD1  1 
ATOM   244  O OD2  . ASP A 1 39  ? 13.327  9.184   -19.417 1.00 78.81 ? 297 ASP A OD2  1 
ATOM   245  N N    . ILE A 1 40  ? 16.903  10.219  -15.496 1.00 76.25 ? 298 ILE A N    1 
ATOM   246  C CA   . ILE A 1 40  ? 17.438  11.244  -14.607 1.00 76.11 ? 298 ILE A CA   1 
ATOM   247  C C    . ILE A 1 40  ? 16.868  12.590  -15.034 1.00 72.65 ? 298 ILE A C    1 
ATOM   248  O O    . ILE A 1 40  ? 17.070  13.031  -16.171 1.00 69.06 ? 298 ILE A O    1 
ATOM   249  C CB   . ILE A 1 40  ? 18.973  11.258  -14.630 1.00 73.31 ? 298 ILE A CB   1 
ATOM   250  C CG1  . ILE A 1 40  ? 19.510  12.419  -13.789 1.00 71.89 ? 298 ILE A CG1  1 
ATOM   251  C CG2  . ILE A 1 40  ? 19.487  11.341  -16.060 1.00 77.21 ? 298 ILE A CG2  1 
ATOM   252  C CD1  . ILE A 1 40  ? 19.133  12.341  -12.327 1.00 70.37 ? 298 ILE A CD1  1 
ATOM   253  N N    . GLY A 1 41  ? 16.147  13.242  -14.125 1.00 69.74 ? 299 GLY A N    1 
ATOM   254  C CA   . GLY A 1 41  ? 15.491  14.493  -14.440 1.00 64.74 ? 299 GLY A CA   1 
ATOM   255  C C    . GLY A 1 41  ? 14.147  14.360  -15.122 1.00 67.36 ? 299 GLY A C    1 
ATOM   256  O O    . GLY A 1 41  ? 13.604  15.373  -15.576 1.00 68.90 ? 299 GLY A O    1 
ATOM   257  N N    . GLY A 1 42  ? 13.598  13.149  -15.210 1.00 62.40 ? 300 GLY A N    1 
ATOM   258  C CA   . GLY A 1 42  ? 12.307  12.907  -15.812 1.00 47.91 ? 300 GLY A CA   1 
ATOM   259  C C    . GLY A 1 42  ? 11.189  12.879  -14.794 1.00 45.75 ? 300 GLY A C    1 
ATOM   260  O O    . GLY A 1 42  ? 11.325  13.360  -13.660 1.00 44.17 ? 300 GLY A O    1 
ATOM   261  N N    . THR A 1 43  ? 10.063  12.307  -15.207 1.00 43.01 ? 301 THR A N    1 
ATOM   262  C CA   . THR A 1 43  ? 8.875   12.220  -14.374 1.00 41.88 ? 301 THR A CA   1 
ATOM   263  C C    . THR A 1 43  ? 8.427   10.761  -14.266 1.00 37.88 ? 301 THR A C    1 
ATOM   264  O O    . THR A 1 43  ? 9.163   9.828   -14.621 1.00 36.21 ? 301 THR A O    1 
ATOM   265  C CB   . THR A 1 43  ? 7.760   13.115  -14.932 1.00 33.84 ? 301 THR A CB   1 
ATOM   266  O OG1  . THR A 1 43  ? 6.702   13.229  -13.970 1.00 33.84 ? 301 THR A OG1  1 
ATOM   267  C CG2  . THR A 1 43  ? 7.195   12.533  -16.219 1.00 34.17 ? 301 THR A CG2  1 
ATOM   268  N N    . SER A 1 44  ? 7.212   10.574  -13.753 1.00 38.50 ? 302 SER A N    1 
ATOM   269  C CA   . SER A 1 44  ? 6.636   9.251   -13.584 1.00 36.74 ? 302 SER A CA   1 
ATOM   270  C C    . SER A 1 44  ? 5.119   9.338   -13.685 1.00 32.86 ? 302 SER A C    1 
ATOM   271  O O    . SER A 1 44  ? 4.519   10.401  -13.504 1.00 33.24 ? 302 SER A O    1 
ATOM   272  C CB   . SER A 1 44  ? 7.044   8.632   -12.241 1.00 37.85 ? 302 SER A CB   1 
ATOM   273  O OG   . SER A 1 44  ? 8.362   8.117   -12.280 1.00 42.96 ? 302 SER A OG   1 
ATOM   274  N N    . ASP A 1 45  ? 4.503   8.190   -13.976 1.00 31.26 ? 303 ASP A N    1 
ATOM   275  C CA   . ASP A 1 45  ? 3.050   8.039   -14.030 1.00 31.46 ? 303 ASP A CA   1 
ATOM   276  C C    . ASP A 1 45  ? 2.655   7.000   -12.985 1.00 32.35 ? 303 ASP A C    1 
ATOM   277  O O    . ASP A 1 45  ? 2.346   5.847   -13.324 1.00 30.99 ? 303 ASP A O    1 
ATOM   278  C CB   . ASP A 1 45  ? 2.575   7.630   -15.423 1.00 32.07 ? 303 ASP A CB   1 
ATOM   279  C CG   . ASP A 1 45  ? 2.873   8.681   -16.471 1.00 44.06 ? 303 ASP A CG   1 
ATOM   280  O OD1  . ASP A 1 45  ? 3.473   9.717   -16.116 1.00 39.36 ? 303 ASP A OD1  1 
ATOM   281  O OD2  . ASP A 1 45  ? 2.505   8.473   -17.647 1.00 50.36 ? 303 ASP A OD2  1 
ATOM   282  N N    . PRO A 1 46  ? 2.653   7.373   -11.707 1.00 27.04 ? 304 PRO A N    1 
ATOM   283  C CA   . PRO A 1 46  ? 2.449   6.380   -10.645 1.00 28.06 ? 304 PRO A CA   1 
ATOM   284  C C    . PRO A 1 46  ? 0.991   5.979   -10.468 1.00 24.04 ? 304 PRO A C    1 
ATOM   285  O O    . PRO A 1 46  ? 0.076   6.795   -10.593 1.00 24.11 ? 304 PRO A O    1 
ATOM   286  C CB   . PRO A 1 46  ? 2.971   7.103   -9.396  1.00 27.35 ? 304 PRO A CB   1 
ATOM   287  C CG   . PRO A 1 46  ? 2.734   8.543   -9.688  1.00 28.57 ? 304 PRO A CG   1 
ATOM   288  C CD   . PRO A 1 46  ? 2.963   8.708   -11.166 1.00 26.94 ? 304 PRO A CD   1 
ATOM   289  N N    . TYR A 1 47  ? 0.789   4.690   -10.190 1.00 26.17 ? 305 TYR A N    1 
ATOM   290  C CA   . TYR A 1 47  ? -0.453  4.158   -9.642  1.00 23.41 ? 305 TYR A CA   1 
ATOM   291  C C    . TYR A 1 47  ? -0.059  3.177   -8.545  1.00 23.30 ? 305 TYR A C    1 
ATOM   292  O O    . TYR A 1 47  ? 1.096   2.753   -8.462  1.00 20.10 ? 305 TYR A O    1 
ATOM   293  C CB   . TYR A 1 47  ? -1.339  3.489   -10.709 1.00 23.25 ? 305 TYR A CB   1 
ATOM   294  C CG   . TYR A 1 47  ? -0.731  2.302   -11.401 1.00 24.39 ? 305 TYR A CG   1 
ATOM   295  C CD1  . TYR A 1 47  ? 0.144   2.469   -12.463 1.00 27.98 ? 305 TYR A CD1  1 
ATOM   296  C CD2  . TYR A 1 47  ? -1.049  1.015   -11.009 1.00 30.84 ? 305 TYR A CD2  1 
ATOM   297  C CE1  . TYR A 1 47  ? 0.698   1.384   -13.105 1.00 28.88 ? 305 TYR A CE1  1 
ATOM   298  C CE2  . TYR A 1 47  ? -0.503  -0.077  -11.643 1.00 30.11 ? 305 TYR A CE2  1 
ATOM   299  C CZ   . TYR A 1 47  ? 0.366   0.109   -12.697 1.00 32.02 ? 305 TYR A CZ   1 
ATOM   300  O OH   . TYR A 1 47  ? 0.917   -0.979  -13.336 1.00 35.08 ? 305 TYR A OH   1 
ATOM   301  H HA   . TYR A 1 47  ? -0.993  4.868   -9.263  1.00 28.09 ? 305 TYR A HA   1 
ATOM   302  H HB2  . TYR A 1 47  ? -2.156  3.188   -10.281 1.00 27.90 ? 305 TYR A HB2  1 
ATOM   303  H HB3  . TYR A 1 47  ? -1.545  4.147   -11.391 1.00 27.90 ? 305 TYR A HB3  1 
ATOM   304  H HD1  . TYR A 1 47  ? 0.361   3.328   -12.746 1.00 33.58 ? 305 TYR A HD1  1 
ATOM   305  H HD2  . TYR A 1 47  ? -1.643  0.885   -10.305 1.00 37.00 ? 305 TYR A HD2  1 
ATOM   306  H HE1  . TYR A 1 47  ? 1.293   1.511   -13.809 1.00 34.66 ? 305 TYR A HE1  1 
ATOM   307  H HE2  . TYR A 1 47  ? -0.719  -0.937  -11.362 1.00 36.13 ? 305 TYR A HE2  1 
ATOM   308  H HH   . TYR A 1 47  ? 0.334   -1.573  -13.444 1.00 42.10 ? 305 TYR A HH   1 
ATOM   309  N N    . VAL A 1 48  ? -1.013  2.837   -7.683  1.00 21.21 ? 306 VAL A N    1 
ATOM   310  C CA   . VAL A 1 48  ? -0.746  2.018   -6.505  1.00 20.40 ? 306 VAL A CA   1 
ATOM   311  C C    . VAL A 1 48  ? -1.604  0.763   -6.568  1.00 21.23 ? 306 VAL A C    1 
ATOM   312  O O    . VAL A 1 48  ? -2.831  0.848   -6.709  1.00 19.86 ? 306 VAL A O    1 
ATOM   313  C CB   . VAL A 1 48  ? -1.008  2.794   -5.202  1.00 20.67 ? 306 VAL A CB   1 
ATOM   314  C CG1  . VAL A 1 48  ? -0.671  1.935   -3.993  1.00 16.06 ? 306 VAL A CG1  1 
ATOM   315  C CG2  . VAL A 1 48  ? -0.201  4.082   -5.181  1.00 20.67 ? 306 VAL A CG2  1 
ATOM   316  N N    . LYS A 1 49  ? -0.959  -0.396  -6.460  1.00 17.11 ? 307 LYS A N    1 
ATOM   317  C CA   . LYS A 1 49  ? -1.639  -1.681  -6.403  1.00 22.00 ? 307 LYS A CA   1 
ATOM   318  C C    . LYS A 1 49  ? -1.735  -2.143  -4.955  1.00 17.30 ? 307 LYS A C    1 
ATOM   319  O O    . LYS A 1 49  ? -0.816  -1.923  -4.162  1.00 17.15 ? 307 LYS A O    1 
ATOM   320  C CB   . LYS A 1 49  ? -0.897  -2.727  -7.238  1.00 19.01 ? 307 LYS A CB   1 
ATOM   321  C CG   . LYS A 1 49  ? -0.623  -2.300  -8.670  1.00 27.22 ? 307 LYS A CG   1 
ATOM   322  C CD   . LYS A 1 49  ? -0.904  -3.439  -9.645  1.00 32.61 ? 307 LYS A CD   1 
ATOM   323  C CE   . LYS A 1 49  ? 0.060   -4.608  -9.465  1.00 29.88 ? 307 LYS A CE   1 
ATOM   324  N NZ   . LYS A 1 49  ? -0.240  -5.717  -10.418 1.00 30.49 ? 307 LYS A NZ   1 
ATOM   325  H HA   . LYS A 1 49  ? -2.537  -1.594  -6.760  1.00 26.40 ? 307 LYS A HA   1 
ATOM   326  H HB2  . LYS A 1 49  ? -0.043  -2.910  -6.816  1.00 22.81 ? 307 LYS A HB2  1 
ATOM   327  H HB3  . LYS A 1 49  ? -1.432  -3.535  -7.269  1.00 22.81 ? 307 LYS A HB3  1 
ATOM   328  H HG2  . LYS A 1 49  ? -1.195  -1.551  -8.899  1.00 32.66 ? 307 LYS A HG2  1 
ATOM   329  H HG3  . LYS A 1 49  ? 0.309   -2.044  -8.758  1.00 32.66 ? 307 LYS A HG3  1 
ATOM   330  H HD2  . LYS A 1 49  ? -1.806  -3.767  -9.500  1.00 39.14 ? 307 LYS A HD2  1 
ATOM   331  H HD3  . LYS A 1 49  ? -0.813  -3.110  -10.553 1.00 39.14 ? 307 LYS A HD3  1 
ATOM   332  H HE2  . LYS A 1 49  ? 0.966   -4.304  -9.626  1.00 35.86 ? 307 LYS A HE2  1 
ATOM   333  H HE3  . LYS A 1 49  ? -0.019  -4.953  -8.561  1.00 35.86 ? 307 LYS A HE3  1 
ATOM   334  H HZ1  . LYS A 1 49  ? 0.315   -6.398  -10.278 1.00 36.59 ? 307 LYS A HZ1  1 
ATOM   335  H HZ2  . LYS A 1 49  ? -1.077  -5.998  -10.305 1.00 36.59 ? 307 LYS A HZ2  1 
ATOM   336  H HZ3  . LYS A 1 49  ? -0.142  -5.434  -11.256 1.00 36.59 ? 307 LYS A HZ3  1 
ATOM   337  N N    . VAL A 1 50  ? -2.856  -2.771  -4.610  1.00 16.48 ? 308 VAL A N    1 
ATOM   338  C CA   . VAL A 1 50  ? -3.081  -3.304  -3.273  1.00 18.52 ? 308 VAL A CA   1 
ATOM   339  C C    . VAL A 1 50  ? -3.578  -4.733  -3.417  1.00 20.40 ? 308 VAL A C    1 
ATOM   340  O O    . VAL A 1 50  ? -4.641  -4.969  -4.005  1.00 18.04 ? 308 VAL A O    1 
ATOM   341  C CB   . VAL A 1 50  ? -4.086  -2.462  -2.470  1.00 22.33 ? 308 VAL A CB   1 
ATOM   342  C CG1  . VAL A 1 50  ? -4.210  -3.006  -1.059  1.00 17.95 ? 308 VAL A CG1  1 
ATOM   343  C CG2  . VAL A 1 50  ? -3.654  -1.006  -2.442  1.00 16.43 ? 308 VAL A CG2  1 
ATOM   344  N N    . TRP A 1 51  ? -2.815  -5.684  -2.892  1.00 16.72 ? 309 TRP A N    1 
ATOM   345  C CA   . TRP A 1 51  ? -3.198  -7.088  -2.905  1.00 18.14 ? 309 TRP A CA   1 
ATOM   346  C C    . TRP A 1 51  ? -3.467  -7.553  -1.481  1.00 18.89 ? 309 TRP A C    1 
ATOM   347  O O    . TRP A 1 51  ? -2.636  -7.344  -0.592  1.00 15.78 ? 309 TRP A O    1 
ATOM   348  C CB   . TRP A 1 51  ? -2.103  -7.967  -3.511  1.00 17.90 ? 309 TRP A CB   1 
ATOM   349  C CG   . TRP A 1 51  ? -1.982  -7.926  -4.997  1.00 21.26 ? 309 TRP A CG   1 
ATOM   350  C CD1  . TRP A 1 51  ? -2.483  -6.980  -5.839  1.00 20.84 ? 309 TRP A CD1  1 
ATOM   351  C CD2  . TRP A 1 51  ? -1.308  -8.884  -5.823  1.00 20.95 ? 309 TRP A CD2  1 
ATOM   352  N NE1  . TRP A 1 51  ? -2.160  -7.286  -7.138  1.00 22.02 ? 309 TRP A NE1  1 
ATOM   353  C CE2  . TRP A 1 51  ? -1.441  -8.453  -7.155  1.00 23.30 ? 309 TRP A CE2  1 
ATOM   354  C CE3  . TRP A 1 51  ? -0.604  -10.067 -5.563  1.00 23.34 ? 309 TRP A CE3  1 
ATOM   355  C CZ2  . TRP A 1 51  ? -0.896  -9.158  -8.227  1.00 24.41 ? 309 TRP A CZ2  1 
ATOM   356  C CZ3  . TRP A 1 51  ? -0.064  -10.766 -6.628  1.00 22.43 ? 309 TRP A CZ3  1 
ATOM   357  C CH2  . TRP A 1 51  ? -0.214  -10.310 -7.943  1.00 24.63 ? 309 TRP A CH2  1 
ATOM   358  H HA   . TRP A 1 51  ? -4.004  -7.182  -3.436  1.00 21.77 ? 309 TRP A HA   1 
ATOM   359  H HB2  . TRP A 1 51  ? -1.250  -7.684  -3.146  1.00 21.48 ? 309 TRP A HB2  1 
ATOM   360  H HB3  . TRP A 1 51  ? -2.282  -8.888  -3.263  1.00 21.48 ? 309 TRP A HB3  1 
ATOM   361  H HD1  . TRP A 1 51  ? -2.973  -6.235  -5.573  1.00 25.01 ? 309 TRP A HD1  1 
ATOM   362  H HE1  . TRP A 1 51  ? -2.373  -6.821  -7.828  1.00 26.42 ? 309 TRP A HE1  1 
ATOM   363  H HE3  . TRP A 1 51  ? -0.502  -10.376 -4.693  1.00 28.00 ? 309 TRP A HE3  1 
ATOM   364  H HZ2  . TRP A 1 51  ? -0.992  -8.858  -9.102  1.00 29.29 ? 309 TRP A HZ2  1 
ATOM   365  H HZ3  . TRP A 1 51  ? 0.406   -11.552 -6.468  1.00 26.92 ? 309 TRP A HZ3  1 
ATOM   366  H HH2  . TRP A 1 51  ? 0.158   -10.801 -8.639  1.00 29.56 ? 309 TRP A HH2  1 
ATOM   367  N N    . LEU A 1 52  ? -4.612  -8.196  -1.270  1.00 16.77 ? 310 LEU A N    1 
ATOM   368  C CA   . LEU A 1 52  ? -4.875  -8.908  -0.027  1.00 19.14 ? 310 LEU A CA   1 
ATOM   369  C C    . LEU A 1 52  ? -4.386  -10.342 -0.191  1.00 19.25 ? 310 LEU A C    1 
ATOM   370  O O    . LEU A 1 52  ? -4.797  -11.036 -1.127  1.00 19.60 ? 310 LEU A O    1 
ATOM   371  C CB   . LEU A 1 52  ? -6.363  -8.885  0.322   1.00 17.63 ? 310 LEU A CB   1 
ATOM   372  C CG   . LEU A 1 52  ? -6.765  -9.617  1.607   1.00 18.46 ? 310 LEU A CG   1 
ATOM   373  C CD1  . LEU A 1 52  ? -6.215  -8.900  2.835   1.00 17.69 ? 310 LEU A CD1  1 
ATOM   374  C CD2  . LEU A 1 52  ? -8.276  -9.770  1.701   1.00 16.57 ? 310 LEU A CD2  1 
ATOM   375  N N    . MET A 1 53  ? -3.500  -10.778 0.700   1.00 17.59 ? 311 MET A N    1 
ATOM   376  C CA   . MET A 1 53  ? -2.956  -12.127 0.673   1.00 20.41 ? 311 MET A CA   1 
ATOM   377  C C    . MET A 1 53  ? -3.442  -12.916 1.880   1.00 17.25 ? 311 MET A C    1 
ATOM   378  O O    . MET A 1 53  ? -3.604  -12.365 2.973   1.00 18.82 ? 311 MET A O    1 
ATOM   379  C CB   . MET A 1 53  ? -1.421  -12.109 0.658   1.00 17.78 ? 311 MET A CB   1 
ATOM   380  C CG   . MET A 1 53  ? -0.808  -11.308 -0.487  1.00 14.55 ? 311 MET A CG   1 
ATOM   381  S SD   . MET A 1 53  ? -1.143  -11.994 -2.124  1.00 22.55 ? 311 MET A SD   1 
ATOM   382  C CE   . MET A 1 53  ? -0.218  -13.528 -2.057  1.00 16.83 ? 311 MET A CE   1 
ATOM   383  N N    . TYR A 1 54  ? -3.689  -14.204 1.667   1.00 17.95 ? 312 TYR A N    1 
ATOM   384  C CA   . TYR A 1 54  ? -3.878  -15.168 2.746   1.00 18.96 ? 312 TYR A CA   1 
ATOM   385  C C    . TYR A 1 54  ? -2.878  -16.289 2.510   1.00 18.70 ? 312 TYR A C    1 
ATOM   386  O O    . TYR A 1 54  ? -2.993  -17.030 1.529   1.00 20.33 ? 312 TYR A O    1 
ATOM   387  C CB   . TYR A 1 54  ? -5.310  -15.697 2.788   1.00 19.47 ? 312 TYR A CB   1 
ATOM   388  C CG   . TYR A 1 54  ? -5.464  -16.924 3.650   1.00 21.44 ? 312 TYR A CG   1 
ATOM   389  C CD1  . TYR A 1 54  ? -5.388  -16.838 5.033   1.00 18.79 ? 312 TYR A CD1  1 
ATOM   390  C CD2  . TYR A 1 54  ? -5.681  -18.168 3.080   1.00 24.78 ? 312 TYR A CD2  1 
ATOM   391  C CE1  . TYR A 1 54  ? -5.526  -17.960 5.825   1.00 23.33 ? 312 TYR A CE1  1 
ATOM   392  C CE2  . TYR A 1 54  ? -5.821  -19.295 3.861   1.00 23.22 ? 312 TYR A CE2  1 
ATOM   393  C CZ   . TYR A 1 54  ? -5.743  -19.188 5.236   1.00 22.91 ? 312 TYR A CZ   1 
ATOM   394  O OH   . TYR A 1 54  ? -5.883  -20.311 6.019   1.00 24.85 ? 312 TYR A OH   1 
ATOM   395  N N    . LYS A 1 55  ? -1.896  -16.405 3.399   1.00 20.57 ? 313 LYS A N    1 
ATOM   396  C CA   . LYS A 1 55  ? -0.737  -17.268 3.162   1.00 21.72 ? 313 LYS A CA   1 
ATOM   397  C C    . LYS A 1 55  ? -0.105  -16.781 1.862   1.00 22.29 ? 313 LYS A C    1 
ATOM   398  O O    . LYS A 1 55  ? 0.131   -15.568 1.722   1.00 20.35 ? 313 LYS A O    1 
ATOM   399  C CB   . LYS A 1 55  ? -1.164  -18.733 3.180   1.00 19.96 ? 313 LYS A CB   1 
ATOM   400  C CG   . LYS A 1 55  ? -1.611  -19.242 4.539   1.00 18.65 ? 313 LYS A CG   1 
ATOM   401  C CD   . LYS A 1 55  ? -2.057  -20.693 4.460   1.00 21.78 ? 313 LYS A CD   1 
ATOM   402  C CE   . LYS A 1 55  ? -2.442  -21.222 5.828   1.00 23.90 ? 313 LYS A CE   1 
ATOM   403  N NZ   . LYS A 1 55  ? -2.995  -22.601 5.756   1.00 29.79 ? 313 LYS A NZ   1 
ATOM   404  N N    . ASP A 1 56  ? 0.174   -17.654 0.896   1.00 18.77 ? 314 ASP A N    1 
ATOM   405  C CA   . ASP A 1 56  ? 0.750   -17.255 -0.379  1.00 17.58 ? 314 ASP A CA   1 
ATOM   406  C C    . ASP A 1 56  ? -0.295  -17.156 -1.484  1.00 20.48 ? 314 ASP A C    1 
ATOM   407  O O    . ASP A 1 56  ? 0.058   -17.219 -2.666  1.00 20.46 ? 314 ASP A O    1 
ATOM   408  C CB   . ASP A 1 56  ? 1.850   -18.232 -0.793  1.00 19.93 ? 314 ASP A CB   1 
ATOM   409  C CG   . ASP A 1 56  ? 1.360   -19.662 -0.854  1.00 30.33 ? 314 ASP A CG   1 
ATOM   410  O OD1  . ASP A 1 56  ? 0.243   -19.927 -0.362  1.00 28.07 ? 314 ASP A OD1  1 
ATOM   411  O OD2  . ASP A 1 56  ? 2.088   -20.519 -1.394  1.00 34.21 ? 314 ASP A OD2  1 
ATOM   412  N N    . LYS A 1 57  ? -1.566  -17.001 -1.128  1.00 18.75 ? 315 LYS A N    1 
ATOM   413  C CA   . LYS A 1 57  ? -2.661  -16.953 -2.088  1.00 19.61 ? 315 LYS A CA   1 
ATOM   414  C C    . LYS A 1 57  ? -3.268  -15.558 -2.088  1.00 16.82 ? 315 LYS A C    1 
ATOM   415  O O    . LYS A 1 57  ? -3.543  -14.998 -1.022  1.00 18.00 ? 315 LYS A O    1 
ATOM   416  C CB   . LYS A 1 57  ? -3.727  -18.000 -1.753  1.00 20.94 ? 315 LYS A CB   1 
ATOM   417  C CG   . LYS A 1 57  ? -3.171  -19.408 -1.628  1.00 23.24 ? 315 LYS A CG   1 
ATOM   418  C CD   . LYS A 1 57  ? -4.258  -20.439 -1.357  1.00 26.81 ? 315 LYS A CD   1 
ATOM   419  C CE   . LYS A 1 57  ? -4.853  -20.280 0.032   1.00 26.42 ? 315 LYS A CE   1 
ATOM   420  N NZ   . LYS A 1 57  ? -5.477  -21.547 0.502   1.00 33.50 ? 315 LYS A NZ   1 
ATOM   421  N N    . ARG A 1 58  ? -3.464  -14.996 -3.279  1.00 16.01 ? 316 ARG A N    1 
ATOM   422  C CA   . ARG A 1 58  ? -4.092  -13.688 -3.400  1.00 23.57 ? 316 ARG A CA   1 
ATOM   423  C C    . ARG A 1 58  ? -5.599  -13.832 -3.249  1.00 21.77 ? 316 ARG A C    1 
ATOM   424  O O    . ARG A 1 58  ? -6.221  -14.669 -3.911  1.00 22.44 ? 316 ARG A O    1 
ATOM   425  C CB   . ARG A 1 58  ? -3.759  -13.035 -4.741  1.00 17.87 ? 316 ARG A CB   1 
ATOM   426  C CG   . ARG A 1 58  ? -4.194  -11.576 -4.821  1.00 21.70 ? 316 ARG A CG   1 
ATOM   427  C CD   . ARG A 1 58  ? -3.944  -11.002 -6.201  1.00 24.48 ? 316 ARG A CD   1 
ATOM   428  N NE   . ARG A 1 58  ? -4.917  -11.473 -7.183  1.00 22.40 ? 316 ARG A NE   1 
ATOM   429  C CZ   . ARG A 1 58  ? -4.853  -11.210 -8.482  1.00 23.39 ? 316 ARG A CZ   1 
ATOM   430  N NH1  . ARG A 1 58  ? -3.852  -10.483 -8.964  1.00 23.07 ? 316 ARG A NH1  1 
ATOM   431  N NH2  . ARG A 1 58  ? -5.785  -11.680 -9.301  1.00 27.92 ? 316 ARG A NH2  1 
ATOM   432  H HA   . ARG A 1 58  ? -3.753  -13.108 -2.700  1.00 28.29 ? 316 ARG A HA   1 
ATOM   433  H HB2  . ARG A 1 58  ? -2.800  -13.068 -4.879  1.00 21.44 ? 316 ARG A HB2  1 
ATOM   434  H HB3  . ARG A 1 58  ? -4.213  -13.520 -5.448  1.00 21.44 ? 316 ARG A HB3  1 
ATOM   435  H HG2  . ARG A 1 58  ? -5.143  -11.512 -4.631  1.00 26.03 ? 316 ARG A HG2  1 
ATOM   436  H HG3  . ARG A 1 58  ? -3.689  -11.055 -4.178  1.00 26.03 ? 316 ARG A HG3  1 
ATOM   437  H HD2  . ARG A 1 58  ? -4.003  -10.034 -6.159  1.00 29.37 ? 316 ARG A HD2  1 
ATOM   438  H HD3  . ARG A 1 58  ? -3.061  -11.267 -6.502  1.00 29.37 ? 316 ARG A HD3  1 
ATOM   439  H HE   . ARG A 1 58  ? -5.575  -11.951 -6.901  1.00 26.87 ? 316 ARG A HE   1 
ATOM   440  H HH11 . ARG A 1 58  ? -3.245  -10.183 -8.433  1.00 27.68 ? 316 ARG A HH11 1 
ATOM   441  H HH12 . ARG A 1 58  ? -3.810  -10.313 -9.805  1.00 27.68 ? 316 ARG A HH12 1 
ATOM   442  H HH21 . ARG A 1 58  ? -6.431  -12.155 -8.990  1.00 33.50 ? 316 ARG A HH21 1 
ATOM   443  H HH22 . ARG A 1 58  ? -5.744  -11.510 -10.143 1.00 33.50 ? 316 ARG A HH22 1 
ATOM   444  N N    . VAL A 1 59  ? -6.183  -13.023 -2.371  1.00 22.19 ? 317 VAL A N    1 
ATOM   445  C CA   . VAL A 1 59  ? -7.619  -13.030 -2.136  1.00 20.53 ? 317 VAL A CA   1 
ATOM   446  C C    . VAL A 1 59  ? -8.321  -11.933 -2.926  1.00 26.98 ? 317 VAL A C    1 
ATOM   447  O O    . VAL A 1 59  ? -9.371  -12.169 -3.521  1.00 24.44 ? 317 VAL A O    1 
ATOM   448  C CB   . VAL A 1 59  ? -7.915  -12.897 -0.626  1.00 25.16 ? 317 VAL A CB   1 
ATOM   449  C CG1  . VAL A 1 59  ? -9.405  -13.052 -0.361  1.00 18.37 ? 317 VAL A CG1  1 
ATOM   450  C CG2  . VAL A 1 59  ? -7.121  -13.920 0.163   1.00 19.95 ? 317 VAL A CG2  1 
ATOM   451  N N    . GLU A 1 60  ? -7.749  -10.732 -2.941  1.00 23.43 ? 318 GLU A N    1 
ATOM   452  C CA   . GLU A 1 60  ? -8.321  -9.611  -3.667  1.00 21.41 ? 318 GLU A CA   1 
ATOM   453  C C    . GLU A 1 60  ? -7.193  -8.768  -4.239  1.00 22.96 ? 318 GLU A C    1 
ATOM   454  O O    . GLU A 1 60  ? -6.062  -8.795  -3.749  1.00 20.52 ? 318 GLU A O    1 
ATOM   455  C CB   . GLU A 1 60  ? -9.211  -8.747  -2.763  1.00 20.28 ? 318 GLU A CB   1 
ATOM   456  C CG   . GLU A 1 60  ? -10.362 -9.486  -2.109  1.00 27.51 ? 318 GLU A CG   1 
ATOM   457  C CD   . GLU A 1 60  ? -11.412 -9.927  -3.104  1.00 40.15 ? 318 GLU A CD   1 
ATOM   458  O OE1  . GLU A 1 60  ? -12.169 -10.866 -2.788  1.00 44.54 ? 318 GLU A OE1  1 
ATOM   459  O OE2  . GLU A 1 60  ? -11.484 -9.337  -4.202  1.00 43.18 ? 318 GLU A OE2  1 
ATOM   460  N N    . LYS A 1 61  ? -7.516  -8.016  -5.288  1.00 19.68 ? 319 LYS A N    1 
ATOM   461  C CA   . LYS A 1 61  ? -6.621  -7.019  -5.854  1.00 21.73 ? 319 LYS A CA   1 
ATOM   462  C C    . LYS A 1 61  ? -7.381  -5.716  -6.050  1.00 20.86 ? 319 LYS A C    1 
ATOM   463  O O    . LYS A 1 61  ? -8.542  -5.723  -6.471  1.00 18.65 ? 319 LYS A O    1 
ATOM   464  C CB   . LYS A 1 61  ? -6.027  -7.484  -7.185  1.00 23.22 ? 319 LYS A CB   1 
ATOM   465  C CG   . LYS A 1 61  ? -7.042  -7.870  -8.236  1.00 27.02 ? 319 LYS A CG   1 
ATOM   466  C CD   . LYS A 1 61  ? -6.387  -7.851  -9.613  1.00 28.16 ? 319 LYS A CD   1 
ATOM   467  C CE   . LYS A 1 61  ? -7.292  -8.454  -10.669 1.00 29.36 ? 319 LYS A CE   1 
ATOM   468  N NZ   . LYS A 1 61  ? -6.728  -8.292  -12.036 1.00 32.11 ? 319 LYS A NZ   1 
ATOM   469  H HA   . LYS A 1 61  ? -5.886  -6.858  -5.242  1.00 26.08 ? 319 LYS A HA   1 
ATOM   470  H HB2  . LYS A 1 61  ? -5.491  -6.764  -7.550  1.00 27.86 ? 319 LYS A HB2  1 
ATOM   471  H HB3  . LYS A 1 61  ? -5.471  -8.261  -7.018  1.00 27.86 ? 319 LYS A HB3  1 
ATOM   472  H HG2  . LYS A 1 61  ? -7.373  -8.765  -8.059  1.00 32.42 ? 319 LYS A HG2  1 
ATOM   473  H HG3  . LYS A 1 61  ? -7.778  -7.237  -8.230  1.00 32.42 ? 319 LYS A HG3  1 
ATOM   474  H HD2  . LYS A 1 61  ? -6.195  -6.935  -9.864  1.00 33.79 ? 319 LYS A HD2  1 
ATOM   475  H HD3  . LYS A 1 61  ? -5.567  -8.369  -9.584  1.00 33.79 ? 319 LYS A HD3  1 
ATOM   476  H HE2  . LYS A 1 61  ? -7.400  -9.402  -10.496 1.00 35.23 ? 319 LYS A HE2  1 
ATOM   477  H HE3  . LYS A 1 61  ? -8.155  -8.011  -10.642 1.00 35.23 ? 319 LYS A HE3  1 
ATOM   478  H HZ1  . LYS A 1 61  ? -7.247  -8.703  -12.630 1.00 38.53 ? 319 LYS A HZ1  1 
ATOM   479  H HZ2  . LYS A 1 61  ? -6.678  -7.429  -12.245 1.00 38.53 ? 319 LYS A HZ2  1 
ATOM   480  H HZ3  . LYS A 1 61  ? -5.912  -8.646  -12.073 1.00 38.53 ? 319 LYS A HZ3  1 
ATOM   481  N N    . LYS A 1 62  ? -6.727  -4.604  -5.721  1.00 22.90 ? 320 LYS A N    1 
ATOM   482  C CA   . LYS A 1 62  ? -7.263  -3.269  -5.939  1.00 21.20 ? 320 LYS A CA   1 
ATOM   483  C C    . LYS A 1 62  ? -6.186  -2.403  -6.582  1.00 20.47 ? 320 LYS A C    1 
ATOM   484  O O    . LYS A 1 62  ? -5.009  -2.767  -6.619  1.00 21.74 ? 320 LYS A O    1 
ATOM   485  C CB   . LYS A 1 62  ? -7.766  -2.645  -4.629  1.00 22.53 ? 320 LYS A CB   1 
ATOM   486  C CG   . LYS A 1 62  ? -8.952  -3.372  -4.019  1.00 21.85 ? 320 LYS A CG   1 
ATOM   487  C CD   . LYS A 1 62  ? -10.172 -3.304  -4.922  1.00 24.99 ? 320 LYS A CD   1 
ATOM   488  C CE   . LYS A 1 62  ? -11.264 -4.236  -4.427  1.00 28.87 ? 320 LYS A CE   1 
ATOM   489  N NZ   . LYS A 1 62  ? -11.576 -4.022  -2.988  1.00 36.04 ? 320 LYS A NZ   1 
ATOM   490  N N    . LYS A 1 63  ? -6.600  -1.241  -7.085  1.00 21.06 ? 321 LYS A N    1 
ATOM   491  C CA   . LYS A 1 63  ? -5.752  -0.425  -7.946  1.00 26.29 ? 321 LYS A CA   1 
ATOM   492  C C    . LYS A 1 63  ? -6.299  0.991   -7.949  1.00 24.71 ? 321 LYS A C    1 
ATOM   493  O O    . LYS A 1 63  ? -7.499  1.191   -8.166  1.00 23.17 ? 321 LYS A O    1 
ATOM   494  C CB   . LYS A 1 63  ? -5.719  -0.996  -9.372  1.00 29.52 ? 321 LYS A CB   1 
ATOM   495  C CG   . LYS A 1 63  ? -5.092  -0.113  -10.447 1.00 36.56 ? 321 LYS A CG   1 
ATOM   496  C CD   . LYS A 1 63  ? -5.072  -0.846  -11.800 1.00 36.24 ? 321 LYS A CD   1 
ATOM   497  C CE   . LYS A 1 63  ? -3.938  -1.870  -11.884 1.00 50.03 ? 321 LYS A CE   1 
ATOM   498  N NZ   . LYS A 1 63  ? -3.960  -2.648  -13.158 1.00 47.84 ? 321 LYS A NZ   1 
ATOM   499  H HA   . LYS A 1 63  ? -4.845  -0.405  -7.602  1.00 31.55 ? 321 LYS A HA   1 
ATOM   500  H HB2  . LYS A 1 63  ? -5.212  -1.824  -9.353  1.00 35.43 ? 321 LYS A HB2  1 
ATOM   501  H HB3  . LYS A 1 63  ? -6.632  -1.173  -9.647  1.00 35.43 ? 321 LYS A HB3  1 
ATOM   502  H HG2  . LYS A 1 63  ? -5.610  0.701   -10.543 1.00 43.87 ? 321 LYS A HG2  1 
ATOM   503  H HG3  . LYS A 1 63  ? -4.179  0.103   -10.200 1.00 43.87 ? 321 LYS A HG3  1 
ATOM   504  H HD2  . LYS A 1 63  ? -5.913  -1.316  -11.921 1.00 43.48 ? 321 LYS A HD2  1 
ATOM   505  H HD3  . LYS A 1 63  ? -4.949  -0.199  -12.513 1.00 43.48 ? 321 LYS A HD3  1 
ATOM   506  H HE2  . LYS A 1 63  ? -3.089  -1.406  -11.830 1.00 60.03 ? 321 LYS A HE2  1 
ATOM   507  H HE3  . LYS A 1 63  ? -4.022  -2.497  -11.148 1.00 60.03 ? 321 LYS A HE3  1 
ATOM   508  H HZ1  . LYS A 1 63  ? -3.841  -2.101  -13.851 1.00 57.41 ? 321 LYS A HZ1  1 
ATOM   509  H HZ2  . LYS A 1 63  ? -3.310  -3.256  -13.154 1.00 57.41 ? 321 LYS A HZ2  1 
ATOM   510  H HZ3  . LYS A 1 63  ? -4.742  -3.062  -13.249 1.00 57.41 ? 321 LYS A HZ3  1 
ATOM   511  N N    . THR A 1 64  ? -5.430  1.958   -7.681  1.00 22.53 ? 322 THR A N    1 
ATOM   512  C CA   . THR A 1 64  ? -5.812  3.352   -7.797  1.00 27.08 ? 322 THR A CA   1 
ATOM   513  C C    . THR A 1 64  ? -5.756  3.785   -9.255  1.00 23.45 ? 322 THR A C    1 
ATOM   514  O O    . THR A 1 64  ? -5.263  3.067   -10.130 1.00 23.69 ? 322 THR A O    1 
ATOM   515  C CB   . THR A 1 64  ? -4.897  4.251   -6.960  1.00 23.01 ? 322 THR A CB   1 
ATOM   516  O OG1  . THR A 1 64  ? -3.605  4.337   -7.576  1.00 21.07 ? 322 THR A OG1  1 
ATOM   517  C CG2  . THR A 1 64  ? -4.742  3.707   -5.552  1.00 20.32 ? 322 THR A CG2  1 
ATOM   518  N N    . VAL A 1 65  ? -6.274  4.980   -9.512  1.00 25.03 ? 323 VAL A N    1 
ATOM   519  C CA   . VAL A 1 65  ? -6.128  5.596   -10.821 1.00 24.15 ? 323 VAL A CA   1 
ATOM   520  C C    . VAL A 1 65  ? -4.676  6.024   -10.974 1.00 24.21 ? 323 VAL A C    1 
ATOM   521  O O    . VAL A 1 65  ? -3.911  6.027   -10.004 1.00 22.82 ? 323 VAL A O    1 
ATOM   522  C CB   . VAL A 1 65  ? -7.081  6.791   -10.998 1.00 29.93 ? 323 VAL A CB   1 
ATOM   523  C CG1  . VAL A 1 65  ? -8.516  6.367   -10.724 1.00 24.92 ? 323 VAL A CG1  1 
ATOM   524  C CG2  . VAL A 1 65  ? -6.660  7.941   -10.096 1.00 26.10 ? 323 VAL A CG2  1 
ATOM   525  N N    . THR A 1 66  ? -4.288  6.385   -12.191 1.00 24.77 ? 324 THR A N    1 
ATOM   526  C CA   . THR A 1 66  ? -2.925  6.810   -12.471 1.00 27.16 ? 324 THR A CA   1 
ATOM   527  C C    . THR A 1 66  ? -2.821  8.331   -12.415 1.00 26.58 ? 324 THR A C    1 
ATOM   528  O O    . THR A 1 66  ? -3.722  9.046   -12.863 1.00 27.72 ? 324 THR A O    1 
ATOM   529  C CB   . THR A 1 66  ? -2.472  6.303   -13.843 1.00 29.72 ? 324 THR A CB   1 
ATOM   530  O OG1  . THR A 1 66  ? -2.617  4.877   -13.908 1.00 31.17 ? 324 THR A OG1  1 
ATOM   531  C CG2  . THR A 1 66  ? -1.020  6.671   -14.098 1.00 29.75 ? 324 THR A CG2  1 
ATOM   532  N N    . LYS A 1 67  ? -1.714  8.820   -11.860 1.00 29.58 ? 325 LYS A N    1 
ATOM   533  C CA   . LYS A 1 67  ? -1.434  10.253  -11.757 1.00 29.44 ? 325 LYS A CA   1 
ATOM   534  C C    . LYS A 1 67  ? -0.281  10.572  -12.703 1.00 29.64 ? 325 LYS A C    1 
ATOM   535  O O    . LYS A 1 67  ? 0.889   10.373  -12.364 1.00 31.78 ? 325 LYS A O    1 
ATOM   536  C CB   . LYS A 1 67  ? -1.106  10.649  -10.320 1.00 25.72 ? 325 LYS A CB   1 
ATOM   537  C CG   . LYS A 1 67  ? -2.235  10.408  -9.324  1.00 27.06 ? 325 LYS A CG   1 
ATOM   538  C CD   . LYS A 1 67  ? -3.455  11.259  -9.643  1.00 27.97 ? 325 LYS A CD   1 
ATOM   539  C CE   . LYS A 1 67  ? -4.595  10.966  -8.682  1.00 32.71 ? 325 LYS A CE   1 
ATOM   540  N NZ   . LYS A 1 67  ? -5.823  11.732  -9.023  1.00 35.08 ? 325 LYS A NZ   1 
ATOM   541  N N    . LYS A 1 68  ? -0.619  11.080  -13.886 1.00 27.81 ? 326 LYS A N    1 
ATOM   542  C CA   . LYS A 1 68  ? 0.378   11.306  -14.923 1.00 34.75 ? 326 LYS A CA   1 
ATOM   543  C C    . LYS A 1 68  ? 1.358   12.398  -14.516 1.00 30.23 ? 326 LYS A C    1 
ATOM   544  O O    . LYS A 1 68  ? 0.970   13.424  -13.950 1.00 26.96 ? 326 LYS A O    1 
ATOM   545  C CB   . LYS A 1 68  ? -0.303  11.697  -16.236 1.00 37.24 ? 326 LYS A CB   1 
ATOM   546  C CG   . LYS A 1 68  ? -1.487  10.828  -16.636 1.00 39.12 ? 326 LYS A CG   1 
ATOM   547  C CD   . LYS A 1 68  ? -1.053  9.445   -17.085 1.00 42.41 ? 326 LYS A CD   1 
ATOM   548  C CE   . LYS A 1 68  ? -2.204  8.688   -17.727 1.00 51.74 ? 326 LYS A CE   1 
ATOM   549  N NZ   . LYS A 1 68  ? -2.646  9.318   -19.002 1.00 55.31 ? 326 LYS A NZ   1 
ATOM   550  N N    . ARG A 1 69  ? 2.637   12.171  -14.812 1.00 29.36 ? 327 ARG A N    1 
ATOM   551  C CA   . ARG A 1 69  ? 3.683   13.187  -14.690 1.00 30.86 ? 327 ARG A CA   1 
ATOM   552  C C    . ARG A 1 69  ? 3.669   13.842  -13.309 1.00 33.65 ? 327 ARG A C    1 
ATOM   553  O O    . ARG A 1 69  ? 3.575   15.062  -13.167 1.00 30.23 ? 327 ARG A O    1 
ATOM   554  C CB   . ARG A 1 69  ? 3.539   14.238  -15.793 1.00 31.41 ? 327 ARG A CB   1 
ATOM   555  C CG   . ARG A 1 69  ? 4.011   13.785  -17.162 1.00 31.88 ? 327 ARG A CG   1 
ATOM   556  C CD   . ARG A 1 69  ? 3.522   14.740  -18.240 1.00 32.47 ? 327 ARG A CD   1 
ATOM   557  N NE   . ARG A 1 69  ? 2.108   14.538  -18.547 1.00 41.87 ? 327 ARG A NE   1 
ATOM   558  C CZ   . ARG A 1 69  ? 1.665   13.806  -19.566 1.00 44.17 ? 327 ARG A CZ   1 
ATOM   559  N NH1  . ARG A 1 69  ? 2.525   13.209  -20.379 1.00 35.32 ? 327 ARG A NH1  1 
ATOM   560  N NH2  . ARG A 1 69  ? 0.363   13.672  -19.774 1.00 42.77 ? 327 ARG A NH2  1 
ATOM   561  N N    . ASN A 1 70  ? 3.785   13.005  -12.283 1.00 32.68 ? 328 ASN A N    1 
ATOM   562  C CA   . ASN A 1 70  ? 3.627   13.478  -10.910 1.00 25.71 ? 328 ASN A CA   1 
ATOM   563  C C    . ASN A 1 70  ? 4.501   12.632  -9.998  1.00 27.58 ? 328 ASN A C    1 
ATOM   564  O O    . ASN A 1 70  ? 4.237   11.440  -9.820  1.00 24.07 ? 328 ASN A O    1 
ATOM   565  C CB   . ASN A 1 70  ? 2.164   13.412  -10.486 1.00 23.25 ? 328 ASN A CB   1 
ATOM   566  C CG   . ASN A 1 70  ? 1.876   14.238  -9.249  1.00 25.47 ? 328 ASN A CG   1 
ATOM   567  O OD1  . ASN A 1 70  ? 2.783   14.584  -8.492  1.00 26.27 ? 328 ASN A OD1  1 
ATOM   568  N ND2  . ASN A 1 70  ? 0.604   14.560  -9.036  1.00 23.10 ? 328 ASN A ND2  1 
ATOM   569  N N    . LEU A 1 71  ? 5.525   13.249  -9.411  1.00 26.27 ? 329 LEU A N    1 
ATOM   570  C CA   . LEU A 1 71  ? 6.394   12.579  -8.455  1.00 27.27 ? 329 LEU A CA   1 
ATOM   571  C C    . LEU A 1 71  ? 5.926   12.744  -7.013  1.00 27.35 ? 329 LEU A C    1 
ATOM   572  O O    . LEU A 1 71  ? 6.581   12.225  -6.102  1.00 24.24 ? 329 LEU A O    1 
ATOM   573  C CB   . LEU A 1 71  ? 7.830   13.092  -8.594  1.00 27.09 ? 329 LEU A CB   1 
ATOM   574  C CG   . LEU A 1 71  ? 8.485   12.863  -9.956  1.00 32.42 ? 329 LEU A CG   1 
ATOM   575  C CD1  . LEU A 1 71  ? 9.952   13.271  -9.926  1.00 30.85 ? 329 LEU A CD1  1 
ATOM   576  C CD2  . LEU A 1 71  ? 8.326   11.412  -10.380 1.00 32.86 ? 329 LEU A CD2  1 
ATOM   577  N N    . ASN A 1 72  ? 4.821   13.460  -6.788  1.00 22.86 ? 330 ASN A N    1 
ATOM   578  C CA   . ASN A 1 72  ? 4.226   13.611  -5.455  1.00 25.16 ? 330 ASN A CA   1 
ATOM   579  C C    . ASN A 1 72  ? 2.717   13.447  -5.567  1.00 23.92 ? 330 ASN A C    1 
ATOM   580  O O    . ASN A 1 72  ? 1.941   14.326  -5.172  1.00 22.00 ? 330 ASN A O    1 
ATOM   581  C CB   . ASN A 1 72  ? 4.604   14.959  -4.844  1.00 25.31 ? 330 ASN A CB   1 
ATOM   582  C CG   . ASN A 1 72  ? 6.106   15.149  -4.731  1.00 25.92 ? 330 ASN A CG   1 
ATOM   583  O OD1  . ASN A 1 72  ? 6.729   14.672  -3.782  1.00 29.14 ? 330 ASN A OD1  1 
ATOM   584  N ND2  . ASN A 1 72  ? 6.695   15.859  -5.691  1.00 25.96 ? 330 ASN A ND2  1 
ATOM   585  N N    . PRO A 1 73  ? 2.256   12.317  -6.094  1.00 26.20 ? 331 PRO A N    1 
ATOM   586  C CA   . PRO A 1 73  ? 0.833   12.165  -6.397  1.00 22.84 ? 331 PRO A CA   1 
ATOM   587  C C    . PRO A 1 73  ? -0.019  12.113  -5.140  1.00 26.83 ? 331 PRO A C    1 
ATOM   588  O O    . PRO A 1 73  ? 0.395   11.608  -4.093  1.00 25.68 ? 331 PRO A O    1 
ATOM   589  C CB   . PRO A 1 73  ? 0.775   10.839  -7.164  1.00 22.72 ? 331 PRO A CB   1 
ATOM   590  C CG   . PRO A 1 73  ? 1.951   10.081  -6.669  1.00 22.38 ? 331 PRO A CG   1 
ATOM   591  C CD   . PRO A 1 73  ? 3.025   11.105  -6.437  1.00 24.60 ? 331 PRO A CD   1 
ATOM   592  N N    . ILE A 1 74  ? -1.222  12.666  -5.256  1.00 25.72 ? 332 ILE A N    1 
ATOM   593  C CA   . ILE A 1 74  ? -2.252  12.574  -4.229  1.00 24.05 ? 332 ILE A CA   1 
ATOM   594  C C    . ILE A 1 74  ? -3.341  11.656  -4.768  1.00 29.59 ? 332 ILE A C    1 
ATOM   595  O O    . ILE A 1 74  ? -3.929  11.932  -5.822  1.00 28.79 ? 332 ILE A O    1 
ATOM   596  C CB   . ILE A 1 74  ? -2.821  13.954  -3.865  1.00 23.06 ? 332 ILE A CB   1 
ATOM   597  C CG1  . ILE A 1 74  ? -1.705  14.899  -3.416  1.00 27.73 ? 332 ILE A CG1  1 
ATOM   598  C CG2  . ILE A 1 74  ? -3.890  13.819  -2.789  1.00 24.46 ? 332 ILE A CG2  1 
ATOM   599  C CD1  . ILE A 1 74  ? -2.164  16.314  -3.189  1.00 26.66 ? 332 ILE A CD1  1 
ATOM   600  N N    . PHE A 1 75  ? -3.604  10.562  -4.054  1.00 23.72 ? 333 PHE A N    1 
ATOM   601  C CA   . PHE A 1 75  ? -4.606  9.589   -4.477  1.00 25.40 ? 333 PHE A CA   1 
ATOM   602  C C    . PHE A 1 75  ? -5.913  9.714   -3.701  1.00 28.93 ? 333 PHE A C    1 
ATOM   603  O O    . PHE A 1 75  ? -6.976  9.866   -4.310  1.00 27.92 ? 333 PHE A O    1 
ATOM   604  C CB   . PHE A 1 75  ? -4.052  8.168   -4.345  1.00 22.32 ? 333 PHE A CB   1 
ATOM   605  C CG   . PHE A 1 75  ? -2.838  7.911   -5.192  1.00 24.43 ? 333 PHE A CG   1 
ATOM   606  C CD1  . PHE A 1 75  ? -2.965  7.549   -6.524  1.00 20.33 ? 333 PHE A CD1  1 
ATOM   607  C CD2  . PHE A 1 75  ? -1.567  8.023   -4.654  1.00 25.67 ? 333 PHE A CD2  1 
ATOM   608  C CE1  . PHE A 1 75  ? -1.844  7.304   -7.302  1.00 23.21 ? 333 PHE A CE1  1 
ATOM   609  C CE2  . PHE A 1 75  ? -0.447  7.780   -5.429  1.00 23.15 ? 333 PHE A CE2  1 
ATOM   610  C CZ   . PHE A 1 75  ? -0.586  7.420   -6.753  1.00 22.43 ? 333 PHE A CZ   1 
ATOM   611  N N    . ASN A 1 76  ? -5.858  9.639   -2.370  1.00 24.60 ? 334 ASN A N    1 
ATOM   612  C CA   . ASN A 1 76  ? -7.049  9.726   -1.525  1.00 31.29 ? 334 ASN A CA   1 
ATOM   613  C C    . ASN A 1 76  ? -8.092  8.695   -1.945  1.00 28.29 ? 334 ASN A C    1 
ATOM   614  O O    . ASN A 1 76  ? -9.267  9.008   -2.154  1.00 28.77 ? 334 ASN A O    1 
ATOM   615  C CB   . ASN A 1 76  ? -7.639  11.139  -1.546  1.00 28.14 ? 334 ASN A CB   1 
ATOM   616  C CG   . ASN A 1 76  ? -6.865  12.112  -0.678  1.00 29.68 ? 334 ASN A CG   1 
ATOM   617  O OD1  . ASN A 1 76  ? -6.303  11.737  0.352   1.00 31.49 ? 334 ASN A OD1  1 
ATOM   618  N ND2  . ASN A 1 76  ? -6.844  13.375  -1.086  1.00 35.33 ? 334 ASN A ND2  1 
ATOM   619  N N    . GLU A 1 77  ? -7.651  7.448   -2.077  1.00 26.75 ? 335 GLU A N    1 
ATOM   620  C CA   . GLU A 1 77  ? -8.529  6.340   -2.426  1.00 24.73 ? 335 GLU A CA   1 
ATOM   621  C C    . GLU A 1 77  ? -8.510  5.290   -1.324  1.00 20.96 ? 335 GLU A C    1 
ATOM   622  O O    . GLU A 1 77  ? -7.448  4.949   -0.793  1.00 24.05 ? 335 GLU A O    1 
ATOM   623  C CB   . GLU A 1 77  ? -8.127  5.711   -3.765  1.00 22.25 ? 335 GLU A CB   1 
ATOM   624  C CG   . GLU A 1 77  ? -8.343  6.623   -4.965  1.00 33.62 ? 335 GLU A CG   1 
ATOM   625  C CD   . GLU A 1 77  ? -8.234  5.885   -6.287  1.00 32.92 ? 335 GLU A CD   1 
ATOM   626  O OE1  . GLU A 1 77  ? -8.878  4.825   -6.431  1.00 32.28 ? 335 GLU A OE1  1 
ATOM   627  O OE2  . GLU A 1 77  ? -7.505  6.360   -7.182  1.00 30.76 ? 335 GLU A OE2  1 
ATOM   628  N N    . SER A 1 78  ? -9.694  4.781   -0.986  1.00 20.07 ? 336 SER A N    1 
ATOM   629  C CA   . SER A 1 78  ? -9.867  3.806   0.081   1.00 23.42 ? 336 SER A CA   1 
ATOM   630  C C    . SER A 1 78  ? -10.396 2.495   -0.481  1.00 20.97 ? 336 SER A C    1 
ATOM   631  O O    . SER A 1 78  ? -11.248 2.485   -1.375  1.00 21.85 ? 336 SER A O    1 
ATOM   632  C CB   . SER A 1 78  ? -10.823 4.328   1.162   1.00 19.30 ? 336 SER A CB   1 
ATOM   633  O OG   . SER A 1 78  ? -10.210 5.330   1.953   1.00 34.80 ? 336 SER A OG   1 
ATOM   634  N N    . PHE A 1 79  ? -9.884  1.389   0.050   1.00 21.78 ? 337 PHE A N    1 
ATOM   635  C CA   . PHE A 1 79  ? -10.302 0.055   -0.361  1.00 22.22 ? 337 PHE A CA   1 
ATOM   636  C C    . PHE A 1 79  ? -10.646 -0.748  0.883   1.00 21.22 ? 337 PHE A C    1 
ATOM   637  O O    . PHE A 1 79  ? -9.889  -0.742  1.859   1.00 21.09 ? 337 PHE A O    1 
ATOM   638  C CB   . PHE A 1 79  ? -9.207  -0.650  -1.172  1.00 24.14 ? 337 PHE A CB   1 
ATOM   639  C CG   . PHE A 1 79  ? -8.715  0.149   -2.344  1.00 27.01 ? 337 PHE A CG   1 
ATOM   640  C CD1  . PHE A 1 79  ? -9.499  0.299   -3.473  1.00 22.43 ? 337 PHE A CD1  1 
ATOM   641  C CD2  . PHE A 1 79  ? -7.467  0.746   -2.318  1.00 22.97 ? 337 PHE A CD2  1 
ATOM   642  C CE1  . PHE A 1 79  ? -9.048  1.032   -4.547  1.00 24.04 ? 337 PHE A CE1  1 
ATOM   643  C CE2  . PHE A 1 79  ? -7.013  1.479   -3.392  1.00 26.31 ? 337 PHE A CE2  1 
ATOM   644  C CZ   . PHE A 1 79  ? -7.805  1.624   -4.507  1.00 23.33 ? 337 PHE A CZ   1 
ATOM   645  N N    . ALA A 1 80  ? -11.791 -1.427  0.849   1.00 21.96 ? 338 ALA A N    1 
ATOM   646  C CA   . ALA A 1 80  ? -12.277 -2.218  1.972   1.00 21.89 ? 338 ALA A CA   1 
ATOM   647  C C    . ALA A 1 80  ? -12.045 -3.697  1.699   1.00 22.90 ? 338 ALA A C    1 
ATOM   648  O O    . ALA A 1 80  ? -12.328 -4.182  0.598   1.00 26.36 ? 338 ALA A O    1 
ATOM   649  C CB   . ALA A 1 80  ? -13.763 -1.957  2.231   1.00 18.95 ? 338 ALA A CB   1 
ATOM   650  N N    . PHE A 1 81  ? -11.531 -4.406  2.702   1.00 23.84 ? 339 PHE A N    1 
ATOM   651  C CA   . PHE A 1 81  ? -11.260 -5.834  2.604   1.00 21.03 ? 339 PHE A CA   1 
ATOM   652  C C    . PHE A 1 81  ? -11.921 -6.567  3.762   1.00 22.37 ? 339 PHE A C    1 
ATOM   653  O O    . PHE A 1 81  ? -11.894 -6.100  4.904   1.00 25.65 ? 339 PHE A O    1 
ATOM   654  C CB   . PHE A 1 81  ? -9.750  -6.129  2.613   1.00 22.86 ? 339 PHE A CB   1 
ATOM   655  C CG   . PHE A 1 81  ? -9.001  -5.529  1.456   1.00 22.96 ? 339 PHE A CG   1 
ATOM   656  C CD1  . PHE A 1 81  ? -9.050  -6.114  0.202   1.00 18.29 ? 339 PHE A CD1  1 
ATOM   657  C CD2  . PHE A 1 81  ? -8.233  -4.391  1.630   1.00 26.06 ? 339 PHE A CD2  1 
ATOM   658  C CE1  . PHE A 1 81  ? -8.356  -5.568  -0.858  1.00 20.02 ? 339 PHE A CE1  1 
ATOM   659  C CE2  . PHE A 1 81  ? -7.537  -3.839  0.576   1.00 23.41 ? 339 PHE A CE2  1 
ATOM   660  C CZ   . PHE A 1 81  ? -7.599  -4.428  -0.671  1.00 21.37 ? 339 PHE A CZ   1 
ATOM   661  N N    . ASP A 1 82  ? -12.506 -7.722  3.462   1.00 21.02 ? 340 ASP A N    1 
ATOM   662  C CA   . ASP A 1 82  ? -13.075 -8.586  4.487   1.00 23.74 ? 340 ASP A CA   1 
ATOM   663  C C    . ASP A 1 82  ? -12.019 -9.576  4.957   1.00 24.77 ? 340 ASP A C    1 
ATOM   664  O O    . ASP A 1 82  ? -11.416 -10.281 4.143   1.00 28.65 ? 340 ASP A O    1 
ATOM   665  C CB   . ASP A 1 82  ? -14.297 -9.338  3.956   1.00 26.61 ? 340 ASP A CB   1 
ATOM   666  C CG   . ASP A 1 82  ? -15.466 -8.421  3.662   1.00 43.83 ? 340 ASP A CG   1 
ATOM   667  O OD1  . ASP A 1 82  ? -15.535 -7.332  4.268   1.00 48.42 ? 340 ASP A OD1  1 
ATOM   668  O OD2  . ASP A 1 82  ? -16.321 -8.791  2.830   1.00 54.51 ? 340 ASP A OD2  1 
ATOM   669  N N    . ILE A 1 83  ? -11.796 -9.625  6.266   1.00 23.78 ? 341 ILE A N    1 
ATOM   670  C CA   . ILE A 1 83  ? -10.839 -10.559 6.855   1.00 25.23 ? 341 ILE A CA   1 
ATOM   671  C C    . ILE A 1 83  ? -11.411 -11.100 8.159   1.00 23.79 ? 341 ILE A C    1 
ATOM   672  O O    . ILE A 1 83  ? -11.509 -10.357 9.147   1.00 22.44 ? 341 ILE A O    1 
ATOM   673  C CB   . ILE A 1 83  ? -9.476  -9.891  7.091   1.00 25.01 ? 341 ILE A CB   1 
ATOM   674  C CG1  . ILE A 1 83  ? -8.932  -9.312  5.785   1.00 26.08 ? 341 ILE A CG1  1 
ATOM   675  C CG2  . ILE A 1 83  ? -8.492  -10.884 7.694   1.00 25.67 ? 341 ILE A CG2  1 
ATOM   676  C CD1  . ILE A 1 83  ? -8.529  -7.846  5.890   1.00 26.48 ? 341 ILE A CD1  1 
ATOM   677  N N    . PRO A 1 84  ? -11.801 -12.368 8.214   1.00 24.15 ? 342 PRO A N    1 
ATOM   678  C CA   . PRO A 1 84  ? -12.258 -12.939 9.482   1.00 23.75 ? 342 PRO A CA   1 
ATOM   679  C C    . PRO A 1 84  ? -11.109 -13.046 10.472  1.00 20.79 ? 342 PRO A C    1 
ATOM   680  O O    . PRO A 1 84  ? -9.931  -13.075 10.108  1.00 21.38 ? 342 PRO A O    1 
ATOM   681  C CB   . PRO A 1 84  ? -12.788 -14.319 9.084   1.00 18.95 ? 342 PRO A CB   1 
ATOM   682  C CG   . PRO A 1 84  ? -12.044 -14.659 7.829   1.00 21.39 ? 342 PRO A CG   1 
ATOM   683  C CD   . PRO A 1 84  ? -11.828 -13.353 7.116   1.00 19.40 ? 342 PRO A CD   1 
ATOM   684  N N    . THR A 1 85  ? -11.476 -13.101 11.752  1.00 22.74 ? 343 THR A N    1 
ATOM   685  C CA   . THR A 1 85  ? -10.467 -13.146 12.805  1.00 21.21 ? 343 THR A CA   1 
ATOM   686  C C    . THR A 1 85  ? -9.564  -14.366 12.662  1.00 20.00 ? 343 THR A C    1 
ATOM   687  O O    . THR A 1 85  ? -8.361  -14.289 12.936  1.00 23.33 ? 343 THR A O    1 
ATOM   688  C CB   . THR A 1 85  ? -11.140 -13.135 14.179  1.00 21.79 ? 343 THR A CB   1 
ATOM   689  O OG1  . THR A 1 85  ? -12.109 -14.189 14.252  1.00 23.85 ? 343 THR A OG1  1 
ATOM   690  C CG2  . THR A 1 85  ? -11.824 -11.797 14.426  1.00 23.44 ? 343 THR A CG2  1 
ATOM   691  N N    . GLU A 1 86  ? -10.122 -15.500 12.229  1.00 19.35 ? 344 GLU A N    1 
ATOM   692  C CA   . GLU A 1 86  ? -9.344  -16.732 12.144  1.00 19.63 ? 344 GLU A CA   1 
ATOM   693  C C    . GLU A 1 86  ? -8.341  -16.730 10.995  1.00 18.57 ? 344 GLU A C    1 
ATOM   694  O O    . GLU A 1 86  ? -7.573  -17.692 10.875  1.00 18.46 ? 344 GLU A O    1 
ATOM   695  C CB   . GLU A 1 86  ? -10.273 -17.943 12.015  1.00 20.19 ? 344 GLU A CB   1 
ATOM   696  C CG   . GLU A 1 86  ? -11.071 -17.990 10.727  1.00 17.18 ? 344 GLU A CG   1 
ATOM   697  C CD   . GLU A 1 86  ? -12.402 -17.274 10.836  1.00 19.69 ? 344 GLU A CD   1 
ATOM   698  O OE1  . GLU A 1 86  ? -13.304 -17.581 10.028  1.00 19.78 ? 344 GLU A OE1  1 
ATOM   699  O OE2  . GLU A 1 86  ? -12.552 -16.412 11.729  1.00 21.97 ? 344 GLU A OE2  1 
ATOM   700  N N    . LYS A 1 87  ? -8.311  -15.687 10.164  1.00 19.61 ? 345 LYS A N    1 
ATOM   701  C CA   . LYS A 1 87  ? -7.334  -15.580 9.091   1.00 21.30 ? 345 LYS A CA   1 
ATOM   702  C C    . LYS A 1 87  ? -6.421  -14.373 9.234   1.00 20.68 ? 345 LYS A C    1 
ATOM   703  O O    . LYS A 1 87  ? -5.519  -14.195 8.408   1.00 20.27 ? 345 LYS A O    1 
ATOM   704  C CB   . LYS A 1 87  ? -8.036  -15.528 7.728   1.00 20.44 ? 345 LYS A CB   1 
ATOM   705  C CG   . LYS A 1 87  ? -8.654  -16.848 7.300   1.00 21.55 ? 345 LYS A CG   1 
ATOM   706  C CD   . LYS A 1 87  ? -9.215  -16.764 5.891   1.00 21.13 ? 345 LYS A CD   1 
ATOM   707  C CE   . LYS A 1 87  ? -9.779  -18.101 5.448   1.00 25.65 ? 345 LYS A CE   1 
ATOM   708  N NZ   . LYS A 1 87  ? -10.355 -18.037 4.078   1.00 26.53 ? 345 LYS A NZ   1 
ATOM   709  N N    . LEU A 1 88  ? -6.623  -13.544 10.259  1.00 19.87 ? 346 LEU A N    1 
ATOM   710  C CA   . LEU A 1 88  ? -5.788  -12.360 10.434  1.00 21.09 ? 346 LEU A CA   1 
ATOM   711  C C    . LEU A 1 88  ? -4.315  -12.732 10.559  1.00 19.88 ? 346 LEU A C    1 
ATOM   712  O O    . LEU A 1 88  ? -3.447  -12.070 9.981   1.00 20.33 ? 346 LEU A O    1 
ATOM   713  C CB   . LEU A 1 88  ? -6.255  -11.582 11.664  1.00 21.57 ? 346 LEU A CB   1 
ATOM   714  C CG   . LEU A 1 88  ? -5.702  -10.176 11.894  1.00 31.51 ? 346 LEU A CG   1 
ATOM   715  C CD1  . LEU A 1 88  ? -6.045  -9.275  10.722  1.00 27.14 ? 346 LEU A CD1  1 
ATOM   716  C CD2  . LEU A 1 88  ? -6.253  -9.602  13.188  1.00 28.54 ? 346 LEU A CD2  1 
ATOM   717  N N    . ARG A 1 89  ? -4.016  -13.795 11.310  1.00 20.19 ? 347 ARG A N    1 
ATOM   718  C CA   . ARG A 1 89  ? -2.634  -14.197 11.549  1.00 21.12 ? 347 ARG A CA   1 
ATOM   719  C C    . ARG A 1 89  ? -1.910  -14.599 10.269  1.00 23.51 ? 347 ARG A C    1 
ATOM   720  O O    . ARG A 1 89  ? -0.678  -14.520 10.217  1.00 23.28 ? 347 ARG A O    1 
ATOM   721  C CB   . ARG A 1 89  ? -2.604  -15.350 12.555  1.00 21.14 ? 347 ARG A CB   1 
ATOM   722  C CG   . ARG A 1 89  ? -1.218  -15.830 12.924  1.00 25.80 ? 347 ARG A CG   1 
ATOM   723  C CD   . ARG A 1 89  ? -1.304  -17.008 13.876  1.00 24.09 ? 347 ARG A CD   1 
ATOM   724  N NE   . ARG A 1 89  ? 0.012   -17.553 14.196  1.00 30.99 ? 347 ARG A NE   1 
ATOM   725  C CZ   . ARG A 1 89  ? 0.757   -17.166 15.227  1.00 30.48 ? 347 ARG A CZ   1 
ATOM   726  N NH1  . ARG A 1 89  ? 0.321   -16.224 16.054  1.00 35.39 ? 347 ARG A NH1  1 
ATOM   727  N NH2  . ARG A 1 89  ? 1.941   -17.725 15.434  1.00 33.51 ? 347 ARG A NH2  1 
ATOM   728  N N    . GLU A 1 90  ? -2.640  -15.028 9.240   1.00 20.54 ? 348 GLU A N    1 
ATOM   729  C CA   . GLU A 1 90  ? -2.054  -15.406 7.963   1.00 20.59 ? 348 GLU A CA   1 
ATOM   730  C C    . GLU A 1 90  ? -2.255  -14.346 6.886   1.00 19.16 ? 348 GLU A C    1 
ATOM   731  O O    . GLU A 1 90  ? -2.007  -14.620 5.707   1.00 18.03 ? 348 GLU A O    1 
ATOM   732  C CB   . GLU A 1 90  ? -2.635  -16.740 7.490   1.00 23.29 ? 348 GLU A CB   1 
ATOM   733  C CG   . GLU A 1 90  ? -2.293  -17.916 8.381   1.00 25.63 ? 348 GLU A CG   1 
ATOM   734  C CD   . GLU A 1 90  ? -0.801  -18.133 8.517   1.00 32.84 ? 348 GLU A CD   1 
ATOM   735  O OE1  . GLU A 1 90  ? -0.351  -18.439 9.641   1.00 41.94 ? 348 GLU A OE1  1 
ATOM   736  O OE2  . GLU A 1 90  ? -0.081  -18.003 7.505   1.00 33.32 ? 348 GLU A OE2  1 
ATOM   737  N N    . THR A 1 91  ? -2.687  -13.146 7.264   1.00 17.30 ? 349 THR A N    1 
ATOM   738  C CA   . THR A 1 91  ? -3.000  -12.095 6.306   1.00 16.25 ? 349 THR A CA   1 
ATOM   739  C C    . THR A 1 91  ? -1.778  -11.234 6.017   1.00 19.79 ? 349 THR A C    1 
ATOM   740  O O    . THR A 1 91  ? -1.023  -10.875 6.924   1.00 19.55 ? 349 THR A O    1 
ATOM   741  C CB   . THR A 1 91  ? -4.137  -11.214 6.827   1.00 18.92 ? 349 THR A CB   1 
ATOM   742  O OG1  . THR A 1 91  ? -5.362  -11.956 6.815   1.00 21.99 ? 349 THR A OG1  1 
ATOM   743  C CG2  . THR A 1 91  ? -4.291  -9.977  5.956   1.00 15.02 ? 349 THR A CG2  1 
ATOM   744  N N    . THR A 1 92  ? -1.589  -10.914 4.741   1.00 16.43 ? 350 THR A N    1 
ATOM   745  C CA   . THR A 1 92  ? -0.600  -9.941  4.305   1.00 19.16 ? 350 THR A CA   1 
ATOM   746  C C    . THR A 1 92  ? -1.257  -8.994  3.313   1.00 19.40 ? 350 THR A C    1 
ATOM   747  O O    . THR A 1 92  ? -2.022  -9.424  2.443   1.00 18.23 ? 350 THR A O    1 
ATOM   748  C CB   . THR A 1 92  ? 0.620   -10.604 3.648   1.00 18.46 ? 350 THR A CB   1 
ATOM   749  O OG1  . THR A 1 92  ? 1.175   -11.587 4.528   1.00 24.23 ? 350 THR A OG1  1 
ATOM   750  C CG2  . THR A 1 92  ? 1.673   -9.554  3.329   1.00 20.60 ? 350 THR A CG2  1 
ATOM   751  N N    . ILE A 1 93  ? -0.974  -7.707  3.456   1.00 18.44 ? 351 ILE A N    1 
ATOM   752  C CA   . ILE A 1 93  ? -1.420  -6.693  2.509   1.00 20.95 ? 351 ILE A CA   1 
ATOM   753  C C    . ILE A 1 93  ? -0.180  -6.151  1.822   1.00 18.17 ? 351 ILE A C    1 
ATOM   754  O O    . ILE A 1 93  ? 0.705   -5.588  2.479   1.00 17.90 ? 351 ILE A O    1 
ATOM   755  C CB   . ILE A 1 93  ? -2.217  -5.576  3.196   1.00 21.22 ? 351 ILE A CB   1 
ATOM   756  C CG1  . ILE A 1 93  ? -3.476  -6.153  3.849   1.00 19.45 ? 351 ILE A CG1  1 
ATOM   757  C CG2  . ILE A 1 93  ? -2.586  -4.490  2.198   1.00 17.48 ? 351 ILE A CG2  1 
ATOM   758  C CD1  . ILE A 1 93  ? -4.366  -5.122  4.505   1.00 20.98 ? 351 ILE A CD1  1 
ATOM   759  N N    . ILE A 1 94  ? -0.108  -6.336  0.507   1.00 16.44 ? 352 ILE A N    1 
ATOM   760  C CA   . ILE A 1 94  ? 1.048   -5.950  -0.294  1.00 20.00 ? 352 ILE A CA   1 
ATOM   761  C C    . ILE A 1 94  ? 0.665   -4.728  -1.114  1.00 18.14 ? 352 ILE A C    1 
ATOM   762  O O    . ILE A 1 94  ? -0.229  -4.796  -1.968  1.00 17.58 ? 352 ILE A O    1 
ATOM   763  C CB   . ILE A 1 94  ? 1.516   -7.096  -1.203  1.00 19.66 ? 352 ILE A CB   1 
ATOM   764  C CG1  . ILE A 1 94  ? 1.775   -8.359  -0.378  1.00 18.54 ? 352 ILE A CG1  1 
ATOM   765  C CG2  . ILE A 1 94  ? 2.767   -6.690  -1.965  1.00 14.96 ? 352 ILE A CG2  1 
ATOM   766  C CD1  . ILE A 1 94  ? 2.202   -9.552  -1.209  1.00 16.03 ? 352 ILE A CD1  1 
ATOM   767  N N    . ILE A 1 95  ? 1.344   -3.614  -0.856  1.00 18.42 ? 353 ILE A N    1 
ATOM   768  C CA   . ILE A 1 95  ? 1.101   -2.350  -1.538  1.00 16.62 ? 353 ILE A CA   1 
ATOM   769  C C    . ILE A 1 95  ? 2.296   -2.057  -2.431  1.00 19.02 ? 353 ILE A C    1 
ATOM   770  O O    . ILE A 1 95  ? 3.445   -2.074  -1.971  1.00 20.11 ? 353 ILE A O    1 
ATOM   771  C CB   . ILE A 1 95  ? 0.861   -1.213  -0.532  1.00 19.72 ? 353 ILE A CB   1 
ATOM   772  C CG1  . ILE A 1 95  ? -0.313  -1.568  0.385   1.00 16.69 ? 353 ILE A CG1  1 
ATOM   773  C CG2  . ILE A 1 95  ? 0.591   0.091   -1.258  1.00 14.92 ? 353 ILE A CG2  1 
ATOM   774  C CD1  . ILE A 1 95  ? -0.554  -0.575  1.503   1.00 25.45 ? 353 ILE A CD1  1 
ATOM   775  N N    . THR A 1 96  ? 2.028   -1.802  -3.709  1.00 18.93 ? 354 THR A N    1 
ATOM   776  C CA   . THR A 1 96  ? 3.074   -1.574  -4.696  1.00 22.63 ? 354 THR A CA   1 
ATOM   777  C C    . THR A 1 96  ? 2.788   -0.290  -5.456  1.00 21.06 ? 354 THR A C    1 
ATOM   778  O O    . THR A 1 96  ? 1.702   -0.128  -6.021  1.00 19.65 ? 354 THR A O    1 
ATOM   779  C CB   . THR A 1 96  ? 3.179   -2.743  -5.680  1.00 21.95 ? 354 THR A CB   1 
ATOM   780  O OG1  . THR A 1 96  ? 3.343   -3.967  -4.955  1.00 26.26 ? 354 THR A OG1  1 
ATOM   781  C CG2  . THR A 1 96  ? 4.367   -2.545  -6.618  1.00 24.53 ? 354 THR A CG2  1 
ATOM   782  N N    . VAL A 1 97  ? 3.761   0.614   -5.472  1.00 21.68 ? 355 VAL A N    1 
ATOM   783  C CA   . VAL A 1 97  ? 3.685   1.823   -6.280  1.00 23.80 ? 355 VAL A CA   1 
ATOM   784  C C    . VAL A 1 97  ? 4.297   1.511   -7.638  1.00 24.87 ? 355 VAL A C    1 
ATOM   785  O O    . VAL A 1 97  ? 5.488   1.194   -7.732  1.00 22.07 ? 355 VAL A O    1 
ATOM   786  C CB   . VAL A 1 97  ? 4.407   2.998   -5.605  1.00 25.50 ? 355 VAL A CB   1 
ATOM   787  C CG1  . VAL A 1 97  ? 4.356   4.228   -6.497  1.00 22.26 ? 355 VAL A CG1  1 
ATOM   788  C CG2  . VAL A 1 97  ? 3.784   3.297   -4.255  1.00 23.65 ? 355 VAL A CG2  1 
ATOM   789  N N    . MET A 1 98  ? 3.483   1.589   -8.685  1.00 22.54 ? 356 MET A N    1 
ATOM   790  C CA   . MET A 1 98  ? 3.908   1.244   -10.032 1.00 26.78 ? 356 MET A CA   1 
ATOM   791  C C    . MET A 1 98  ? 4.113   2.505   -10.865 1.00 31.21 ? 356 MET A C    1 
ATOM   792  O O    . MET A 1 98  ? 3.699   3.606   -10.499 1.00 29.49 ? 356 MET A O    1 
ATOM   793  C CB   . MET A 1 98  ? 2.880   0.330   -10.706 1.00 28.91 ? 356 MET A CB   1 
ATOM   794  C CG   . MET A 1 98  ? 2.679   -1.000  -10.013 1.00 32.24 ? 356 MET A CG   1 
ATOM   795  S SD   . MET A 1 98  ? 4.115   -2.078  -10.166 1.00 31.98 ? 356 MET A SD   1 
ATOM   796  C CE   . MET A 1 98  ? 4.134   -2.405  -11.929 1.00 34.07 ? 356 MET A CE   1 
ATOM   797  H HA   . MET A 1 98  ? 4.746   0.759   -9.975  1.00 32.13 ? 356 MET A HA   1 
ATOM   798  H HB2  . MET A 1 98  ? 2.024   0.786   -10.722 1.00 34.69 ? 356 MET A HB2  1 
ATOM   799  H HB3  . MET A 1 98  ? 3.175   0.148   -11.612 1.00 34.69 ? 356 MET A HB3  1 
ATOM   800  H HG2  . MET A 1 98  ? 2.518   -0.843  -9.069  1.00 38.68 ? 356 MET A HG2  1 
ATOM   801  H HG3  . MET A 1 98  ? 1.918   -1.452  -10.409 1.00 38.68 ? 356 MET A HG3  1 
ATOM   802  H HE1  . MET A 1 98  ? 4.833   -3.048  -12.123 1.00 40.89 ? 356 MET A HE1  1 
ATOM   803  H HE2  . MET A 1 98  ? 3.273   -2.763  -12.193 1.00 40.89 ? 356 MET A HE2  1 
ATOM   804  H HE3  . MET A 1 98  ? 4.307   -1.575  -12.401 1.00 40.89 ? 356 MET A HE3  1 
ATOM   805  N N    . ASP A 1 99  ? 4.775   2.324   -12.005 1.00 30.96 ? 357 ASP A N    1 
ATOM   806  C CA   . ASP A 1 99  ? 5.069   3.396   -12.949 1.00 27.45 ? 357 ASP A CA   1 
ATOM   807  C C    . ASP A 1 99  ? 4.497   2.980   -14.297 1.00 33.65 ? 357 ASP A C    1 
ATOM   808  O O    . ASP A 1 99  ? 5.064   2.117   -14.974 1.00 36.57 ? 357 ASP A O    1 
ATOM   809  C CB   . ASP A 1 99  ? 6.572   3.648   -13.040 1.00 33.25 ? 357 ASP A CB   1 
ATOM   810  C CG   . ASP A 1 99  ? 6.912   4.904   -13.828 1.00 42.30 ? 357 ASP A CG   1 
ATOM   811  O OD1  . ASP A 1 99  ? 6.130   5.284   -14.723 1.00 40.98 ? 357 ASP A OD1  1 
ATOM   812  O OD2  . ASP A 1 99  ? 7.971   5.511   -13.555 1.00 50.98 ? 357 ASP A OD2  1 
ATOM   813  N N    . LYS A 1 100 ? 3.378   3.588   -14.689 1.00 32.83 ? 358 LYS A N    1 
ATOM   814  C CA   . LYS A 1 100 ? 2.706   3.174   -15.913 1.00 37.17 ? 358 LYS A CA   1 
ATOM   815  C C    . LYS A 1 100 ? 3.535   3.564   -17.130 1.00 44.76 ? 358 LYS A C    1 
ATOM   816  O O    . LYS A 1 100 ? 3.985   4.708   -17.255 1.00 41.69 ? 358 LYS A O    1 
ATOM   817  C CB   . LYS A 1 100 ? 1.309   3.792   -16.004 1.00 35.19 ? 358 LYS A CB   1 
ATOM   818  C CG   . LYS A 1 100 ? 0.542   3.389   -17.266 1.00 40.36 ? 358 LYS A CG   1 
ATOM   819  C CD   . LYS A 1 100 ? -0.924  3.808   -17.214 1.00 43.79 ? 358 LYS A CD   1 
ATOM   820  C CE   . LYS A 1 100 ? -1.777  2.778   -16.489 1.00 48.27 ? 358 LYS A CE   1 
ATOM   821  N NZ   . LYS A 1 100 ? -3.187  3.231   -16.338 1.00 48.62 ? 358 LYS A NZ   1 
ATOM   822  H HA   . LYS A 1 100 ? 2.602   2.210   -15.905 1.00 44.60 ? 358 LYS A HA   1 
ATOM   823  H HB2  . LYS A 1 100 ? 0.790   3.506   -15.237 1.00 42.23 ? 358 LYS A HB2  1 
ATOM   824  H HB3  . LYS A 1 100 ? 1.394   4.759   -16.005 1.00 42.23 ? 358 LYS A HB3  1 
ATOM   825  H HG2  . LYS A 1 100 ? 0.950   3.815   -18.036 1.00 48.43 ? 358 LYS A HG2  1 
ATOM   826  H HG3  . LYS A 1 100 ? 0.575   2.424   -17.364 1.00 48.43 ? 358 LYS A HG3  1 
ATOM   827  H HD2  . LYS A 1 100 ? -0.999  4.652   -16.742 1.00 52.55 ? 358 LYS A HD2  1 
ATOM   828  H HD3  . LYS A 1 100 ? -1.264  3.903   -18.119 1.00 52.55 ? 358 LYS A HD3  1 
ATOM   829  H HE2  . LYS A 1 100 ? -1.778  1.950   -16.996 1.00 57.92 ? 358 LYS A HE2  1 
ATOM   830  H HE3  . LYS A 1 100 ? -1.411  2.626   -15.604 1.00 57.92 ? 358 LYS A HE3  1 
ATOM   831  H HZ1  . LYS A 1 100 ? -3.655  2.622   -15.888 1.00 58.35 ? 358 LYS A HZ1  1 
ATOM   832  H HZ2  . LYS A 1 100 ? -3.213  4.002   -15.895 1.00 58.35 ? 358 LYS A HZ2  1 
ATOM   833  H HZ3  . LYS A 1 100 ? -3.558  3.345   -17.139 1.00 58.35 ? 358 LYS A HZ3  1 
ATOM   834  N N    . ASP A 1 101 ? 3.741   2.602   -18.027 1.00 44.75 ? 359 ASP A N    1 
ATOM   835  C CA   . ASP A 1 101 ? 4.462   2.813   -19.275 1.00 50.30 ? 359 ASP A CA   1 
ATOM   836  C C    . ASP A 1 101 ? 3.609   2.269   -20.408 1.00 55.73 ? 359 ASP A C    1 
ATOM   837  O O    . ASP A 1 101 ? 3.312   1.070   -20.442 1.00 57.37 ? 359 ASP A O    1 
ATOM   838  C CB   . ASP A 1 101 ? 5.830   2.123   -19.245 1.00 54.58 ? 359 ASP A CB   1 
ATOM   839  C CG   . ASP A 1 101 ? 6.685   2.453   -20.455 1.00 61.84 ? 359 ASP A CG   1 
ATOM   840  O OD1  . ASP A 1 101 ? 6.132   2.904   -21.480 1.00 64.62 ? 359 ASP A OD1  1 
ATOM   841  O OD2  . ASP A 1 101 ? 7.915   2.255   -20.382 1.00 57.96 ? 359 ASP A OD2  1 
ATOM   842  N N    . LYS A 1 102 ? 3.211   3.146   -21.332 1.00 61.41 ? 360 LYS A N    1 
ATOM   843  C CA   . LYS A 1 102 ? 2.339   2.709   -22.418 1.00 68.74 ? 360 LYS A CA   1 
ATOM   844  C C    . LYS A 1 102 ? 3.093   1.864   -23.436 1.00 65.11 ? 360 LYS A C    1 
ATOM   845  O O    . LYS A 1 102 ? 2.489   1.019   -24.108 1.00 66.80 ? 360 LYS A O    1 
ATOM   846  C CB   . LYS A 1 102 ? 1.699   3.920   -23.096 1.00 67.89 ? 360 LYS A CB   1 
ATOM   847  C CG   . LYS A 1 102 ? 0.299   3.662   -23.630 1.00 73.44 ? 360 LYS A CG   1 
ATOM   848  C CD   . LYS A 1 102 ? -0.613  3.152   -22.524 1.00 70.71 ? 360 LYS A CD   1 
ATOM   849  C CE   . LYS A 1 102 ? -2.032  2.930   -23.021 1.00 72.67 ? 360 LYS A CE   1 
ATOM   850  N NZ   . LYS A 1 102 ? -2.698  4.208   -23.390 1.00 71.47 ? 360 LYS A NZ   1 
ATOM   851  N N    . LEU A 1 103 ? 4.405   2.068   -23.561 1.00 65.45 ? 361 LEU A N    1 
ATOM   852  C CA   . LEU A 1 103 ? 5.183   1.305   -24.532 1.00 70.03 ? 361 LEU A CA   1 
ATOM   853  C C    . LEU A 1 103 ? 5.473   -0.109  -24.037 1.00 67.51 ? 361 LEU A C    1 
ATOM   854  O O    . LEU A 1 103 ? 5.078   -1.092  -24.671 1.00 72.60 ? 361 LEU A O    1 
ATOM   855  C CB   . LEU A 1 103 ? 6.483   2.043   -24.872 1.00 69.51 ? 361 LEU A CB   1 
ATOM   856  C CG   . LEU A 1 103 ? 6.337   3.353   -25.653 1.00 71.53 ? 361 LEU A CG   1 
ATOM   857  C CD1  . LEU A 1 103 ? 7.672   3.774   -26.251 1.00 68.53 ? 361 LEU A CD1  1 
ATOM   858  C CD2  . LEU A 1 103 ? 5.277   3.222   -26.734 1.00 65.85 ? 361 LEU A CD2  1 
ATOM   859  N N    . SER A 1 104 ? 6.159   -0.235  -22.904 1.00 62.57 ? 362 SER A N    1 
ATOM   860  C CA   . SER A 1 104 ? 6.679   -1.507  -22.446 1.00 65.69 ? 362 SER A CA   1 
ATOM   861  C C    . SER A 1 104 ? 5.969   -1.884  -21.141 1.00 61.69 ? 362 SER A C    1 
ATOM   862  O O    . SER A 1 104 ? 4.830   -1.438  -20.905 1.00 61.40 ? 362 SER A O    1 
ATOM   863  C CB   . SER A 1 104 ? 8.201   -1.405  -22.327 1.00 64.98 ? 362 SER A CB   1 
ATOM   864  O OG   . SER A 1 104 ? 8.561   -0.715  -21.151 1.00 61.62 ? 362 SER A OG   1 
ATOM   865  N N    . ARG A 1 105 ? 6.619   -2.701  -20.311 1.00 57.52 ? 363 ARG A N    1 
ATOM   866  C CA   . ARG A 1 105 ? 6.049   -3.186  -19.058 1.00 53.09 ? 363 ARG A CA   1 
ATOM   867  C C    . ARG A 1 105 ? 6.188   -2.136  -17.966 1.00 47.98 ? 363 ARG A C    1 
ATOM   868  O O    . ARG A 1 105 ? 7.216   -1.460  -17.863 1.00 49.41 ? 363 ARG A O    1 
ATOM   869  C CB   . ARG A 1 105 ? 6.751   -4.478  -18.641 1.00 51.41 ? 363 ARG A CB   1 
ATOM   870  C CG   . ARG A 1 105 ? 6.408   -4.980  -17.263 1.00 50.25 ? 363 ARG A CG   1 
ATOM   871  C CD   . ARG A 1 105 ? 7.164   -6.263  -16.986 1.00 49.90 ? 363 ARG A CD   1 
ATOM   872  N NE   . ARG A 1 105 ? 6.827   -7.303  -17.957 1.00 51.52 ? 363 ARG A NE   1 
ATOM   873  C CZ   . ARG A 1 105 ? 7.628   -8.313  -18.282 1.00 40.13 ? 363 ARG A CZ   1 
ATOM   874  N NH1  . ARG A 1 105 ? 8.824   -8.420  -17.722 1.00 41.75 ? 363 ARG A NH1  1 
ATOM   875  N NH2  . ARG A 1 105 ? 7.236   -9.211  -19.175 1.00 38.55 ? 363 ARG A NH2  1 
ATOM   876  N N    . ASN A 1 106 ? 5.138   -1.992  -17.160 1.00 42.47 ? 364 ASN A N    1 
ATOM   877  C CA   . ASN A 1 106 ? 5.144   -1.024  -16.073 1.00 39.81 ? 364 ASN A CA   1 
ATOM   878  C C    . ASN A 1 106 ? 6.163   -1.434  -15.018 1.00 36.40 ? 364 ASN A C    1 
ATOM   879  O O    . ASN A 1 106 ? 6.198   -2.591  -14.585 1.00 37.79 ? 364 ASN A O    1 
ATOM   880  C CB   . ASN A 1 106 ? 3.748   -0.911  -15.464 1.00 33.24 ? 364 ASN A CB   1 
ATOM   881  C CG   . ASN A 1 106 ? 2.696   -0.540  -16.494 1.00 33.82 ? 364 ASN A CG   1 
ATOM   882  O OD1  . ASN A 1 106 ? 3.015   -0.001  -17.555 1.00 39.70 ? 364 ASN A OD1  1 
ATOM   883  N ND2  . ASN A 1 106 ? 1.435   -0.832  -16.189 1.00 32.98 ? 364 ASN A ND2  1 
ATOM   884  H HA   . ASN A 1 106 ? 5.395   -0.151  -16.410 1.00 47.77 ? 364 ASN A HA   1 
ATOM   885  H HB2  . ASN A 1 106 ? 3.502   -1.764  -15.074 1.00 39.89 ? 364 ASN A HB2  1 
ATOM   886  H HB3  . ASN A 1 106 ? 3.756   -0.224  -14.780 1.00 39.89 ? 364 ASN A HB3  1 
ATOM   887  H HD21 . ASN A 1 106 ? 0.803   -0.642  -16.741 1.00 39.58 ? 364 ASN A HD21 1 
ATOM   888  H HD22 . ASN A 1 106 ? 1.250   -1.212  -15.439 1.00 39.58 ? 364 ASN A HD22 1 
ATOM   889  N N    . ASP A 1 107 ? 6.997   -0.483  -14.615 1.00 34.95 ? 365 ASP A N    1 
ATOM   890  C CA   . ASP A 1 107 ? 8.080   -0.743  -13.683 1.00 33.76 ? 365 ASP A CA   1 
ATOM   891  C C    . ASP A 1 107 ? 7.612   -0.586  -12.243 1.00 35.29 ? 365 ASP A C    1 
ATOM   892  O O    . ASP A 1 107 ? 6.652   0.133   -11.951 1.00 30.70 ? 365 ASP A O    1 
ATOM   893  C CB   . ASP A 1 107 ? 9.256   0.197   -13.951 1.00 43.93 ? 365 ASP A CB   1 
ATOM   894  C CG   . ASP A 1 107 ? 10.287  -0.413  -14.874 1.00 61.93 ? 365 ASP A CG   1 
ATOM   895  O OD1  . ASP A 1 107 ? 10.996  -1.347  -14.442 1.00 61.17 ? 365 ASP A OD1  1 
ATOM   896  O OD2  . ASP A 1 107 ? 10.381  0.029   -16.038 1.00 65.78 ? 365 ASP A OD2  1 
ATOM   897  N N    . VAL A 1 108 ? 8.305   -1.273  -11.344 1.00 30.09 ? 366 VAL A N    1 
ATOM   898  C CA   . VAL A 1 108 ? 8.040   -1.189  -9.914  1.00 27.45 ? 366 VAL A CA   1 
ATOM   899  C C    . VAL A 1 108 ? 8.868   -0.056  -9.326  1.00 31.33 ? 366 VAL A C    1 
ATOM   900  O O    . VAL A 1 108 ? 10.088  -0.001  -9.517  1.00 30.14 ? 366 VAL A O    1 
ATOM   901  C CB   . VAL A 1 108 ? 8.362   -2.520  -9.214  1.00 25.87 ? 366 VAL A CB   1 
ATOM   902  C CG1  . VAL A 1 108 ? 8.364   -2.337  -7.700  1.00 23.71 ? 366 VAL A CG1  1 
ATOM   903  C CG2  . VAL A 1 108 ? 7.366   -3.588  -9.628  1.00 27.64 ? 366 VAL A CG2  1 
ATOM   904  N N    . ILE A 1 109 ? 8.207   0.852   -8.614  1.00 31.03 ? 367 ILE A N    1 
ATOM   905  C CA   . ILE A 1 109 ? 8.912   1.894   -7.874  1.00 29.49 ? 367 ILE A CA   1 
ATOM   906  C C    . ILE A 1 109 ? 9.278   1.418   -6.474  1.00 33.03 ? 367 ILE A C    1 
ATOM   907  O O    . ILE A 1 109 ? 10.429  1.537   -6.045  1.00 35.26 ? 367 ILE A O    1 
ATOM   908  C CB   . ILE A 1 109 ? 8.062   3.183   -7.826  1.00 29.42 ? 367 ILE A CB   1 
ATOM   909  C CG1  . ILE A 1 109 ? 7.813   3.713   -9.240  1.00 28.29 ? 367 ILE A CG1  1 
ATOM   910  C CG2  . ILE A 1 109 ? 8.749   4.242   -6.976  1.00 32.03 ? 367 ILE A CG2  1 
ATOM   911  C CD1  . ILE A 1 109 ? 7.048   5.017   -9.283  1.00 31.78 ? 367 ILE A CD1  1 
ATOM   912  N N    . GLY A 1 110 ? 8.312   0.862   -5.751  1.00 29.55 ? 368 GLY A N    1 
ATOM   913  C CA   . GLY A 1 110 ? 8.564   0.355   -4.416  1.00 31.60 ? 368 GLY A CA   1 
ATOM   914  C C    . GLY A 1 110 ? 7.401   -0.478  -3.933  1.00 27.48 ? 368 GLY A C    1 
ATOM   915  O O    . GLY A 1 110 ? 6.271   -0.342  -4.415  1.00 24.56 ? 368 GLY A O    1 
ATOM   916  N N    . LYS A 1 111 ? 7.692   -1.345  -2.965  1.00 27.11 ? 369 LYS A N    1 
ATOM   917  C CA   . LYS A 1 111 ? 6.709   -2.274  -2.428  1.00 27.37 ? 369 LYS A CA   1 
ATOM   918  C C    . LYS A 1 111 ? 6.675   -2.189  -0.908  1.00 26.44 ? 369 LYS A C    1 
ATOM   919  O O    . LYS A 1 111 ? 7.661   -1.816  -0.265  1.00 28.27 ? 369 LYS A O    1 
ATOM   920  C CB   . LYS A 1 111 ? 7.009   -3.716  -2.857  1.00 24.99 ? 369 LYS A CB   1 
ATOM   921  C CG   . LYS A 1 111 ? 7.178   -3.883  -4.356  1.00 31.62 ? 369 LYS A CG   1 
ATOM   922  C CD   . LYS A 1 111 ? 7.583   -5.299  -4.724  1.00 27.94 ? 369 LYS A CD   1 
ATOM   923  C CE   . LYS A 1 111 ? 6.457   -6.288  -4.474  1.00 26.34 ? 369 LYS A CE   1 
ATOM   924  N NZ   . LYS A 1 111 ? 6.688   -7.576  -5.185  1.00 28.43 ? 369 LYS A NZ   1 
ATOM   925  N N    . ILE A 1 112 ? 5.521   -2.542  -0.342  1.00 22.48 ? 370 ILE A N    1 
ATOM   926  C CA   . ILE A 1 112 ? 5.303   -2.540  1.101   1.00 22.19 ? 370 ILE A CA   1 
ATOM   927  C C    . ILE A 1 112 ? 4.541   -3.809  1.465   1.00 23.18 ? 370 ILE A C    1 
ATOM   928  O O    . ILE A 1 112 ? 3.460   -4.063  0.925   1.00 21.54 ? 370 ILE A O    1 
ATOM   929  C CB   . ILE A 1 112 ? 4.523   -1.299  1.573   1.00 25.75 ? 370 ILE A CB   1 
ATOM   930  C CG1  . ILE A 1 112 ? 5.155   -0.021  1.018   1.00 27.35 ? 370 ILE A CG1  1 
ATOM   931  C CG2  . ILE A 1 112 ? 4.473   -1.252  3.099   1.00 22.30 ? 370 ILE A CG2  1 
ATOM   932  C CD1  . ILE A 1 112 ? 4.310   1.217   1.227   1.00 22.89 ? 370 ILE A CD1  1 
ATOM   933  N N    . TYR A 1 113 ? 5.103   -4.605  2.374   1.00 19.87 ? 371 TYR A N    1 
ATOM   934  C CA   . TYR A 1 113 ? 4.459   -5.816  2.877   1.00 20.70 ? 371 TYR A CA   1 
ATOM   935  C C    . TYR A 1 113 ? 3.963   -5.547  4.293   1.00 21.19 ? 371 TYR A C    1 
ATOM   936  O O    . TYR A 1 113 ? 4.766   -5.341  5.209   1.00 22.86 ? 371 TYR A O    1 
ATOM   937  C CB   . TYR A 1 113 ? 5.415   -7.007  2.846   1.00 20.14 ? 371 TYR A CB   1 
ATOM   938  C CG   . TYR A 1 113 ? 5.772   -7.481  1.458   1.00 21.97 ? 371 TYR A CG   1 
ATOM   939  C CD1  . TYR A 1 113 ? 6.686   -6.785  0.682   1.00 17.82 ? 371 TYR A CD1  1 
ATOM   940  C CD2  . TYR A 1 113 ? 5.211   -8.637  0.934   1.00 19.37 ? 371 TYR A CD2  1 
ATOM   941  C CE1  . TYR A 1 113 ? 7.022   -7.220  -0.582  1.00 17.55 ? 371 TYR A CE1  1 
ATOM   942  C CE2  . TYR A 1 113 ? 5.543   -9.081  -0.330  1.00 19.62 ? 371 TYR A CE2  1 
ATOM   943  C CZ   . TYR A 1 113 ? 6.448   -8.367  -1.084  1.00 21.26 ? 371 TYR A CZ   1 
ATOM   944  O OH   . TYR A 1 113 ? 6.784   -8.802  -2.347  1.00 22.29 ? 371 TYR A OH   1 
ATOM   945  N N    . LEU A 1 114 ? 2.648   -5.551  4.472   1.00 20.19 ? 372 LEU A N    1 
ATOM   946  C CA   . LEU A 1 114 ? 2.035   -5.238  5.757   1.00 19.44 ? 372 LEU A CA   1 
ATOM   947  C C    . LEU A 1 114 ? 1.533   -6.525  6.404   1.00 20.47 ? 372 LEU A C    1 
ATOM   948  O O    . LEU A 1 114 ? 0.586   -7.148  5.914   1.00 21.98 ? 372 LEU A O    1 
ATOM   949  C CB   . LEU A 1 114 ? 0.906   -4.225  5.579   1.00 19.26 ? 372 LEU A CB   1 
ATOM   950  C CG   . LEU A 1 114 ? 1.346   -2.848  5.083   1.00 23.67 ? 372 LEU A CG   1 
ATOM   951  C CD1  . LEU A 1 114 ? 0.145   -2.018  4.660   1.00 24.13 ? 372 LEU A CD1  1 
ATOM   952  C CD2  . LEU A 1 114 ? 2.138   -2.129  6.163   1.00 22.28 ? 372 LEU A CD2  1 
ATOM   953  N N    . SER A 1 115 ? 2.170   -6.916  7.504   1.00 23.53 ? 373 SER A N    1 
ATOM   954  C CA   . SER A 1 115 ? 1.755   -8.071  8.291   1.00 26.81 ? 373 SER A CA   1 
ATOM   955  C C    . SER A 1 115 ? 2.501   -8.013  9.616   1.00 31.15 ? 373 SER A C    1 
ATOM   956  O O    . SER A 1 115 ? 3.389   -7.182  9.814   1.00 28.11 ? 373 SER A O    1 
ATOM   957  C CB   . SER A 1 115 ? 2.029   -9.390  7.563   1.00 21.86 ? 373 SER A CB   1 
ATOM   958  O OG   . SER A 1 115 ? 3.411   -9.703  7.570   1.00 28.14 ? 373 SER A OG   1 
ATOM   959  N N    . TRP A 1 116 ? 2.132   -8.912  10.525  1.00 31.56 ? 374 TRP A N    1 
ATOM   960  C CA   . TRP A 1 116 ? 2.805   -8.978  11.816  1.00 35.77 ? 374 TRP A CA   1 
ATOM   961  C C    . TRP A 1 116 ? 4.202   -9.582  11.734  1.00 34.83 ? 374 TRP A C    1 
ATOM   962  O O    . TRP A 1 116 ? 4.885   -9.645  12.762  1.00 46.73 ? 374 TRP A O    1 
ATOM   963  C CB   . TRP A 1 116 ? 1.957   -9.776  12.807  1.00 33.42 ? 374 TRP A CB   1 
ATOM   964  C CG   . TRP A 1 116 ? 1.880   -11.243 12.505  1.00 40.01 ? 374 TRP A CG   1 
ATOM   965  C CD1  . TRP A 1 116 ? 1.094   -11.849 11.571  1.00 40.16 ? 374 TRP A CD1  1 
ATOM   966  C CD2  . TRP A 1 116 ? 2.603   -12.293 13.161  1.00 43.25 ? 374 TRP A CD2  1 
ATOM   967  N NE1  . TRP A 1 116 ? 1.287   -13.210 11.598  1.00 35.37 ? 374 TRP A NE1  1 
ATOM   968  C CE2  . TRP A 1 116 ? 2.209   -13.507 12.566  1.00 38.20 ? 374 TRP A CE2  1 
ATOM   969  C CE3  . TRP A 1 116 ? 3.548   -12.323 14.190  1.00 43.52 ? 374 TRP A CE3  1 
ATOM   970  C CZ2  . TRP A 1 116 ? 2.727   -14.735 12.965  1.00 38.46 ? 374 TRP A CZ2  1 
ATOM   971  C CZ3  . TRP A 1 116 ? 4.061   -13.545 14.584  1.00 45.98 ? 374 TRP A CZ3  1 
ATOM   972  C CH2  . TRP A 1 116 ? 3.651   -14.733 13.974  1.00 46.02 ? 374 TRP A CH2  1 
ATOM   973  N N    . LYS A 1 117 ? 4.641   -10.025 10.555  1.00 31.98 ? 375 LYS A N    1 
ATOM   974  C CA   . LYS A 1 117 ? 5.958   -10.630 10.379  1.00 38.39 ? 375 LYS A CA   1 
ATOM   975  C C    . LYS A 1 117 ? 6.642   -10.049 9.136   1.00 36.54 ? 375 LYS A C    1 
ATOM   976  O O    . LYS A 1 117 ? 7.019   -10.752 8.200   1.00 47.85 ? 375 LYS A O    1 
ATOM   977  C CB   . LYS A 1 117 ? 5.837   -12.153 10.307  1.00 41.96 ? 375 LYS A CB   1 
ATOM   978  C CG   . LYS A 1 117 ? 4.765   -12.663 9.351   1.00 43.63 ? 375 LYS A CG   1 
ATOM   979  C CD   . LYS A 1 117 ? 4.802   -14.185 9.273   1.00 44.02 ? 375 LYS A CD   1 
ATOM   980  C CE   . LYS A 1 117 ? 3.528   -14.759 8.666   1.00 40.42 ? 375 LYS A CE   1 
ATOM   981  N NZ   . LYS A 1 117 ? 3.330   -14.351 7.248   1.00 36.37 ? 375 LYS A NZ   1 
ATOM   982  N N    . SER A 1 118 ? 6.817   -8.731  9.126   1.00 36.17 ? 376 SER A N    1 
ATOM   983  C CA   . SER A 1 118 ? 7.449   -8.042  8.007   1.00 32.98 ? 376 SER A CA   1 
ATOM   984  C C    . SER A 1 118 ? 8.572   -7.169  8.556   1.00 33.72 ? 376 SER A C    1 
ATOM   985  O O    . SER A 1 118 ? 9.087   -7.382  9.663   1.00 34.38 ? 376 SER A O    1 
ATOM   986  C CB   . SER A 1 118 ? 6.406   -7.239  7.216   1.00 30.31 ? 376 SER A CB   1 
ATOM   987  O OG   . SER A 1 118 ? 6.990   -6.580  6.104   1.00 34.52 ? 376 SER A OG   1 
ATOM   988  N N    . GLY A 1 119 ? 8.966   -6.160  7.784   1.00 38.02 ? 377 GLY A N    1 
ATOM   989  C CA   . GLY A 1 119 ? 10.003  -5.244  8.189   1.00 30.53 ? 377 GLY A CA   1 
ATOM   990  C C    . GLY A 1 119 ? 9.600   -4.433  9.403   1.00 34.96 ? 377 GLY A C    1 
ATOM   991  O O    . GLY A 1 119 ? 8.428   -4.393  9.789   1.00 31.17 ? 377 GLY A O    1 
ATOM   992  N N    . PRO A 1 120 ? 10.571  -3.759  10.026  1.00 37.28 ? 378 PRO A N    1 
ATOM   993  C CA   . PRO A 1 120 ? 10.261  -3.022  11.266  1.00 32.63 ? 378 PRO A CA   1 
ATOM   994  C C    . PRO A 1 120 ? 9.166   -1.982  11.102  1.00 31.86 ? 378 PRO A C    1 
ATOM   995  O O    . PRO A 1 120 ? 8.204   -1.972  11.882  1.00 30.39 ? 378 PRO A O    1 
ATOM   996  C CB   . PRO A 1 120 ? 11.609  -2.384  11.633  1.00 32.23 ? 378 PRO A CB   1 
ATOM   997  C CG   . PRO A 1 120 ? 12.628  -3.256  10.982  1.00 35.32 ? 378 PRO A CG   1 
ATOM   998  C CD   . PRO A 1 120 ? 12.006  -3.718  9.698   1.00 35.84 ? 378 PRO A CD   1 
ATOM   999  N N    . GLY A 1 121 ? 9.287   -1.092  10.115  1.00 27.53 ? 379 GLY A N    1 
ATOM   1000 C CA   . GLY A 1 121 ? 8.267   -0.074  9.924   1.00 26.09 ? 379 GLY A CA   1 
ATOM   1001 C C    . GLY A 1 121 ? 6.916   -0.649  9.554   1.00 28.42 ? 379 GLY A C    1 
ATOM   1002 O O    . GLY A 1 121 ? 5.878   -0.087  9.914   1.00 29.70 ? 379 GLY A O    1 
ATOM   1003 N N    . GLU A 1 122 ? 6.907   -1.770  8.830   1.00 30.92 ? 380 GLU A N    1 
ATOM   1004 C CA   . GLU A 1 122 ? 5.645   -2.398  8.454   1.00 30.03 ? 380 GLU A CA   1 
ATOM   1005 C C    . GLU A 1 122 ? 4.995   -3.085  9.647   1.00 25.64 ? 380 GLU A C    1 
ATOM   1006 O O    . GLU A 1 122 ? 3.780   -2.974  9.849   1.00 26.04 ? 380 GLU A O    1 
ATOM   1007 C CB   . GLU A 1 122 ? 5.874   -3.392  7.313   1.00 26.38 ? 380 GLU A CB   1 
ATOM   1008 C CG   . GLU A 1 122 ? 6.251   -2.740  5.988   1.00 28.95 ? 380 GLU A CG   1 
ATOM   1009 C CD   . GLU A 1 122 ? 7.515   -3.318  5.390   1.00 42.42 ? 380 GLU A CD   1 
ATOM   1010 O OE1  . GLU A 1 122 ? 8.553   -3.361  6.081   1.00 43.11 ? 380 GLU A OE1  1 
ATOM   1011 O OE2  . GLU A 1 122 ? 7.471   -3.744  4.220   1.00 36.26 ? 380 GLU A OE2  1 
ATOM   1012 N N    . VAL A 1 123 ? 5.786   -3.796  10.453  1.00 25.67 ? 381 VAL A N    1 
ATOM   1013 C CA   . VAL A 1 123 ? 5.236   -4.449  11.637  1.00 25.67 ? 381 VAL A CA   1 
ATOM   1014 C C    . VAL A 1 123 ? 4.668   -3.415  12.599  1.00 26.18 ? 381 VAL A C    1 
ATOM   1015 O O    . VAL A 1 123 ? 3.596   -3.613  13.184  1.00 25.55 ? 381 VAL A O    1 
ATOM   1016 C CB   . VAL A 1 123 ? 6.307   -5.323  12.315  1.00 33.00 ? 381 VAL A CB   1 
ATOM   1017 C CG1  . VAL A 1 123 ? 5.778   -5.892  13.624  1.00 28.83 ? 381 VAL A CG1  1 
ATOM   1018 C CG2  . VAL A 1 123 ? 6.740   -6.440  11.383  1.00 30.39 ? 381 VAL A CG2  1 
ATOM   1019 N N    . LYS A 1 124 ? 5.377   -2.298  12.782  1.00 27.76 ? 382 LYS A N    1 
ATOM   1020 C CA   . LYS A 1 124 ? 4.878   -1.243  13.659  1.00 24.42 ? 382 LYS A CA   1 
ATOM   1021 C C    . LYS A 1 124 ? 3.511   -0.753  13.201  1.00 24.67 ? 382 LYS A C    1 
ATOM   1022 O O    . LYS A 1 124 ? 2.575   -0.648  14.002  1.00 30.02 ? 382 LYS A O    1 
ATOM   1023 C CB   . LYS A 1 124 ? 5.865   -0.077  13.714  1.00 30.63 ? 382 LYS A CB   1 
ATOM   1024 C CG   . LYS A 1 124 ? 5.231   1.199   14.249  1.00 35.22 ? 382 LYS A CG   1 
ATOM   1025 C CD   . LYS A 1 124 ? 6.225   2.337   14.359  1.00 43.93 ? 382 LYS A CD   1 
ATOM   1026 C CE   . LYS A 1 124 ? 5.536   3.598   14.846  1.00 39.99 ? 382 LYS A CE   1 
ATOM   1027 N NZ   . LYS A 1 124 ? 4.750   3.356   16.082  1.00 44.72 ? 382 LYS A NZ   1 
ATOM   1028 N N    . HIS A 1 125 ? 3.381   -0.439  11.910  1.00 23.20 ? 383 HIS A N    1 
ATOM   1029 C CA   . HIS A 1 125 ? 2.095   0.021   11.398  1.00 25.01 ? 383 HIS A CA   1 
ATOM   1030 C C    . HIS A 1 125 ? 1.015   -1.029  11.618  1.00 23.63 ? 383 HIS A C    1 
ATOM   1031 O O    . HIS A 1 125 ? -0.100  -0.706  12.044  1.00 22.11 ? 383 HIS A O    1 
ATOM   1032 C CB   . HIS A 1 125 ? 2.208   0.372   9.915   1.00 18.81 ? 383 HIS A CB   1 
ATOM   1033 C CG   . HIS A 1 125 ? 1.090   1.233   9.414   1.00 20.42 ? 383 HIS A CG   1 
ATOM   1034 N ND1  . HIS A 1 125 ? 1.047   1.725   8.127   1.00 21.17 ? 383 HIS A ND1  1 
ATOM   1035 C CD2  . HIS A 1 125 ? -0.024  1.695   10.031  1.00 22.87 ? 383 HIS A CD2  1 
ATOM   1036 C CE1  . HIS A 1 125 ? -0.045  2.453   7.973   1.00 24.19 ? 383 HIS A CE1  1 
ATOM   1037 N NE2  . HIS A 1 125 ? -0.714  2.449   9.113   1.00 22.26 ? 383 HIS A NE2  1 
ATOM   1038 N N    . TRP A 1 126 ? 1.334   -2.297  11.346  1.00 25.37 ? 384 TRP A N    1 
ATOM   1039 C CA   . TRP A 1 126 ? 0.352   -3.362  11.516  1.00 26.35 ? 384 TRP A CA   1 
ATOM   1040 C C    . TRP A 1 126 ? -0.104  -3.458  12.967  1.00 26.99 ? 384 TRP A C    1 
ATOM   1041 O O    . TRP A 1 126 ? -1.306  -3.523  13.251  1.00 25.89 ? 384 TRP A O    1 
ATOM   1042 C CB   . TRP A 1 126 ? 0.936   -4.695  11.043  1.00 26.96 ? 384 TRP A CB   1 
ATOM   1043 C CG   . TRP A 1 126 ? -0.070  -5.801  10.974  1.00 30.33 ? 384 TRP A CG   1 
ATOM   1044 C CD1  . TRP A 1 126 ? -0.303  -6.756  11.921  1.00 30.52 ? 384 TRP A CD1  1 
ATOM   1045 C CD2  . TRP A 1 126 ? -0.980  -6.069  9.901   1.00 27.55 ? 384 TRP A CD2  1 
ATOM   1046 N NE1  . TRP A 1 126 ? -1.300  -7.602  11.504  1.00 33.70 ? 384 TRP A NE1  1 
ATOM   1047 C CE2  . TRP A 1 126 ? -1.734  -7.203  10.268  1.00 32.37 ? 384 TRP A CE2  1 
ATOM   1048 C CE3  . TRP A 1 126 ? -1.232  -5.461  8.666   1.00 25.79 ? 384 TRP A CE3  1 
ATOM   1049 C CZ2  . TRP A 1 126 ? -2.721  -7.741  9.448   1.00 31.10 ? 384 TRP A CZ2  1 
ATOM   1050 C CZ3  . TRP A 1 126 ? -2.213  -5.998  7.853   1.00 25.98 ? 384 TRP A CZ3  1 
ATOM   1051 C CH2  . TRP A 1 126 ? -2.946  -7.126  8.247   1.00 23.16 ? 384 TRP A CH2  1 
ATOM   1052 N N    . LYS A 1 127 ? 0.848   -3.464  13.904  1.00 27.39 ? 385 LYS A N    1 
ATOM   1053 C CA   . LYS A 1 127 ? 0.487   -3.565  15.316  1.00 27.37 ? 385 LYS A CA   1 
ATOM   1054 C C    . LYS A 1 127 ? -0.302  -2.347  15.775  1.00 30.42 ? 385 LYS A C    1 
ATOM   1055 O O    . LYS A 1 127 ? -1.240  -2.470  16.572  1.00 30.77 ? 385 LYS A O    1 
ATOM   1056 C CB   . LYS A 1 127 ? 1.740   -3.745  16.174  1.00 25.83 ? 385 LYS A CB   1 
ATOM   1057 C CG   . LYS A 1 127 ? 2.433   -5.088  16.009  1.00 31.88 ? 385 LYS A CG   1 
ATOM   1058 C CD   . LYS A 1 127 ? 3.637   -5.189  16.931  1.00 39.36 ? 385 LYS A CD   1 
ATOM   1059 C CE   . LYS A 1 127 ? 4.422   -6.464  16.684  1.00 44.34 ? 385 LYS A CE   1 
ATOM   1060 N NZ   . LYS A 1 127 ? 5.681   -6.490  17.479  1.00 44.30 ? 385 LYS A NZ   1 
ATOM   1061 N N    . ASP A 1 128 ? 0.066   -1.155  15.292  1.00 28.19 ? 386 ASP A N    1 
ATOM   1062 C CA   . ASP A 1 128 ? -0.705  0.039   15.623  1.00 22.74 ? 386 ASP A CA   1 
ATOM   1063 C C    . ASP A 1 128 ? -2.148  -0.098  15.157  1.00 26.43 ? 386 ASP A C    1 
ATOM   1064 O O    . ASP A 1 128 ? -3.081  0.296   15.868  1.00 31.41 ? 386 ASP A O    1 
ATOM   1065 C CB   . ASP A 1 128 ? -0.050  1.276   15.008  1.00 32.50 ? 386 ASP A CB   1 
ATOM   1066 C CG   . ASP A 1 128 ? 1.227   1.675   15.721  1.00 36.68 ? 386 ASP A CG   1 
ATOM   1067 O OD1  . ASP A 1 128 ? 1.625   0.969   16.671  1.00 41.44 ? 386 ASP A OD1  1 
ATOM   1068 O OD2  . ASP A 1 128 ? 1.829   2.698   15.335  1.00 37.51 ? 386 ASP A OD2  1 
ATOM   1069 N N    . MET A 1 129 ? -2.351  -0.657  13.962  1.00 25.95 ? 387 MET A N    1 
ATOM   1070 C CA   . MET A 1 129 ? -3.704  -0.927  13.488  1.00 26.85 ? 387 MET A CA   1 
ATOM   1071 C C    . MET A 1 129 ? -4.430  -1.874  14.434  1.00 26.24 ? 387 MET A C    1 
ATOM   1072 O O    . MET A 1 129 ? -5.575  -1.625  14.827  1.00 25.80 ? 387 MET A O    1 
ATOM   1073 C CB   . MET A 1 129 ? -3.659  -1.510  12.076  1.00 26.07 ? 387 MET A CB   1 
ATOM   1074 C CG   . MET A 1 129 ? -5.015  -1.962  11.558  1.00 28.27 ? 387 MET A CG   1 
ATOM   1075 S SD   . MET A 1 129 ? -4.899  -3.073  10.144  1.00 27.95 ? 387 MET A SD   1 
ATOM   1076 C CE   . MET A 1 129 ? -4.113  -4.493  10.901  1.00 25.37 ? 387 MET A CE   1 
ATOM   1077 N N    . ILE A 1 130 ? -3.771  -2.968  14.819  1.00 27.30 ? 388 ILE A N    1 
ATOM   1078 C CA   . ILE A 1 130 ? -4.402  -3.945  15.700  1.00 32.37 ? 388 ILE A CA   1 
ATOM   1079 C C    . ILE A 1 130 ? -4.706  -3.325  17.057  1.00 31.54 ? 388 ILE A C    1 
ATOM   1080 O O    . ILE A 1 130 ? -5.724  -3.637  17.687  1.00 34.51 ? 388 ILE A O    1 
ATOM   1081 C CB   . ILE A 1 130 ? -3.511  -5.193  15.834  1.00 30.23 ? 388 ILE A CB   1 
ATOM   1082 C CG1  . ILE A 1 130 ? -3.503  -5.985  14.527  1.00 27.26 ? 388 ILE A CG1  1 
ATOM   1083 C CG2  . ILE A 1 130 ? -3.976  -6.057  16.994  1.00 29.59 ? 388 ILE A CG2  1 
ATOM   1084 C CD1  . ILE A 1 130 ? -4.878  -6.456  14.091  1.00 27.84 ? 388 ILE A CD1  1 
ATOM   1085 N N    . ALA A 1 131 ? -3.836  -2.430  17.528  1.00 33.11 ? 389 ALA A N    1 
ATOM   1086 C CA   . ALA A 1 131 ? -3.985  -1.871  18.864  1.00 31.13 ? 389 ALA A CA   1 
ATOM   1087 C C    . ALA A 1 131 ? -4.978  -0.718  18.925  1.00 32.49 ? 389 ALA A C    1 
ATOM   1088 O O    . ALA A 1 131 ? -5.439  -0.380  20.020  1.00 35.95 ? 389 ALA A O    1 
ATOM   1089 C CB   . ALA A 1 131 ? -2.627  -1.402  19.391  1.00 27.29 ? 389 ALA A CB   1 
ATOM   1090 N N    . ARG A 1 132 ? -5.315  -0.108  17.791  1.00 33.29 ? 390 ARG A N    1 
ATOM   1091 C CA   . ARG A 1 132 ? -6.243  1.022   17.736  1.00 32.35 ? 390 ARG A CA   1 
ATOM   1092 C C    . ARG A 1 132 ? -7.427  0.683   16.834  1.00 30.45 ? 390 ARG A C    1 
ATOM   1093 O O    . ARG A 1 132 ? -7.658  1.347   15.817  1.00 33.05 ? 390 ARG A O    1 
ATOM   1094 C CB   . ARG A 1 132 ? -5.534  2.282   17.247  1.00 32.90 ? 390 ARG A CB   1 
ATOM   1095 C CG   . ARG A 1 132 ? -4.314  2.678   18.065  1.00 36.47 ? 390 ARG A CG   1 
ATOM   1096 C CD   . ARG A 1 132 ? -3.718  3.973   17.539  1.00 38.50 ? 390 ARG A CD   1 
ATOM   1097 N NE   . ARG A 1 132 ? -2.272  4.021   17.716  1.00 43.88 ? 390 ARG A NE   1 
ATOM   1098 C CZ   . ARG A 1 132 ? -1.479  4.901   17.113  1.00 48.29 ? 390 ARG A CZ   1 
ATOM   1099 N NH1  . ARG A 1 132 ? -1.994  5.805   16.291  1.00 45.75 ? 390 ARG A NH1  1 
ATOM   1100 N NH2  . ARG A 1 132 ? -0.171  4.876   17.325  1.00 42.69 ? 390 ARG A NH2  1 
ATOM   1101 N N    . PRO A 1 133 ? -8.204  -0.340  17.186  1.00 36.87 ? 391 PRO A N    1 
ATOM   1102 C CA   . PRO A 1 133 ? -9.308  -0.759  16.313  1.00 34.30 ? 391 PRO A CA   1 
ATOM   1103 C C    . PRO A 1 133 ? -10.286 0.378   16.057  1.00 36.88 ? 391 PRO A C    1 
ATOM   1104 O O    . PRO A 1 133 ? -10.594 1.173   16.947  1.00 40.86 ? 391 PRO A O    1 
ATOM   1105 C CB   . PRO A 1 133 ? -9.962  -1.908  17.093  1.00 36.66 ? 391 PRO A CB   1 
ATOM   1106 C CG   . PRO A 1 133 ? -9.533  -1.702  18.514  1.00 34.42 ? 391 PRO A CG   1 
ATOM   1107 C CD   . PRO A 1 133 ? -8.158  -1.118  18.436  1.00 35.85 ? 391 PRO A CD   1 
ATOM   1108 N N    . ARG A 1 134 ? -10.762 0.452   14.814  1.00 36.56 ? 392 ARG A N    1 
ATOM   1109 C CA   . ARG A 1 134 ? -11.764 1.406   14.345  1.00 33.62 ? 392 ARG A CA   1 
ATOM   1110 C C    . ARG A 1 134 ? -11.183 2.799   14.147  1.00 30.84 ? 392 ARG A C    1 
ATOM   1111 O O    . ARG A 1 134 ? -11.945 3.741   13.873  1.00 36.01 ? 392 ARG A O    1 
ATOM   1112 C CB   . ARG A 1 134 ? -12.974 1.483   15.284  1.00 36.02 ? 392 ARG A CB   1 
ATOM   1113 C CG   . ARG A 1 134 ? -13.829 0.226   15.276  1.00 39.11 ? 392 ARG A CG   1 
ATOM   1114 C CD   . ARG A 1 134 ? -14.837 0.231   16.403  1.00 41.74 ? 392 ARG A CD   1 
ATOM   1115 N NE   . ARG A 1 134 ? -14.189 0.305   17.709  1.00 49.41 ? 392 ARG A NE   1 
ATOM   1116 C CZ   . ARG A 1 134 ? -13.746 -0.751  18.383  1.00 52.76 ? 392 ARG A CZ   1 
ATOM   1117 N NH1  . ARG A 1 134 ? -13.171 -0.594  19.566  1.00 52.96 ? 392 ARG A NH1  1 
ATOM   1118 N NH2  . ARG A 1 134 ? -13.876 -1.970  17.874  1.00 47.18 ? 392 ARG A NH2  1 
ATOM   1119 N N    . GLN A 1 135 ? -9.863  2.965   14.275  1.00 31.87 ? 393 GLN A N    1 
ATOM   1120 C CA   . GLN A 1 135 ? -9.210  4.236   13.998  1.00 34.74 ? 393 GLN A CA   1 
ATOM   1121 C C    . GLN A 1 135 ? -8.339  4.106   12.763  1.00 36.66 ? 393 GLN A C    1 
ATOM   1122 O O    . GLN A 1 135 ? -7.571  3.139   12.658  1.00 32.26 ? 393 GLN A O    1 
ATOM   1123 C CB   . GLN A 1 135 ? -8.345  4.692   15.180  1.00 34.73 ? 393 GLN A CB   1 
ATOM   1124 C CG   . GLN A 1 135 ? -9.072  4.883   16.490  1.00 35.27 ? 393 GLN A CG   1 
ATOM   1125 C CD   . GLN A 1 135 ? -8.164  5.455   17.559  1.00 41.06 ? 393 GLN A CD   1 
ATOM   1126 O OE1  . GLN A 1 135 ? -7.486  6.459   17.340  1.00 42.68 ? 393 GLN A OE1  1 
ATOM   1127 N NE2  . GLN A 1 135 ? -8.132  4.810   18.716  1.00 37.79 ? 393 GLN A NE2  1 
ATOM   1128 N N    . PRO A 1 136 ? -8.422  5.034   11.812  1.00 33.66 ? 394 PRO A N    1 
ATOM   1129 C CA   . PRO A 1 136 ? -7.451  5.035   10.710  1.00 33.27 ? 394 PRO A CA   1 
ATOM   1130 C C    . PRO A 1 136 ? -6.066  5.452   11.179  1.00 31.79 ? 394 PRO A C    1 
ATOM   1131 O O    . PRO A 1 136 ? -5.847  6.620   11.513  1.00 39.90 ? 394 PRO A O    1 
ATOM   1132 C CB   . PRO A 1 136 ? -8.039  6.049   9.717   1.00 29.91 ? 394 PRO A CB   1 
ATOM   1133 C CG   . PRO A 1 136 ? -9.471  6.228   10.132  1.00 30.72 ? 394 PRO A CG   1 
ATOM   1134 C CD   . PRO A 1 136 ? -9.487  6.029   11.611  1.00 33.00 ? 394 PRO A CD   1 
ATOM   1135 N N    . VAL A 1 137 ? -5.130  4.510   11.220  1.00 29.12 ? 395 VAL A N    1 
ATOM   1136 C CA   . VAL A 1 137 ? -3.750  4.803   11.592  1.00 27.93 ? 395 VAL A CA   1 
ATOM   1137 C C    . VAL A 1 137 ? -2.961  5.055   10.314  1.00 31.35 ? 395 VAL A C    1 
ATOM   1138 O O    . VAL A 1 137 ? -2.854  4.172   9.456   1.00 28.30 ? 395 VAL A O    1 
ATOM   1139 C CB   . VAL A 1 137 ? -3.130  3.660   12.411  1.00 27.13 ? 395 VAL A CB   1 
ATOM   1140 C CG1  . VAL A 1 137 ? -1.720  4.034   12.855  1.00 27.56 ? 395 VAL A CG1  1 
ATOM   1141 C CG2  . VAL A 1 137 ? -3.997  3.331   13.617  1.00 28.76 ? 395 VAL A CG2  1 
ATOM   1142 N N    . ALA A 1 138 ? -2.416  6.260   10.184  1.00 28.27 ? 396 ALA A N    1 
ATOM   1143 C CA   . ALA A 1 138 ? -1.661  6.662   9.007   1.00 28.08 ? 396 ALA A CA   1 
ATOM   1144 C C    . ALA A 1 138 ? -0.174  6.695   9.330   1.00 27.17 ? 396 ALA A C    1 
ATOM   1145 O O    . ALA A 1 138 ? 0.223   7.092   10.428  1.00 32.16 ? 396 ALA A O    1 
ATOM   1146 C CB   . ALA A 1 138 ? -2.120  8.031   8.504   1.00 23.86 ? 396 ALA A CB   1 
ATOM   1147 N N    . GLN A 1 139 ? 0.646   6.282   8.364   1.00 26.77 ? 397 GLN A N    1 
ATOM   1148 C CA   . GLN A 1 139 ? 2.087   6.215   8.557   1.00 27.87 ? 397 GLN A CA   1 
ATOM   1149 C C    . GLN A 1 139 ? 2.785   6.247   7.203   1.00 28.86 ? 397 GLN A C    1 
ATOM   1150 O O    . GLN A 1 139 ? 2.277   5.695   6.224   1.00 28.25 ? 397 GLN A O    1 
ATOM   1151 C CB   . GLN A 1 139 ? 2.479   4.951   9.333   1.00 26.91 ? 397 GLN A CB   1 
ATOM   1152 C CG   . GLN A 1 139 ? 3.979   4.752   9.498   1.00 27.72 ? 397 GLN A CG   1 
ATOM   1153 C CD   . GLN A 1 139 ? 4.315   3.517   10.312  1.00 31.98 ? 397 GLN A CD   1 
ATOM   1154 O OE1  . GLN A 1 139 ? 3.600   3.165   11.250  1.00 29.55 ? 397 GLN A OE1  1 
ATOM   1155 N NE2  . GLN A 1 139 ? 5.406   2.850   9.954   1.00 25.11 ? 397 GLN A NE2  1 
ATOM   1156 N N    . TRP A 1 140 ? 3.945   6.899   7.160   1.00 26.33 ? 398 TRP A N    1 
ATOM   1157 C CA   . TRP A 1 140 ? 4.773   6.912   5.963   1.00 23.96 ? 398 TRP A CA   1 
ATOM   1158 C C    . TRP A 1 140 ? 5.623   5.650   5.889   1.00 26.58 ? 398 TRP A C    1 
ATOM   1159 O O    . TRP A 1 140 ? 6.049   5.100   6.908   1.00 30.95 ? 398 TRP A O    1 
ATOM   1160 C CB   . TRP A 1 140 ? 5.686   8.139   5.940   1.00 25.26 ? 398 TRP A CB   1 
ATOM   1161 C CG   . TRP A 1 140 ? 5.003   9.435   5.634   1.00 27.88 ? 398 TRP A CG   1 
ATOM   1162 C CD1  . TRP A 1 140 ? 4.565   10.360  6.533   1.00 25.45 ? 398 TRP A CD1  1 
ATOM   1163 C CD2  . TRP A 1 140 ? 4.704   9.964   4.336   1.00 28.91 ? 398 TRP A CD2  1 
ATOM   1164 N NE1  . TRP A 1 140 ? 4.006   11.430  5.877   1.00 28.96 ? 398 TRP A NE1  1 
ATOM   1165 C CE2  . TRP A 1 140 ? 4.077   11.210  4.527   1.00 30.77 ? 398 TRP A CE2  1 
ATOM   1166 C CE3  . TRP A 1 140 ? 4.904   9.504   3.031   1.00 27.79 ? 398 TRP A CE3  1 
ATOM   1167 C CZ2  . TRP A 1 140 ? 3.647   12.001  3.463   1.00 24.59 ? 398 TRP A CZ2  1 
ATOM   1168 C CZ3  . TRP A 1 140 ? 4.474   10.290  1.977   1.00 27.88 ? 398 TRP A CZ3  1 
ATOM   1169 C CH2  . TRP A 1 140 ? 3.853   11.523  2.198   1.00 28.88 ? 398 TRP A CH2  1 
ATOM   1170 N N    . HIS A 1 141 ? 5.867   5.192   4.664   1.00 26.08 ? 399 HIS A N    1 
ATOM   1171 C CA   . HIS A 1 141 ? 6.694   4.019   4.421   1.00 26.71 ? 399 HIS A CA   1 
ATOM   1172 C C    . HIS A 1 141 ? 7.685   4.313   3.306   1.00 25.83 ? 399 HIS A C    1 
ATOM   1173 O O    . HIS A 1 141 ? 7.305   4.838   2.255   1.00 26.49 ? 399 HIS A O    1 
ATOM   1174 C CB   . HIS A 1 141 ? 5.842   2.803   4.048   1.00 24.07 ? 399 HIS A CB   1 
ATOM   1175 C CG   . HIS A 1 141 ? 4.995   2.290   5.168   1.00 23.78 ? 399 HIS A CG   1 
ATOM   1176 N ND1  . HIS A 1 141 ? 5.471   1.421   6.125   1.00 25.99 ? 399 HIS A ND1  1 
ATOM   1177 C CD2  . HIS A 1 141 ? 3.697   2.519   5.478   1.00 25.38 ? 399 HIS A CD2  1 
ATOM   1178 C CE1  . HIS A 1 141 ? 4.504   1.137   6.979   1.00 28.39 ? 399 HIS A CE1  1 
ATOM   1179 N NE2  . HIS A 1 141 ? 3.419   1.792   6.611   1.00 25.35 ? 399 HIS A NE2  1 
ATOM   1180 N N    . GLN A 1 142 ? 8.949   3.978   3.540   1.00 26.76 ? 400 GLN A N    1 
ATOM   1181 C CA   . GLN A 1 142 ? 9.926   3.994   2.463   1.00 30.10 ? 400 GLN A CA   1 
ATOM   1182 C C    . GLN A 1 142 ? 9.586   2.911   1.446   1.00 31.11 ? 400 GLN A C    1 
ATOM   1183 O O    . GLN A 1 142 ? 9.175   1.805   1.807   1.00 31.16 ? 400 GLN A O    1 
ATOM   1184 C CB   . GLN A 1 142 ? 11.337  3.781   3.014   1.00 31.59 ? 400 GLN A CB   1 
ATOM   1185 C CG   . GLN A 1 142 ? 11.924  4.984   3.735   1.00 39.23 ? 400 GLN A CG   1 
ATOM   1186 C CD   . GLN A 1 142 ? 12.353  6.077   2.781   1.00 50.93 ? 400 GLN A CD   1 
ATOM   1187 O OE1  . GLN A 1 142 ? 12.651  5.819   1.617   1.00 49.98 ? 400 GLN A OE1  1 
ATOM   1188 N NE2  . GLN A 1 142 ? 12.385  7.308   3.272   1.00 48.50 ? 400 GLN A NE2  1 
ATOM   1189 N N    . LEU A 1 143 ? 9.751   3.236   0.168   1.00 30.18 ? 401 LEU A N    1 
ATOM   1190 C CA   . LEU A 1 143 ? 9.457   2.302   -0.911  1.00 38.52 ? 401 LEU A CA   1 
ATOM   1191 C C    . LEU A 1 143 ? 10.693  1.454   -1.187  1.00 40.30 ? 401 LEU A C    1 
ATOM   1192 O O    . LEU A 1 143 ? 11.754  1.985   -1.532  1.00 39.47 ? 401 LEU A O    1 
ATOM   1193 C CB   . LEU A 1 143 ? 9.009   3.049   -2.167  1.00 34.47 ? 401 LEU A CB   1 
ATOM   1194 C CG   . LEU A 1 143 ? 7.656   3.753   -2.040  1.00 31.09 ? 401 LEU A CG   1 
ATOM   1195 C CD1  . LEU A 1 143 ? 7.337   4.560   -3.290  1.00 30.05 ? 401 LEU A CD1  1 
ATOM   1196 C CD2  . LEU A 1 143 ? 6.550   2.743   -1.753  1.00 25.04 ? 401 LEU A CD2  1 
ATOM   1197 N N    . LYS A 1 144 ? 10.555  0.141   -1.020  1.00 40.97 ? 402 LYS A N    1 
ATOM   1198 C CA   . LYS A 1 144 ? 11.648  -0.798  -1.228  1.00 44.86 ? 402 LYS A CA   1 
ATOM   1199 C C    . LYS A 1 144 ? 11.557  -1.384  -2.631  1.00 42.71 ? 402 LYS A C    1 
ATOM   1200 O O    . LYS A 1 144 ? 10.511  -1.913  -3.021  1.00 40.86 ? 402 LYS A O    1 
ATOM   1201 C CB   . LYS A 1 144 ? 11.606  -1.921  -0.190  1.00 42.07 ? 402 LYS A CB   1 
ATOM   1202 C CG   . LYS A 1 144 ? 11.321  -1.471  1.237   1.00 48.64 ? 402 LYS A CG   1 
ATOM   1203 C CD   . LYS A 1 144 ? 12.512  -0.768  1.865   1.00 45.76 ? 402 LYS A CD   1 
ATOM   1204 C CE   . LYS A 1 144 ? 12.248  -0.470  3.334   1.00 51.32 ? 402 LYS A CE   1 
ATOM   1205 N NZ   . LYS A 1 144 ? 13.371  0.258   3.982   1.00 52.26 ? 402 LYS A NZ   1 
ATOM   1206 N N    . ALA A 1 145 ? 12.651  -1.296  -3.378  1.00 51.58 ? 403 ALA A N    1 
ATOM   1207 C CA   . ALA A 1 145 ? 12.704  -1.876  -4.715  1.00 54.81 ? 403 ALA A CA   1 
ATOM   1208 C C    . ALA A 1 145 ? 12.865  -3.389  -4.633  1.00 58.77 ? 403 ALA A C    1 
ATOM   1209 O O    . ALA A 1 145 ? 12.591  -3.995  -3.595  1.00 57.59 ? 403 ALA A O    1 
ATOM   1210 C CB   . ALA A 1 145 ? 13.838  -1.264  -5.518  1.00 53.29 ? 403 ALA A CB   1 
HETATM 1211 C C1   . IHP B 2 .   ? -2.927  -5.749  -15.612 1.00 38.17 ? 501 IHP A C1   1 
HETATM 1212 C C2   . IHP B 2 .   ? -4.252  -6.434  -15.288 1.00 37.11 ? 501 IHP A C2   1 
HETATM 1213 C C3   . IHP B 2 .   ? -3.959  -7.931  -15.074 1.00 38.41 ? 501 IHP A C3   1 
HETATM 1214 C C4   . IHP B 2 .   ? -2.955  -8.139  -13.915 1.00 35.32 ? 501 IHP A C4   1 
HETATM 1215 C C5   . IHP B 2 .   ? -1.631  -7.384  -14.147 1.00 38.19 ? 501 IHP A C5   1 
HETATM 1216 C C6   . IHP B 2 .   ? -1.883  -5.894  -14.472 1.00 40.45 ? 501 IHP A C6   1 
HETATM 1217 O O11  . IHP B 2 .   ? -3.188  -4.331  -15.754 1.00 45.75 ? 501 IHP A O11  1 
HETATM 1218 P P1   . IHP B 2 .   ? -3.166  -3.609  -17.209 1.00 44.45 ? 501 IHP A P1   1 
HETATM 1219 O O21  . IHP B 2 .   ? -1.676  -3.226  -17.313 1.00 46.46 ? 501 IHP A O21  1 
HETATM 1220 O O31  . IHP B 2 .   ? -3.565  -4.590  -18.261 1.00 48.17 ? 501 IHP A O31  1 
HETATM 1221 O O41  . IHP B 2 .   ? -4.029  -2.368  -17.111 1.00 51.81 ? 501 IHP A O41  1 
HETATM 1222 O O12  . IHP B 2 .   ? -4.859  -5.904  -14.098 1.00 43.35 ? 501 IHP A O12  1 
HETATM 1223 P P2   . IHP B 2 .   ? -6.313  -5.163  -14.084 1.00 40.43 ? 501 IHP A P2   1 
HETATM 1224 O O22  . IHP B 2 .   ? -6.125  -3.676  -14.241 1.00 44.32 ? 501 IHP A O22  1 
HETATM 1225 O O32  . IHP B 2 .   ? -6.847  -5.582  -12.728 1.00 41.00 ? 501 IHP A O32  1 
HETATM 1226 O O42  . IHP B 2 .   ? -7.003  -5.857  -15.232 1.00 38.64 ? 501 IHP A O42  1 
HETATM 1227 O O13  . IHP B 2 .   ? -5.190  -8.568  -14.708 1.00 34.87 ? 501 IHP A O13  1 
HETATM 1228 P P3   . IHP B 2 .   ? -6.153  -9.296  -15.780 1.00 37.26 ? 501 IHP A P3   1 
HETATM 1229 O O23  . IHP B 2 .   ? -5.366  -10.334 -16.510 1.00 37.15 ? 501 IHP A O23  1 
HETATM 1230 O O33  . IHP B 2 .   ? -7.218  -9.959  -14.900 1.00 38.93 ? 501 IHP A O33  1 
HETATM 1231 O O43  . IHP B 2 .   ? -6.839  -8.224  -16.542 1.00 40.29 ? 501 IHP A O43  1 
HETATM 1232 O O14  . IHP B 2 .   ? -2.706  -9.526  -13.741 1.00 35.03 ? 501 IHP A O14  1 
HETATM 1233 P P4   . IHP B 2 .   ? -3.052  -10.281 -12.341 1.00 30.10 ? 501 IHP A P4   1 
HETATM 1234 O O24  . IHP B 2 .   ? -1.834  -10.304 -11.495 1.00 28.60 ? 501 IHP A O24  1 
HETATM 1235 O O34  . IHP B 2 .   ? -4.139  -9.512  -11.660 1.00 31.06 ? 501 IHP A O34  1 
HETATM 1236 O O44  . IHP B 2 .   ? -3.604  -11.606 -12.776 1.00 25.72 ? 501 IHP A O44  1 
HETATM 1237 O O15  . IHP B 2 .   ? -0.805  -7.531  -12.989 1.00 40.21 ? 501 IHP A O15  1 
HETATM 1238 P P5   . IHP B 2 .   ? 0.530   -8.429  -13.034 1.00 35.50 ? 501 IHP A P5   1 
HETATM 1239 O O25  . IHP B 2 .   ? 0.643   -9.262  -14.256 1.00 36.61 ? 501 IHP A O25  1 
HETATM 1240 O O35  . IHP B 2 .   ? 0.501   -9.168  -11.711 1.00 30.27 ? 501 IHP A O35  1 
HETATM 1241 O O45  . IHP B 2 .   ? 1.637   -7.361  -13.011 1.00 39.05 ? 501 IHP A O45  1 
HETATM 1242 O O16  . IHP B 2 .   ? -0.645  -5.302  -14.853 1.00 43.82 ? 501 IHP A O16  1 
HETATM 1243 P P6   . IHP B 2 .   ? -0.005  -4.053  -13.993 1.00 50.12 ? 501 IHP A P6   1 
HETATM 1244 O O26  . IHP B 2 .   ? -0.045  -4.383  -12.517 1.00 47.90 ? 501 IHP A O26  1 
HETATM 1245 O O36  . IHP B 2 .   ? 1.426   -3.996  -14.484 1.00 40.01 ? 501 IHP A O36  1 
HETATM 1246 O O46  . IHP B 2 .   ? -0.790  -2.859  -14.456 1.00 52.39 ? 501 IHP A O46  1 
HETATM 1247 H H1   . IHP B 2 .   ? -2.572  -6.162  -16.414 1.00 45.80 ? 501 IHP A H1   1 
HETATM 1248 H H2   . IHP B 2 .   ? -4.870  -6.284  -16.020 1.00 44.53 ? 501 IHP A H2   1 
HETATM 1249 H H3   . IHP B 2 .   ? -3.584  -8.302  -15.888 1.00 46.09 ? 501 IHP A H3   1 
HETATM 1250 H H4   . IHP B 2 .   ? -3.356  -7.773  -13.110 1.00 42.39 ? 501 IHP A H4   1 
HETATM 1251 H H5   . IHP B 2 .   ? -1.176  -7.764  -14.914 1.00 45.82 ? 501 IHP A H5   1 
HETATM 1252 H H6   . IHP B 2 .   ? -2.240  -5.445  -13.689 1.00 48.54 ? 501 IHP A H6   1 
HETATM 1253 C C1   . IHP C 2 .   ? 4.762   17.146  5.743   1.00 64.19 ? 502 IHP A C1   1 
HETATM 1254 C C2   . IHP C 2 .   ? 5.857   18.174  6.032   1.00 73.88 ? 502 IHP A C2   1 
HETATM 1255 C C3   . IHP C 2 .   ? 6.295   18.817  4.706   1.00 78.55 ? 502 IHP A C3   1 
HETATM 1256 C C4   . IHP C 2 .   ? 5.085   19.413  3.959   1.00 76.54 ? 502 IHP A C4   1 
HETATM 1257 C C5   . IHP C 2 .   ? 3.940   18.417  3.718   1.00 75.29 ? 502 IHP A C5   1 
HETATM 1258 C C6   . IHP C 2 .   ? 3.518   17.745  5.038   1.00 67.74 ? 502 IHP A C6   1 
HETATM 1259 O O11  . IHP C 2 .   ? 4.321   16.626  7.029   1.00 67.56 ? 502 IHP A O11  1 
HETATM 1260 P P1   . IHP C 2 .   ? 4.678   15.122  7.539   1.00 51.08 ? 502 IHP A P1   1 
HETATM 1261 O O21  . IHP C 2 .   ? 3.539   14.316  6.886   1.00 40.84 ? 502 IHP A O21  1 
HETATM 1262 O O31  . IHP C 2 .   ? 6.009   14.702  7.010   1.00 50.71 ? 502 IHP A O31  1 
HETATM 1263 O O41  . IHP C 2 .   ? 4.538   15.108  9.050   1.00 67.68 ? 502 IHP A O41  1 
HETATM 1264 O O12  . IHP C 2 .   ? 5.349   19.173  6.934   1.00 83.37 ? 502 IHP A O12  1 
HETATM 1265 P P2   . IHP C 2 .   ? 6.113   19.681  8.282   1.00 79.53 ? 502 IHP A P2   1 
HETATM 1266 O O22  . IHP C 2 .   ? 5.734   21.114  8.550   1.00 77.88 ? 502 IHP A O22  1 
HETATM 1267 O O32  . IHP C 2 .   ? 7.577   19.481  7.936   1.00 78.21 ? 502 IHP A O32  1 
HETATM 1268 O O42  . IHP C 2 .   ? 5.603   18.664  9.273   1.00 70.41 ? 502 IHP A O42  1 
HETATM 1269 O O13  . IHP C 2 .   ? 7.162   19.894  5.078   1.00 85.72 ? 502 IHP A O13  1 
HETATM 1270 P P3   . IHP C 2 .   ? 8.658   20.151  4.520   1.00 97.88 ? 502 IHP A P3   1 
HETATM 1271 O O23  . IHP C 2 .   ? 8.572   20.791  3.174   1.00 91.69 ? 502 IHP A O23  1 
HETATM 1272 O O33  . IHP C 2 .   ? 9.249   21.153  5.523   1.00 90.82 ? 502 IHP A O33  1 
HETATM 1273 O O43  . IHP C 2 .   ? 9.403   18.882  4.695   1.00 94.22 ? 502 IHP A O43  1 
HETATM 1274 O O14  . IHP C 2 .   ? 5.538   19.911  2.708   1.00 82.32 ? 502 IHP A O14  1 
HETATM 1275 P P4   . IHP C 2 .   ? 5.371   21.457  2.224   1.00 84.47 ? 502 IHP A P4   1 
HETATM 1276 O O24  . IHP C 2 .   ? 4.115   21.578  1.449   1.00 80.02 ? 502 IHP A O24  1 
HETATM 1277 O O34  . IHP C 2 .   ? 5.305   22.303  3.452   1.00 85.55 ? 502 IHP A O34  1 
HETATM 1278 O O44  . IHP C 2 .   ? 6.654   21.763  1.506   1.00 85.61 ? 502 IHP A O44  1 
HETATM 1279 O O15  . IHP C 2 .   ? 2.852   19.147  3.156   1.00 74.76 ? 502 IHP A O15  1 
HETATM 1280 P P5   . IHP C 2 .   ? 2.174   18.746  1.754   1.00 68.15 ? 502 IHP A P5   1 
HETATM 1281 O O25  . IHP C 2 .   ? 2.885   19.338  0.601   1.00 73.96 ? 502 IHP A O25  1 
HETATM 1282 O O35  . IHP C 2 .   ? 0.719   19.126  1.941   1.00 58.28 ? 502 IHP A O35  1 
HETATM 1283 O O45  . IHP C 2 .   ? 2.303   17.209  1.725   1.00 73.36 ? 502 IHP A O45  1 
HETATM 1284 O O16  . IHP C 2 .   ? 2.596   16.695  4.775   1.00 62.56 ? 502 IHP A O16  1 
HETATM 1285 P P6   . IHP C 2 .   ? 1.283   16.497  5.747   1.00 62.49 ? 502 IHP A P6   1 
HETATM 1286 O O26  . IHP C 2 .   ? 1.458   17.374  6.967   1.00 58.03 ? 502 IHP A O26  1 
HETATM 1287 O O36  . IHP C 2 .   ? 0.121   16.976  4.901   1.00 60.58 ? 502 IHP A O36  1 
HETATM 1288 O O46  . IHP C 2 .   ? 1.231   15.018  5.987   1.00 57.14 ? 502 IHP A O46  1 
HETATM 1289 H H1   . IHP C 2 .   ? 5.136   16.474  5.153   1.00 77.03 ? 502 IHP A H1   1 
HETATM 1290 H H2   . IHP C 2 .   ? 6.623   17.746  6.445   1.00 88.65 ? 502 IHP A H2   1 
HETATM 1291 H H3   . IHP C 2 .   ? 6.716   18.163  4.127   1.00 94.26 ? 502 IHP A H3   1 
HETATM 1292 H H4   . IHP C 2 .   ? 4.719   20.113  4.522   1.00 91.85 ? 502 IHP A H4   1 
HETATM 1293 H H5   . IHP C 2 .   ? 4.225   17.712  3.115   1.00 90.35 ? 502 IHP A H5   1 
HETATM 1294 H H6   . IHP C 2 .   ? 3.102   18.414  5.606   1.00 81.29 ? 502 IHP A H6   1 
HETATM 1295 O O    . HOH D 3 .   ? -11.092 5.460   4.204   1.00 29.12 ? 601 HOH A O    1 
HETATM 1296 O O    . HOH D 3 .   ? 1.854   3.703   12.877  1.00 33.12 ? 602 HOH A O    1 
HETATM 1297 O O    . HOH D 3 .   ? -9.417  3.175   -8.336  1.00 31.90 ? 603 HOH A O    1 
HETATM 1298 O O    . HOH D 3 .   ? -11.733 -9.702  11.656  1.00 27.39 ? 604 HOH A O    1 
HETATM 1299 O O    . HOH D 3 .   ? -7.512  7.699   6.367   1.00 30.62 ? 605 HOH A O    1 
HETATM 1300 O O    . HOH D 3 .   ? -10.211 -8.945  -6.466  1.00 29.02 ? 606 HOH A O    1 
HETATM 1301 O O    . HOH D 3 .   ? 1.904   17.083  -13.360 1.00 29.62 ? 607 HOH A O    1 
HETATM 1302 O O    . HOH D 3 .   ? -0.043  -13.847 3.706   1.00 18.07 ? 608 HOH A O    1 
HETATM 1303 O O    . HOH D 3 .   ? 10.281  -1.647  7.121   1.00 38.31 ? 609 HOH A O    1 
HETATM 1304 O O    . HOH D 3 .   ? -9.089  -16.403 2.405   1.00 21.45 ? 610 HOH A O    1 
HETATM 1305 O O    . HOH D 3 .   ? -6.050  -12.573 4.319   1.00 13.93 ? 611 HOH A O    1 
HETATM 1306 O O    . HOH D 3 .   ? 8.834   -10.493 -2.554  1.00 22.00 ? 612 HOH A O    1 
HETATM 1307 O O    . HOH D 3 .   ? 0.860   -4.936  -4.676  1.00 22.23 ? 613 HOH A O    1 
HETATM 1308 O O    . HOH D 3 .   ? -3.747  -4.634  -8.070  1.00 21.55 ? 614 HOH A O    1 
HETATM 1309 O O    . HOH D 3 .   ? -7.796  3.521   6.739   1.00 25.09 ? 615 HOH A O    1 
HETATM 1310 O O    . HOH D 3 .   ? -12.396 -1.275  8.902   1.00 33.02 ? 616 HOH A O    1 
HETATM 1311 O O    . HOH D 3 .   ? -4.352  2.820   -12.678 1.00 31.62 ? 617 HOH A O    1 
HETATM 1312 O O    . HOH D 3 .   ? -0.052  15.726  -15.037 1.00 32.57 ? 618 HOH A O    1 
HETATM 1313 O O    . HOH D 3 .   ? -0.618  -10.357 9.589   1.00 31.61 ? 619 HOH A O    1 
HETATM 1314 O O    . HOH D 3 .   ? 8.579   -2.987  14.411  1.00 33.19 ? 620 HOH A O    1 
HETATM 1315 O O    . HOH D 3 .   ? -5.811  -15.411 13.003  1.00 18.73 ? 621 HOH A O    1 
HETATM 1316 O O    . HOH D 3 .   ? -2.639  -7.154  -10.274 1.00 24.01 ? 622 HOH A O    1 
HETATM 1317 O O    . HOH D 3 .   ? -7.094  0.349   13.060  1.00 27.82 ? 623 HOH A O    1 
HETATM 1318 O O    . HOH D 3 .   ? 4.830   8.330   9.489   1.00 28.74 ? 624 HOH A O    1 
HETATM 1319 O O    . HOH D 3 .   ? 2.702   -10.876 -15.484 1.00 28.53 ? 625 HOH A O    1 
HETATM 1320 O O    . HOH D 3 .   ? 9.289   -8.540  -4.166  1.00 29.07 ? 626 HOH A O    1 
HETATM 1321 O O    . HOH D 3 .   ? -13.359 -1.223  -1.675  1.00 28.68 ? 627 HOH A O    1 
HETATM 1322 O O    . HOH D 3 .   ? 8.301   0.249   6.418   1.00 37.14 ? 628 HOH A O    1 
HETATM 1323 O O    . HOH D 3 .   ? -3.398  0.814   -14.310 1.00 34.46 ? 629 HOH A O    1 
HETATM 1324 O O    . HOH D 3 .   ? -4.177  -4.862  -10.892 1.00 29.97 ? 630 HOH A O    1 
HETATM 1325 O O    . HOH D 3 .   ? 10.370  4.364   -11.743 1.00 43.44 ? 631 HOH A O    1 
HETATM 1326 O O    . HOH D 3 .   ? -8.018  -12.351 -6.428  1.00 28.12 ? 632 HOH A O    1 
HETATM 1327 O O    . HOH D 3 .   ? -9.749  -1.259  -7.756  1.00 24.78 ? 633 HOH A O    1 
HETATM 1328 O O    . HOH D 3 .   ? 1.949   -23.325 -3.002  1.00 38.88 ? 634 HOH A O    1 
# 
loop_
_pdbx_poly_seq_scheme.asym_id 
_pdbx_poly_seq_scheme.entity_id 
_pdbx_poly_seq_scheme.seq_id 
_pdbx_poly_seq_scheme.mon_id 
_pdbx_poly_seq_scheme.ndb_seq_num 
_pdbx_poly_seq_scheme.pdb_seq_num 
_pdbx_poly_seq_scheme.auth_seq_num 
_pdbx_poly_seq_scheme.pdb_mon_id 
_pdbx_poly_seq_scheme.auth_mon_id 
_pdbx_poly_seq_scheme.pdb_strand_id 
_pdbx_poly_seq_scheme.pdb_ins_code 
_pdbx_poly_seq_scheme.hetero 
A 1 1   GLY 1   259 ?   ?   ?   A . n 
A 1 2   PRO 2   260 ?   ?   ?   A . n 
A 1 3   GLY 3   261 ?   ?   ?   A . n 
A 1 4   SER 4   262 ?   ?   ?   A . n 
A 1 5   GLY 5   263 ?   ?   ?   A . n 
A 1 6   SER 6   264 ?   ?   ?   A . n 
A 1 7   GLY 7   265 ?   ?   ?   A . n 
A 1 8   SER 8   266 266 SER SER A . n 
A 1 9   ARG 9   267 267 ARG ARG A . n 
A 1 10  GLY 10  268 268 GLY GLY A . n 
A 1 11  GLU 11  269 269 GLU GLU A . n 
A 1 12  LEU 12  270 270 LEU LEU A . n 
A 1 13  LEU 13  271 271 LEU LEU A . n 
A 1 14  LEU 14  272 272 LEU LEU A . n 
A 1 15  SER 15  273 273 SER SER A . n 
A 1 16  LEU 16  274 274 LEU LEU A . n 
A 1 17  CYS 17  275 275 CYS CYS A . n 
A 1 18  TYR 18  276 276 TYR TYR A . n 
A 1 19  ASN 19  277 277 ASN ASN A . n 
A 1 20  PRO 20  278 278 PRO PRO A . n 
A 1 21  SER 21  279 279 SER SER A . n 
A 1 22  ALA 22  280 280 ALA ALA A . n 
A 1 23  ASN 23  281 281 ASN ASN A . n 
A 1 24  SER 24  282 282 SER SER A . n 
A 1 25  ILE 25  283 283 ILE ILE A . n 
A 1 26  ILE 26  284 284 ILE ILE A . n 
A 1 27  VAL 27  285 285 VAL VAL A . n 
A 1 28  ASN 28  286 286 ASN ASN A . n 
A 1 29  ILE 29  287 287 ILE ILE A . n 
A 1 30  ILE 30  288 288 ILE ILE A . n 
A 1 31  LYS 31  289 289 LYS LYS A . n 
A 1 32  ALA 32  290 290 ALA ALA A . n 
A 1 33  ARG 33  291 291 ARG ARG A . n 
A 1 34  ASN 34  292 292 ASN ASN A . n 
A 1 35  LEU 35  293 293 LEU LEU A . n 
A 1 36  LYS 36  294 294 LYS LYS A . n 
A 1 37  ALA 37  295 295 ALA ALA A . n 
A 1 38  MET 38  296 296 MET MET A . n 
A 1 39  ASP 39  297 297 ASP ASP A . n 
A 1 40  ILE 40  298 298 ILE ILE A . n 
A 1 41  GLY 41  299 299 GLY GLY A . n 
A 1 42  GLY 42  300 300 GLY GLY A . n 
A 1 43  THR 43  301 301 THR THR A . n 
A 1 44  SER 44  302 302 SER SER A . n 
A 1 45  ASP 45  303 303 ASP ASP A . n 
A 1 46  PRO 46  304 304 PRO PRO A . n 
A 1 47  TYR 47  305 305 TYR TYR A . n 
A 1 48  VAL 48  306 306 VAL VAL A . n 
A 1 49  LYS 49  307 307 LYS LYS A . n 
A 1 50  VAL 50  308 308 VAL VAL A . n 
A 1 51  TRP 51  309 309 TRP TRP A . n 
A 1 52  LEU 52  310 310 LEU LEU A . n 
A 1 53  MET 53  311 311 MET MET A . n 
A 1 54  TYR 54  312 312 TYR TYR A . n 
A 1 55  LYS 55  313 313 LYS LYS A . n 
A 1 56  ASP 56  314 314 ASP ASP A . n 
A 1 57  LYS 57  315 315 LYS LYS A . n 
A 1 58  ARG 58  316 316 ARG ARG A . n 
A 1 59  VAL 59  317 317 VAL VAL A . n 
A 1 60  GLU 60  318 318 GLU GLU A . n 
A 1 61  LYS 61  319 319 LYS LYS A . n 
A 1 62  LYS 62  320 320 LYS LYS A . n 
A 1 63  LYS 63  321 321 LYS LYS A . n 
A 1 64  THR 64  322 322 THR THR A . n 
A 1 65  VAL 65  323 323 VAL VAL A . n 
A 1 66  THR 66  324 324 THR THR A . n 
A 1 67  LYS 67  325 325 LYS LYS A . n 
A 1 68  LYS 68  326 326 LYS LYS A . n 
A 1 69  ARG 69  327 327 ARG ARG A . n 
A 1 70  ASN 70  328 328 ASN ASN A . n 
A 1 71  LEU 71  329 329 LEU LEU A . n 
A 1 72  ASN 72  330 330 ASN ASN A . n 
A 1 73  PRO 73  331 331 PRO PRO A . n 
A 1 74  ILE 74  332 332 ILE ILE A . n 
A 1 75  PHE 75  333 333 PHE PHE A . n 
A 1 76  ASN 76  334 334 ASN ASN A . n 
A 1 77  GLU 77  335 335 GLU GLU A . n 
A 1 78  SER 78  336 336 SER SER A . n 
A 1 79  PHE 79  337 337 PHE PHE A . n 
A 1 80  ALA 80  338 338 ALA ALA A . n 
A 1 81  PHE 81  339 339 PHE PHE A . n 
A 1 82  ASP 82  340 340 ASP ASP A . n 
A 1 83  ILE 83  341 341 ILE ILE A . n 
A 1 84  PRO 84  342 342 PRO PRO A . n 
A 1 85  THR 85  343 343 THR THR A . n 
A 1 86  GLU 86  344 344 GLU GLU A . n 
A 1 87  LYS 87  345 345 LYS LYS A . n 
A 1 88  LEU 88  346 346 LEU LEU A . n 
A 1 89  ARG 89  347 347 ARG ARG A . n 
A 1 90  GLU 90  348 348 GLU GLU A . n 
A 1 91  THR 91  349 349 THR THR A . n 
A 1 92  THR 92  350 350 THR THR A . n 
A 1 93  ILE 93  351 351 ILE ILE A . n 
A 1 94  ILE 94  352 352 ILE ILE A . n 
A 1 95  ILE 95  353 353 ILE ILE A . n 
A 1 96  THR 96  354 354 THR THR A . n 
A 1 97  VAL 97  355 355 VAL VAL A . n 
A 1 98  MET 98  356 356 MET MET A . n 
A 1 99  ASP 99  357 357 ASP ASP A . n 
A 1 100 LYS 100 358 358 LYS LYS A . n 
A 1 101 ASP 101 359 359 ASP ASP A . n 
A 1 102 LYS 102 360 360 LYS LYS A . n 
A 1 103 LEU 103 361 361 LEU LEU A . n 
A 1 104 SER 104 362 362 SER SER A . n 
A 1 105 ARG 105 363 363 ARG ARG A . n 
A 1 106 ASN 106 364 364 ASN ASN A . n 
A 1 107 ASP 107 365 365 ASP ASP A . n 
A 1 108 VAL 108 366 366 VAL VAL A . n 
A 1 109 ILE 109 367 367 ILE ILE A . n 
A 1 110 GLY 110 368 368 GLY GLY A . n 
A 1 111 LYS 111 369 369 LYS LYS A . n 
A 1 112 ILE 112 370 370 ILE ILE A . n 
A 1 113 TYR 113 371 371 TYR TYR A . n 
A 1 114 LEU 114 372 372 LEU LEU A . n 
A 1 115 SER 115 373 373 SER SER A . n 
A 1 116 TRP 116 374 374 TRP TRP A . n 
A 1 117 LYS 117 375 375 LYS LYS A . n 
A 1 118 SER 118 376 376 SER SER A . n 
A 1 119 GLY 119 377 377 GLY GLY A . n 
A 1 120 PRO 120 378 378 PRO PRO A . n 
A 1 121 GLY 121 379 379 GLY GLY A . n 
A 1 122 GLU 122 380 380 GLU GLU A . n 
A 1 123 VAL 123 381 381 VAL VAL A . n 
A 1 124 LYS 124 382 382 LYS LYS A . n 
A 1 125 HIS 125 383 383 HIS HIS A . n 
A 1 126 TRP 126 384 384 TRP TRP A . n 
A 1 127 LYS 127 385 385 LYS LYS A . n 
A 1 128 ASP 128 386 386 ASP ASP A . n 
A 1 129 MET 129 387 387 MET MET A . n 
A 1 130 ILE 130 388 388 ILE ILE A . n 
A 1 131 ALA 131 389 389 ALA ALA A . n 
A 1 132 ARG 132 390 390 ARG ARG A . n 
A 1 133 PRO 133 391 391 PRO PRO A . n 
A 1 134 ARG 134 392 392 ARG ARG A . n 
A 1 135 GLN 135 393 393 GLN GLN A . n 
A 1 136 PRO 136 394 394 PRO PRO A . n 
A 1 137 VAL 137 395 395 VAL VAL A . n 
A 1 138 ALA 138 396 396 ALA ALA A . n 
A 1 139 GLN 139 397 397 GLN GLN A . n 
A 1 140 TRP 140 398 398 TRP TRP A . n 
A 1 141 HIS 141 399 399 HIS HIS A . n 
A 1 142 GLN 142 400 400 GLN GLN A . n 
A 1 143 LEU 143 401 401 LEU LEU A . n 
A 1 144 LYS 144 402 402 LYS LYS A . n 
A 1 145 ALA 145 403 403 ALA ALA A . n 
# 
loop_
_pdbx_nonpoly_scheme.asym_id 
_pdbx_nonpoly_scheme.entity_id 
_pdbx_nonpoly_scheme.mon_id 
_pdbx_nonpoly_scheme.ndb_seq_num 
_pdbx_nonpoly_scheme.pdb_seq_num 
_pdbx_nonpoly_scheme.auth_seq_num 
_pdbx_nonpoly_scheme.pdb_mon_id 
_pdbx_nonpoly_scheme.auth_mon_id 
_pdbx_nonpoly_scheme.pdb_strand_id 
_pdbx_nonpoly_scheme.pdb_ins_code 
B 2 IHP 1  501 1  IHP IHP A . 
C 2 IHP 1  502 2  IHP IHP A . 
D 3 HOH 1  601 20 HOH HOH A . 
D 3 HOH 2  602 22 HOH HOH A . 
D 3 HOH 3  603 23 HOH HOH A . 
D 3 HOH 4  604 2  HOH HOH A . 
D 3 HOH 5  605 10 HOH HOH A . 
D 3 HOH 6  606 8  HOH HOH A . 
D 3 HOH 7  607 26 HOH HOH A . 
D 3 HOH 8  608 4  HOH HOH A . 
D 3 HOH 9  609 29 HOH HOH A . 
D 3 HOH 10 610 16 HOH HOH A . 
D 3 HOH 11 611 3  HOH HOH A . 
D 3 HOH 12 612 13 HOH HOH A . 
D 3 HOH 13 613 7  HOH HOH A . 
D 3 HOH 14 614 15 HOH HOH A . 
D 3 HOH 15 615 21 HOH HOH A . 
D 3 HOH 16 616 9  HOH HOH A . 
D 3 HOH 17 617 12 HOH HOH A . 
D 3 HOH 18 618 32 HOH HOH A . 
D 3 HOH 19 619 17 HOH HOH A . 
D 3 HOH 20 620 24 HOH HOH A . 
D 3 HOH 21 621 5  HOH HOH A . 
D 3 HOH 22 622 6  HOH HOH A . 
D 3 HOH 23 623 1  HOH HOH A . 
D 3 HOH 24 624 33 HOH HOH A . 
D 3 HOH 25 625 25 HOH HOH A . 
D 3 HOH 26 626 31 HOH HOH A . 
D 3 HOH 27 627 28 HOH HOH A . 
D 3 HOH 28 628 34 HOH HOH A . 
D 3 HOH 29 629 14 HOH HOH A . 
D 3 HOH 30 630 30 HOH HOH A . 
D 3 HOH 31 631 19 HOH HOH A . 
D 3 HOH 32 632 11 HOH HOH A . 
D 3 HOH 33 633 18 HOH HOH A . 
D 3 HOH 34 634 27 HOH HOH A . 
# 
_pdbx_struct_assembly.id                   1 
_pdbx_struct_assembly.details              author_and_software_defined_assembly 
_pdbx_struct_assembly.method_details       PISA 
_pdbx_struct_assembly.oligomeric_details   monomeric 
_pdbx_struct_assembly.oligomeric_count     1 
# 
_pdbx_struct_assembly_gen.assembly_id       1 
_pdbx_struct_assembly_gen.oper_expression   1 
_pdbx_struct_assembly_gen.asym_id_list      A,B,C,D 
# 
loop_
_pdbx_struct_assembly_prop.biol_id 
_pdbx_struct_assembly_prop.type 
_pdbx_struct_assembly_prop.value 
_pdbx_struct_assembly_prop.details 
1 'ABSA (A^2)' 480  ? 
1 MORE         -2   ? 
1 'SSA (A^2)'  7940 ? 
# 
_pdbx_struct_oper_list.id                   1 
_pdbx_struct_oper_list.type                 'identity operation' 
_pdbx_struct_oper_list.name                 1_555 
_pdbx_struct_oper_list.symmetry_operation   x,y,z 
_pdbx_struct_oper_list.matrix[1][1]         1.0000000000 
_pdbx_struct_oper_list.matrix[1][2]         0.0000000000 
_pdbx_struct_oper_list.matrix[1][3]         0.0000000000 
_pdbx_struct_oper_list.vector[1]            0.0000000000 
_pdbx_struct_oper_list.matrix[2][1]         0.0000000000 
_pdbx_struct_oper_list.matrix[2][2]         1.0000000000 
_pdbx_struct_oper_list.matrix[2][3]         0.0000000000 
_pdbx_struct_oper_list.vector[2]            0.0000000000 
_pdbx_struct_oper_list.matrix[3][1]         0.0000000000 
_pdbx_struct_oper_list.matrix[3][2]         0.0000000000 
_pdbx_struct_oper_list.matrix[3][3]         1.0000000000 
_pdbx_struct_oper_list.vector[3]            0.0000000000 
# 
loop_
_pdbx_audit_revision_history.ordinal 
_pdbx_audit_revision_history.data_content_type 
_pdbx_audit_revision_history.major_revision 
_pdbx_audit_revision_history.minor_revision 
_pdbx_audit_revision_history.revision_date 
1 'Structure model' 1 0 2021-03-03 
2 'Structure model' 1 1 2021-11-17 
3 'Structure model' 1 2 2023-11-22 
# 
_pdbx_audit_revision_details.ordinal             1 
_pdbx_audit_revision_details.revision_ordinal    1 
_pdbx_audit_revision_details.data_content_type   'Structure model' 
_pdbx_audit_revision_details.provider            repository 
_pdbx_audit_revision_details.type                'Initial release' 
_pdbx_audit_revision_details.description         ? 
_pdbx_audit_revision_details.details             ? 
# 
loop_
_pdbx_audit_revision_group.ordinal 
_pdbx_audit_revision_group.revision_ordinal 
_pdbx_audit_revision_group.data_content_type 
_pdbx_audit_revision_group.group 
1 2 'Structure model' 'Database references'    
2 3 'Structure model' 'Data collection'        
3 3 'Structure model' 'Refinement description' 
# 
loop_
_pdbx_audit_revision_category.ordinal 
_pdbx_audit_revision_category.revision_ordinal 
_pdbx_audit_revision_category.data_content_type 
_pdbx_audit_revision_category.category 
1 2 'Structure model' citation                      
2 2 'Structure model' citation_author               
3 2 'Structure model' database_2                    
4 3 'Structure model' chem_comp_atom                
5 3 'Structure model' chem_comp_bond                
6 3 'Structure model' pdbx_initial_refinement_model 
# 
loop_
_pdbx_audit_revision_item.ordinal 
_pdbx_audit_revision_item.revision_ordinal 
_pdbx_audit_revision_item.data_content_type 
_pdbx_audit_revision_item.item 
1  2 'Structure model' '_citation.journal_abbrev'            
2  2 'Structure model' '_citation.journal_id_CSD'            
3  2 'Structure model' '_citation.journal_id_ISSN'           
4  2 'Structure model' '_citation.journal_volume'            
5  2 'Structure model' '_citation.page_first'                
6  2 'Structure model' '_citation.page_last'                 
7  2 'Structure model' '_citation.pdbx_database_id_DOI'      
8  2 'Structure model' '_citation.pdbx_database_id_PubMed'   
9  2 'Structure model' '_citation.title'                     
10 2 'Structure model' '_citation.year'                      
11 2 'Structure model' '_database_2.pdbx_DOI'                
12 2 'Structure model' '_database_2.pdbx_database_accession' 
# 
loop_
_software.citation_id 
_software.classification 
_software.compiler_name 
_software.compiler_version 
_software.contact_author 
_software.contact_author_email 
_software.date 
_software.description 
_software.dependencies 
_software.hardware 
_software.language 
_software.location 
_software.mods 
_software.name 
_software.os 
_software.os_version 
_software.type 
_software.version 
_software.pdbx_ordinal 
? refinement        ? ? ? ? ? ? ? ? ? ? ? PHENIX      ? ? ? v1.13 1 
? 'data extraction' ? ? ? ? ? ? ? ? ? ? ? PDB_EXTRACT ? ? ? .     2 
? phasing           ? ? ? ? ? ? ? ? ? ? ? MOLREP      ? ? ? 3.25  3 
? 'data reduction'  ? ? ? ? ? ? ? ? ? ? ? HKL-2000    ? ? ? .     4 
? 'data scaling'    ? ? ? ? ? ? ? ? ? ? ? HKL-2000    ? ? ? .     5 
# 
_pdbx_entry_details.entry_id                 6LCY 
_pdbx_entry_details.nonpolymer_details       ? 
_pdbx_entry_details.sequence_details         ? 
_pdbx_entry_details.compound_details         ? 
_pdbx_entry_details.source_details           ? 
_pdbx_entry_details.has_ligand_of_interest   Y 
# 
loop_
_pdbx_validate_torsion.id 
_pdbx_validate_torsion.PDB_model_num 
_pdbx_validate_torsion.auth_comp_id 
_pdbx_validate_torsion.auth_asym_id 
_pdbx_validate_torsion.auth_seq_id 
_pdbx_validate_torsion.PDB_ins_code 
_pdbx_validate_torsion.label_alt_id 
_pdbx_validate_torsion.phi 
_pdbx_validate_torsion.psi 
1 1 ILE A 288 ? ? -90.46  -71.42  
2 1 THR A 301 ? ? -125.01 -167.40 
3 1 ASP A 303 ? ? -119.32 75.96   
4 1 LYS A 313 ? ? 57.53   -129.58 
5 1 SER A 362 ? ? -115.04 -154.93 
6 1 SER A 376 ? ? -128.01 -158.78 
# 
loop_
_pdbx_unobs_or_zero_occ_residues.id 
_pdbx_unobs_or_zero_occ_residues.PDB_model_num 
_pdbx_unobs_or_zero_occ_residues.polymer_flag 
_pdbx_unobs_or_zero_occ_residues.occupancy_flag 
_pdbx_unobs_or_zero_occ_residues.auth_asym_id 
_pdbx_unobs_or_zero_occ_residues.auth_comp_id 
_pdbx_unobs_or_zero_occ_residues.auth_seq_id 
_pdbx_unobs_or_zero_occ_residues.PDB_ins_code 
_pdbx_unobs_or_zero_occ_residues.label_asym_id 
_pdbx_unobs_or_zero_occ_residues.label_comp_id 
_pdbx_unobs_or_zero_occ_residues.label_seq_id 
1 1 Y 1 A GLY 259 ? A GLY 1 
2 1 Y 1 A PRO 260 ? A PRO 2 
3 1 Y 1 A GLY 261 ? A GLY 3 
4 1 Y 1 A SER 262 ? A SER 4 
5 1 Y 1 A GLY 263 ? A GLY 5 
6 1 Y 1 A SER 264 ? A SER 6 
7 1 Y 1 A GLY 265 ? A GLY 7 
# 
loop_
_chem_comp_atom.comp_id 
_chem_comp_atom.atom_id 
_chem_comp_atom.type_symbol 
_chem_comp_atom.pdbx_aromatic_flag 
_chem_comp_atom.pdbx_stereo_config 
_chem_comp_atom.pdbx_ordinal 
ALA N    N N N 1   
ALA CA   C N S 2   
ALA C    C N N 3   
ALA O    O N N 4   
ALA CB   C N N 5   
ALA OXT  O N N 6   
ALA H    H N N 7   
ALA H2   H N N 8   
ALA HA   H N N 9   
ALA HB1  H N N 10  
ALA HB2  H N N 11  
ALA HB3  H N N 12  
ALA HXT  H N N 13  
ARG N    N N N 14  
ARG CA   C N S 15  
ARG C    C N N 16  
ARG O    O N N 17  
ARG CB   C N N 18  
ARG CG   C N N 19  
ARG CD   C N N 20  
ARG NE   N N N 21  
ARG CZ   C N N 22  
ARG NH1  N N N 23  
ARG NH2  N N N 24  
ARG OXT  O N N 25  
ARG H    H N N 26  
ARG H2   H N N 27  
ARG HA   H N N 28  
ARG HB2  H N N 29  
ARG HB3  H N N 30  
ARG HG2  H N N 31  
ARG HG3  H N N 32  
ARG HD2  H N N 33  
ARG HD3  H N N 34  
ARG HE   H N N 35  
ARG HH11 H N N 36  
ARG HH12 H N N 37  
ARG HH21 H N N 38  
ARG HH22 H N N 39  
ARG HXT  H N N 40  
ASN N    N N N 41  
ASN CA   C N S 42  
ASN C    C N N 43  
ASN O    O N N 44  
ASN CB   C N N 45  
ASN CG   C N N 46  
ASN OD1  O N N 47  
ASN ND2  N N N 48  
ASN OXT  O N N 49  
ASN H    H N N 50  
ASN H2   H N N 51  
ASN HA   H N N 52  
ASN HB2  H N N 53  
ASN HB3  H N N 54  
ASN HD21 H N N 55  
ASN HD22 H N N 56  
ASN HXT  H N N 57  
ASP N    N N N 58  
ASP CA   C N S 59  
ASP C    C N N 60  
ASP O    O N N 61  
ASP CB   C N N 62  
ASP CG   C N N 63  
ASP OD1  O N N 64  
ASP OD2  O N N 65  
ASP OXT  O N N 66  
ASP H    H N N 67  
ASP H2   H N N 68  
ASP HA   H N N 69  
ASP HB2  H N N 70  
ASP HB3  H N N 71  
ASP HD2  H N N 72  
ASP HXT  H N N 73  
CYS N    N N N 74  
CYS CA   C N R 75  
CYS C    C N N 76  
CYS O    O N N 77  
CYS CB   C N N 78  
CYS SG   S N N 79  
CYS OXT  O N N 80  
CYS H    H N N 81  
CYS H2   H N N 82  
CYS HA   H N N 83  
CYS HB2  H N N 84  
CYS HB3  H N N 85  
CYS HG   H N N 86  
CYS HXT  H N N 87  
GLN N    N N N 88  
GLN CA   C N S 89  
GLN C    C N N 90  
GLN O    O N N 91  
GLN CB   C N N 92  
GLN CG   C N N 93  
GLN CD   C N N 94  
GLN OE1  O N N 95  
GLN NE2  N N N 96  
GLN OXT  O N N 97  
GLN H    H N N 98  
GLN H2   H N N 99  
GLN HA   H N N 100 
GLN HB2  H N N 101 
GLN HB3  H N N 102 
GLN HG2  H N N 103 
GLN HG3  H N N 104 
GLN HE21 H N N 105 
GLN HE22 H N N 106 
GLN HXT  H N N 107 
GLU N    N N N 108 
GLU CA   C N S 109 
GLU C    C N N 110 
GLU O    O N N 111 
GLU CB   C N N 112 
GLU CG   C N N 113 
GLU CD   C N N 114 
GLU OE1  O N N 115 
GLU OE2  O N N 116 
GLU OXT  O N N 117 
GLU H    H N N 118 
GLU H2   H N N 119 
GLU HA   H N N 120 
GLU HB2  H N N 121 
GLU HB3  H N N 122 
GLU HG2  H N N 123 
GLU HG3  H N N 124 
GLU HE2  H N N 125 
GLU HXT  H N N 126 
GLY N    N N N 127 
GLY CA   C N N 128 
GLY C    C N N 129 
GLY O    O N N 130 
GLY OXT  O N N 131 
GLY H    H N N 132 
GLY H2   H N N 133 
GLY HA2  H N N 134 
GLY HA3  H N N 135 
GLY HXT  H N N 136 
HIS N    N N N 137 
HIS CA   C N S 138 
HIS C    C N N 139 
HIS O    O N N 140 
HIS CB   C N N 141 
HIS CG   C Y N 142 
HIS ND1  N Y N 143 
HIS CD2  C Y N 144 
HIS CE1  C Y N 145 
HIS NE2  N Y N 146 
HIS OXT  O N N 147 
HIS H    H N N 148 
HIS H2   H N N 149 
HIS HA   H N N 150 
HIS HB2  H N N 151 
HIS HB3  H N N 152 
HIS HD1  H N N 153 
HIS HD2  H N N 154 
HIS HE1  H N N 155 
HIS HE2  H N N 156 
HIS HXT  H N N 157 
HOH O    O N N 158 
HOH H1   H N N 159 
HOH H2   H N N 160 
IHP C1   C N N 161 
IHP C2   C N N 162 
IHP C3   C N N 163 
IHP C4   C N N 164 
IHP C5   C N N 165 
IHP C6   C N N 166 
IHP O11  O N N 167 
IHP P1   P N N 168 
IHP O21  O N N 169 
IHP O31  O N N 170 
IHP O41  O N N 171 
IHP O12  O N N 172 
IHP P2   P N N 173 
IHP O22  O N N 174 
IHP O32  O N N 175 
IHP O42  O N N 176 
IHP O13  O N N 177 
IHP P3   P N N 178 
IHP O23  O N N 179 
IHP O33  O N N 180 
IHP O43  O N N 181 
IHP O14  O N N 182 
IHP P4   P N N 183 
IHP O24  O N N 184 
IHP O34  O N N 185 
IHP O44  O N N 186 
IHP O15  O N N 187 
IHP P5   P N N 188 
IHP O25  O N N 189 
IHP O35  O N N 190 
IHP O45  O N N 191 
IHP O16  O N N 192 
IHP P6   P N N 193 
IHP O26  O N N 194 
IHP O36  O N N 195 
IHP O46  O N N 196 
IHP H1   H N N 197 
IHP H2   H N N 198 
IHP H3   H N N 199 
IHP H4   H N N 200 
IHP H5   H N N 201 
IHP H6   H N N 202 
IHP H31  H N N 203 
IHP H41  H N N 204 
IHP H32  H N N 205 
IHP H42  H N N 206 
IHP H33  H N N 207 
IHP H43  H N N 208 
IHP H34  H N N 209 
IHP H44  H N N 210 
IHP H35  H N N 211 
IHP H45  H N N 212 
IHP H36  H N N 213 
IHP H46  H N N 214 
ILE N    N N N 215 
ILE CA   C N S 216 
ILE C    C N N 217 
ILE O    O N N 218 
ILE CB   C N S 219 
ILE CG1  C N N 220 
ILE CG2  C N N 221 
ILE CD1  C N N 222 
ILE OXT  O N N 223 
ILE H    H N N 224 
ILE H2   H N N 225 
ILE HA   H N N 226 
ILE HB   H N N 227 
ILE HG12 H N N 228 
ILE HG13 H N N 229 
ILE HG21 H N N 230 
ILE HG22 H N N 231 
ILE HG23 H N N 232 
ILE HD11 H N N 233 
ILE HD12 H N N 234 
ILE HD13 H N N 235 
ILE HXT  H N N 236 
LEU N    N N N 237 
LEU CA   C N S 238 
LEU C    C N N 239 
LEU O    O N N 240 
LEU CB   C N N 241 
LEU CG   C N N 242 
LEU CD1  C N N 243 
LEU CD2  C N N 244 
LEU OXT  O N N 245 
LEU H    H N N 246 
LEU H2   H N N 247 
LEU HA   H N N 248 
LEU HB2  H N N 249 
LEU HB3  H N N 250 
LEU HG   H N N 251 
LEU HD11 H N N 252 
LEU HD12 H N N 253 
LEU HD13 H N N 254 
LEU HD21 H N N 255 
LEU HD22 H N N 256 
LEU HD23 H N N 257 
LEU HXT  H N N 258 
LYS N    N N N 259 
LYS CA   C N S 260 
LYS C    C N N 261 
LYS O    O N N 262 
LYS CB   C N N 263 
LYS CG   C N N 264 
LYS CD   C N N 265 
LYS CE   C N N 266 
LYS NZ   N N N 267 
LYS OXT  O N N 268 
LYS H    H N N 269 
LYS H2   H N N 270 
LYS HA   H N N 271 
LYS HB2  H N N 272 
LYS HB3  H N N 273 
LYS HG2  H N N 274 
LYS HG3  H N N 275 
LYS HD2  H N N 276 
LYS HD3  H N N 277 
LYS HE2  H N N 278 
LYS HE3  H N N 279 
LYS HZ1  H N N 280 
LYS HZ2  H N N 281 
LYS HZ3  H N N 282 
LYS HXT  H N N 283 
MET N    N N N 284 
MET CA   C N S 285 
MET C    C N N 286 
MET O    O N N 287 
MET CB   C N N 288 
MET CG   C N N 289 
MET SD   S N N 290 
MET CE   C N N 291 
MET OXT  O N N 292 
MET H    H N N 293 
MET H2   H N N 294 
MET HA   H N N 295 
MET HB2  H N N 296 
MET HB3  H N N 297 
MET HG2  H N N 298 
MET HG3  H N N 299 
MET HE1  H N N 300 
MET HE2  H N N 301 
MET HE3  H N N 302 
MET HXT  H N N 303 
PHE N    N N N 304 
PHE CA   C N S 305 
PHE C    C N N 306 
PHE O    O N N 307 
PHE CB   C N N 308 
PHE CG   C Y N 309 
PHE CD1  C Y N 310 
PHE CD2  C Y N 311 
PHE CE1  C Y N 312 
PHE CE2  C Y N 313 
PHE CZ   C Y N 314 
PHE OXT  O N N 315 
PHE H    H N N 316 
PHE H2   H N N 317 
PHE HA   H N N 318 
PHE HB2  H N N 319 
PHE HB3  H N N 320 
PHE HD1  H N N 321 
PHE HD2  H N N 322 
PHE HE1  H N N 323 
PHE HE2  H N N 324 
PHE HZ   H N N 325 
PHE HXT  H N N 326 
PRO N    N N N 327 
PRO CA   C N S 328 
PRO C    C N N 329 
PRO O    O N N 330 
PRO CB   C N N 331 
PRO CG   C N N 332 
PRO CD   C N N 333 
PRO OXT  O N N 334 
PRO H    H N N 335 
PRO HA   H N N 336 
PRO HB2  H N N 337 
PRO HB3  H N N 338 
PRO HG2  H N N 339 
PRO HG3  H N N 340 
PRO HD2  H N N 341 
PRO HD3  H N N 342 
PRO HXT  H N N 343 
SER N    N N N 344 
SER CA   C N S 345 
SER C    C N N 346 
SER O    O N N 347 
SER CB   C N N 348 
SER OG   O N N 349 
SER OXT  O N N 350 
SER H    H N N 351 
SER H2   H N N 352 
SER HA   H N N 353 
SER HB2  H N N 354 
SER HB3  H N N 355 
SER HG   H N N 356 
SER HXT  H N N 357 
THR N    N N N 358 
THR CA   C N S 359 
THR C    C N N 360 
THR O    O N N 361 
THR CB   C N R 362 
THR OG1  O N N 363 
THR CG2  C N N 364 
THR OXT  O N N 365 
THR H    H N N 366 
THR H2   H N N 367 
THR HA   H N N 368 
THR HB   H N N 369 
THR HG1  H N N 370 
THR HG21 H N N 371 
THR HG22 H N N 372 
THR HG23 H N N 373 
THR HXT  H N N 374 
TRP N    N N N 375 
TRP CA   C N S 376 
TRP C    C N N 377 
TRP O    O N N 378 
TRP CB   C N N 379 
TRP CG   C Y N 380 
TRP CD1  C Y N 381 
TRP CD2  C Y N 382 
TRP NE1  N Y N 383 
TRP CE2  C Y N 384 
TRP CE3  C Y N 385 
TRP CZ2  C Y N 386 
TRP CZ3  C Y N 387 
TRP CH2  C Y N 388 
TRP OXT  O N N 389 
TRP H    H N N 390 
TRP H2   H N N 391 
TRP HA   H N N 392 
TRP HB2  H N N 393 
TRP HB3  H N N 394 
TRP HD1  H N N 395 
TRP HE1  H N N 396 
TRP HE3  H N N 397 
TRP HZ2  H N N 398 
TRP HZ3  H N N 399 
TRP HH2  H N N 400 
TRP HXT  H N N 401 
TYR N    N N N 402 
TYR CA   C N S 403 
TYR C    C N N 404 
TYR O    O N N 405 
TYR CB   C N N 406 
TYR CG   C Y N 407 
TYR CD1  C Y N 408 
TYR CD2  C Y N 409 
TYR CE1  C Y N 410 
TYR CE2  C Y N 411 
TYR CZ   C Y N 412 
TYR OH   O N N 413 
TYR OXT  O N N 414 
TYR H    H N N 415 
TYR H2   H N N 416 
TYR HA   H N N 417 
TYR HB2  H N N 418 
TYR HB3  H N N 419 
TYR HD1  H N N 420 
TYR HD2  H N N 421 
TYR HE1  H N N 422 
TYR HE2  H N N 423 
TYR HH   H N N 424 
TYR HXT  H N N 425 
VAL N    N N N 426 
VAL CA   C N S 427 
VAL C    C N N 428 
VAL O    O N N 429 
VAL CB   C N N 430 
VAL CG1  C N N 431 
VAL CG2  C N N 432 
VAL OXT  O N N 433 
VAL H    H N N 434 
VAL H2   H N N 435 
VAL HA   H N N 436 
VAL HB   H N N 437 
VAL HG11 H N N 438 
VAL HG12 H N N 439 
VAL HG13 H N N 440 
VAL HG21 H N N 441 
VAL HG22 H N N 442 
VAL HG23 H N N 443 
VAL HXT  H N N 444 
# 
loop_
_chem_comp_bond.comp_id 
_chem_comp_bond.atom_id_1 
_chem_comp_bond.atom_id_2 
_chem_comp_bond.value_order 
_chem_comp_bond.pdbx_aromatic_flag 
_chem_comp_bond.pdbx_stereo_config 
_chem_comp_bond.pdbx_ordinal 
ALA N   CA   sing N N 1   
ALA N   H    sing N N 2   
ALA N   H2   sing N N 3   
ALA CA  C    sing N N 4   
ALA CA  CB   sing N N 5   
ALA CA  HA   sing N N 6   
ALA C   O    doub N N 7   
ALA C   OXT  sing N N 8   
ALA CB  HB1  sing N N 9   
ALA CB  HB2  sing N N 10  
ALA CB  HB3  sing N N 11  
ALA OXT HXT  sing N N 12  
ARG N   CA   sing N N 13  
ARG N   H    sing N N 14  
ARG N   H2   sing N N 15  
ARG CA  C    sing N N 16  
ARG CA  CB   sing N N 17  
ARG CA  HA   sing N N 18  
ARG C   O    doub N N 19  
ARG C   OXT  sing N N 20  
ARG CB  CG   sing N N 21  
ARG CB  HB2  sing N N 22  
ARG CB  HB3  sing N N 23  
ARG CG  CD   sing N N 24  
ARG CG  HG2  sing N N 25  
ARG CG  HG3  sing N N 26  
ARG CD  NE   sing N N 27  
ARG CD  HD2  sing N N 28  
ARG CD  HD3  sing N N 29  
ARG NE  CZ   sing N N 30  
ARG NE  HE   sing N N 31  
ARG CZ  NH1  sing N N 32  
ARG CZ  NH2  doub N N 33  
ARG NH1 HH11 sing N N 34  
ARG NH1 HH12 sing N N 35  
ARG NH2 HH21 sing N N 36  
ARG NH2 HH22 sing N N 37  
ARG OXT HXT  sing N N 38  
ASN N   CA   sing N N 39  
ASN N   H    sing N N 40  
ASN N   H2   sing N N 41  
ASN CA  C    sing N N 42  
ASN CA  CB   sing N N 43  
ASN CA  HA   sing N N 44  
ASN C   O    doub N N 45  
ASN C   OXT  sing N N 46  
ASN CB  CG   sing N N 47  
ASN CB  HB2  sing N N 48  
ASN CB  HB3  sing N N 49  
ASN CG  OD1  doub N N 50  
ASN CG  ND2  sing N N 51  
ASN ND2 HD21 sing N N 52  
ASN ND2 HD22 sing N N 53  
ASN OXT HXT  sing N N 54  
ASP N   CA   sing N N 55  
ASP N   H    sing N N 56  
ASP N   H2   sing N N 57  
ASP CA  C    sing N N 58  
ASP CA  CB   sing N N 59  
ASP CA  HA   sing N N 60  
ASP C   O    doub N N 61  
ASP C   OXT  sing N N 62  
ASP CB  CG   sing N N 63  
ASP CB  HB2  sing N N 64  
ASP CB  HB3  sing N N 65  
ASP CG  OD1  doub N N 66  
ASP CG  OD2  sing N N 67  
ASP OD2 HD2  sing N N 68  
ASP OXT HXT  sing N N 69  
CYS N   CA   sing N N 70  
CYS N   H    sing N N 71  
CYS N   H2   sing N N 72  
CYS CA  C    sing N N 73  
CYS CA  CB   sing N N 74  
CYS CA  HA   sing N N 75  
CYS C   O    doub N N 76  
CYS C   OXT  sing N N 77  
CYS CB  SG   sing N N 78  
CYS CB  HB2  sing N N 79  
CYS CB  HB3  sing N N 80  
CYS SG  HG   sing N N 81  
CYS OXT HXT  sing N N 82  
GLN N   CA   sing N N 83  
GLN N   H    sing N N 84  
GLN N   H2   sing N N 85  
GLN CA  C    sing N N 86  
GLN CA  CB   sing N N 87  
GLN CA  HA   sing N N 88  
GLN C   O    doub N N 89  
GLN C   OXT  sing N N 90  
GLN CB  CG   sing N N 91  
GLN CB  HB2  sing N N 92  
GLN CB  HB3  sing N N 93  
GLN CG  CD   sing N N 94  
GLN CG  HG2  sing N N 95  
GLN CG  HG3  sing N N 96  
GLN CD  OE1  doub N N 97  
GLN CD  NE2  sing N N 98  
GLN NE2 HE21 sing N N 99  
GLN NE2 HE22 sing N N 100 
GLN OXT HXT  sing N N 101 
GLU N   CA   sing N N 102 
GLU N   H    sing N N 103 
GLU N   H2   sing N N 104 
GLU CA  C    sing N N 105 
GLU CA  CB   sing N N 106 
GLU CA  HA   sing N N 107 
GLU C   O    doub N N 108 
GLU C   OXT  sing N N 109 
GLU CB  CG   sing N N 110 
GLU CB  HB2  sing N N 111 
GLU CB  HB3  sing N N 112 
GLU CG  CD   sing N N 113 
GLU CG  HG2  sing N N 114 
GLU CG  HG3  sing N N 115 
GLU CD  OE1  doub N N 116 
GLU CD  OE2  sing N N 117 
GLU OE2 HE2  sing N N 118 
GLU OXT HXT  sing N N 119 
GLY N   CA   sing N N 120 
GLY N   H    sing N N 121 
GLY N   H2   sing N N 122 
GLY CA  C    sing N N 123 
GLY CA  HA2  sing N N 124 
GLY CA  HA3  sing N N 125 
GLY C   O    doub N N 126 
GLY C   OXT  sing N N 127 
GLY OXT HXT  sing N N 128 
HIS N   CA   sing N N 129 
HIS N   H    sing N N 130 
HIS N   H2   sing N N 131 
HIS CA  C    sing N N 132 
HIS CA  CB   sing N N 133 
HIS CA  HA   sing N N 134 
HIS C   O    doub N N 135 
HIS C   OXT  sing N N 136 
HIS CB  CG   sing N N 137 
HIS CB  HB2  sing N N 138 
HIS CB  HB3  sing N N 139 
HIS CG  ND1  sing Y N 140 
HIS CG  CD2  doub Y N 141 
HIS ND1 CE1  doub Y N 142 
HIS ND1 HD1  sing N N 143 
HIS CD2 NE2  sing Y N 144 
HIS CD2 HD2  sing N N 145 
HIS CE1 NE2  sing Y N 146 
HIS CE1 HE1  sing N N 147 
HIS NE2 HE2  sing N N 148 
HIS OXT HXT  sing N N 149 
HOH O   H1   sing N N 150 
HOH O   H2   sing N N 151 
IHP C1  C2   sing N N 152 
IHP C1  C6   sing N N 153 
IHP C1  O11  sing N N 154 
IHP C1  H1   sing N N 155 
IHP C2  C3   sing N N 156 
IHP C2  O12  sing N N 157 
IHP C2  H2   sing N N 158 
IHP C3  C4   sing N N 159 
IHP C3  O13  sing N N 160 
IHP C3  H3   sing N N 161 
IHP C4  C5   sing N N 162 
IHP C4  O14  sing N N 163 
IHP C4  H4   sing N N 164 
IHP C5  C6   sing N N 165 
IHP C5  O15  sing N N 166 
IHP C5  H5   sing N N 167 
IHP C6  O16  sing N N 168 
IHP C6  H6   sing N N 169 
IHP O11 P1   sing N N 170 
IHP P1  O21  doub N N 171 
IHP P1  O31  sing N N 172 
IHP P1  O41  sing N N 173 
IHP O31 H31  sing N N 174 
IHP O41 H41  sing N N 175 
IHP O12 P2   sing N N 176 
IHP P2  O22  doub N N 177 
IHP P2  O32  sing N N 178 
IHP P2  O42  sing N N 179 
IHP O32 H32  sing N N 180 
IHP O42 H42  sing N N 181 
IHP O13 P3   sing N N 182 
IHP P3  O23  doub N N 183 
IHP P3  O33  sing N N 184 
IHP P3  O43  sing N N 185 
IHP O33 H33  sing N N 186 
IHP O43 H43  sing N N 187 
IHP O14 P4   sing N N 188 
IHP P4  O24  doub N N 189 
IHP P4  O34  sing N N 190 
IHP P4  O44  sing N N 191 
IHP O34 H34  sing N N 192 
IHP O44 H44  sing N N 193 
IHP O15 P5   sing N N 194 
IHP P5  O25  doub N N 195 
IHP P5  O35  sing N N 196 
IHP P5  O45  sing N N 197 
IHP O35 H35  sing N N 198 
IHP O45 H45  sing N N 199 
IHP O16 P6   sing N N 200 
IHP P6  O26  doub N N 201 
IHP P6  O36  sing N N 202 
IHP P6  O46  sing N N 203 
IHP O36 H36  sing N N 204 
IHP O46 H46  sing N N 205 
ILE N   CA   sing N N 206 
ILE N   H    sing N N 207 
ILE N   H2   sing N N 208 
ILE CA  C    sing N N 209 
ILE CA  CB   sing N N 210 
ILE CA  HA   sing N N 211 
ILE C   O    doub N N 212 
ILE C   OXT  sing N N 213 
ILE CB  CG1  sing N N 214 
ILE CB  CG2  sing N N 215 
ILE CB  HB   sing N N 216 
ILE CG1 CD1  sing N N 217 
ILE CG1 HG12 sing N N 218 
ILE CG1 HG13 sing N N 219 
ILE CG2 HG21 sing N N 220 
ILE CG2 HG22 sing N N 221 
ILE CG2 HG23 sing N N 222 
ILE CD1 HD11 sing N N 223 
ILE CD1 HD12 sing N N 224 
ILE CD1 HD13 sing N N 225 
ILE OXT HXT  sing N N 226 
LEU N   CA   sing N N 227 
LEU N   H    sing N N 228 
LEU N   H2   sing N N 229 
LEU CA  C    sing N N 230 
LEU CA  CB   sing N N 231 
LEU CA  HA   sing N N 232 
LEU C   O    doub N N 233 
LEU C   OXT  sing N N 234 
LEU CB  CG   sing N N 235 
LEU CB  HB2  sing N N 236 
LEU CB  HB3  sing N N 237 
LEU CG  CD1  sing N N 238 
LEU CG  CD2  sing N N 239 
LEU CG  HG   sing N N 240 
LEU CD1 HD11 sing N N 241 
LEU CD1 HD12 sing N N 242 
LEU CD1 HD13 sing N N 243 
LEU CD2 HD21 sing N N 244 
LEU CD2 HD22 sing N N 245 
LEU CD2 HD23 sing N N 246 
LEU OXT HXT  sing N N 247 
LYS N   CA   sing N N 248 
LYS N   H    sing N N 249 
LYS N   H2   sing N N 250 
LYS CA  C    sing N N 251 
LYS CA  CB   sing N N 252 
LYS CA  HA   sing N N 253 
LYS C   O    doub N N 254 
LYS C   OXT  sing N N 255 
LYS CB  CG   sing N N 256 
LYS CB  HB2  sing N N 257 
LYS CB  HB3  sing N N 258 
LYS CG  CD   sing N N 259 
LYS CG  HG2  sing N N 260 
LYS CG  HG3  sing N N 261 
LYS CD  CE   sing N N 262 
LYS CD  HD2  sing N N 263 
LYS CD  HD3  sing N N 264 
LYS CE  NZ   sing N N 265 
LYS CE  HE2  sing N N 266 
LYS CE  HE3  sing N N 267 
LYS NZ  HZ1  sing N N 268 
LYS NZ  HZ2  sing N N 269 
LYS NZ  HZ3  sing N N 270 
LYS OXT HXT  sing N N 271 
MET N   CA   sing N N 272 
MET N   H    sing N N 273 
MET N   H2   sing N N 274 
MET CA  C    sing N N 275 
MET CA  CB   sing N N 276 
MET CA  HA   sing N N 277 
MET C   O    doub N N 278 
MET C   OXT  sing N N 279 
MET CB  CG   sing N N 280 
MET CB  HB2  sing N N 281 
MET CB  HB3  sing N N 282 
MET CG  SD   sing N N 283 
MET CG  HG2  sing N N 284 
MET CG  HG3  sing N N 285 
MET SD  CE   sing N N 286 
MET CE  HE1  sing N N 287 
MET CE  HE2  sing N N 288 
MET CE  HE3  sing N N 289 
MET OXT HXT  sing N N 290 
PHE N   CA   sing N N 291 
PHE N   H    sing N N 292 
PHE N   H2   sing N N 293 
PHE CA  C    sing N N 294 
PHE CA  CB   sing N N 295 
PHE CA  HA   sing N N 296 
PHE C   O    doub N N 297 
PHE C   OXT  sing N N 298 
PHE CB  CG   sing N N 299 
PHE CB  HB2  sing N N 300 
PHE CB  HB3  sing N N 301 
PHE CG  CD1  doub Y N 302 
PHE CG  CD2  sing Y N 303 
PHE CD1 CE1  sing Y N 304 
PHE CD1 HD1  sing N N 305 
PHE CD2 CE2  doub Y N 306 
PHE CD2 HD2  sing N N 307 
PHE CE1 CZ   doub Y N 308 
PHE CE1 HE1  sing N N 309 
PHE CE2 CZ   sing Y N 310 
PHE CE2 HE2  sing N N 311 
PHE CZ  HZ   sing N N 312 
PHE OXT HXT  sing N N 313 
PRO N   CA   sing N N 314 
PRO N   CD   sing N N 315 
PRO N   H    sing N N 316 
PRO CA  C    sing N N 317 
PRO CA  CB   sing N N 318 
PRO CA  HA   sing N N 319 
PRO C   O    doub N N 320 
PRO C   OXT  sing N N 321 
PRO CB  CG   sing N N 322 
PRO CB  HB2  sing N N 323 
PRO CB  HB3  sing N N 324 
PRO CG  CD   sing N N 325 
PRO CG  HG2  sing N N 326 
PRO CG  HG3  sing N N 327 
PRO CD  HD2  sing N N 328 
PRO CD  HD3  sing N N 329 
PRO OXT HXT  sing N N 330 
SER N   CA   sing N N 331 
SER N   H    sing N N 332 
SER N   H2   sing N N 333 
SER CA  C    sing N N 334 
SER CA  CB   sing N N 335 
SER CA  HA   sing N N 336 
SER C   O    doub N N 337 
SER C   OXT  sing N N 338 
SER CB  OG   sing N N 339 
SER CB  HB2  sing N N 340 
SER CB  HB3  sing N N 341 
SER OG  HG   sing N N 342 
SER OXT HXT  sing N N 343 
THR N   CA   sing N N 344 
THR N   H    sing N N 345 
THR N   H2   sing N N 346 
THR CA  C    sing N N 347 
THR CA  CB   sing N N 348 
THR CA  HA   sing N N 349 
THR C   O    doub N N 350 
THR C   OXT  sing N N 351 
THR CB  OG1  sing N N 352 
THR CB  CG2  sing N N 353 
THR CB  HB   sing N N 354 
THR OG1 HG1  sing N N 355 
THR CG2 HG21 sing N N 356 
THR CG2 HG22 sing N N 357 
THR CG2 HG23 sing N N 358 
THR OXT HXT  sing N N 359 
TRP N   CA   sing N N 360 
TRP N   H    sing N N 361 
TRP N   H2   sing N N 362 
TRP CA  C    sing N N 363 
TRP CA  CB   sing N N 364 
TRP CA  HA   sing N N 365 
TRP C   O    doub N N 366 
TRP C   OXT  sing N N 367 
TRP CB  CG   sing N N 368 
TRP CB  HB2  sing N N 369 
TRP CB  HB3  sing N N 370 
TRP CG  CD1  doub Y N 371 
TRP CG  CD2  sing Y N 372 
TRP CD1 NE1  sing Y N 373 
TRP CD1 HD1  sing N N 374 
TRP CD2 CE2  doub Y N 375 
TRP CD2 CE3  sing Y N 376 
TRP NE1 CE2  sing Y N 377 
TRP NE1 HE1  sing N N 378 
TRP CE2 CZ2  sing Y N 379 
TRP CE3 CZ3  doub Y N 380 
TRP CE3 HE3  sing N N 381 
TRP CZ2 CH2  doub Y N 382 
TRP CZ2 HZ2  sing N N 383 
TRP CZ3 CH2  sing Y N 384 
TRP CZ3 HZ3  sing N N 385 
TRP CH2 HH2  sing N N 386 
TRP OXT HXT  sing N N 387 
TYR N   CA   sing N N 388 
TYR N   H    sing N N 389 
TYR N   H2   sing N N 390 
TYR CA  C    sing N N 391 
TYR CA  CB   sing N N 392 
TYR CA  HA   sing N N 393 
TYR C   O    doub N N 394 
TYR C   OXT  sing N N 395 
TYR CB  CG   sing N N 396 
TYR CB  HB2  sing N N 397 
TYR CB  HB3  sing N N 398 
TYR CG  CD1  doub Y N 399 
TYR CG  CD2  sing Y N 400 
TYR CD1 CE1  sing Y N 401 
TYR CD1 HD1  sing N N 402 
TYR CD2 CE2  doub Y N 403 
TYR CD2 HD2  sing N N 404 
TYR CE1 CZ   doub Y N 405 
TYR CE1 HE1  sing N N 406 
TYR CE2 CZ   sing Y N 407 
TYR CE2 HE2  sing N N 408 
TYR CZ  OH   sing N N 409 
TYR OH  HH   sing N N 410 
TYR OXT HXT  sing N N 411 
VAL N   CA   sing N N 412 
VAL N   H    sing N N 413 
VAL N   H2   sing N N 414 
VAL CA  C    sing N N 415 
VAL CA  CB   sing N N 416 
VAL CA  HA   sing N N 417 
VAL C   O    doub N N 418 
VAL C   OXT  sing N N 419 
VAL CB  CG1  sing N N 420 
VAL CB  CG2  sing N N 421 
VAL CB  HB   sing N N 422 
VAL CG1 HG11 sing N N 423 
VAL CG1 HG12 sing N N 424 
VAL CG1 HG13 sing N N 425 
VAL CG2 HG21 sing N N 426 
VAL CG2 HG22 sing N N 427 
VAL CG2 HG23 sing N N 428 
VAL OXT HXT  sing N N 429 
# 
_pdbx_entity_instance_feature.ordinal        1 
_pdbx_entity_instance_feature.comp_id        IHP 
_pdbx_entity_instance_feature.asym_id        ? 
_pdbx_entity_instance_feature.seq_num        ? 
_pdbx_entity_instance_feature.auth_comp_id   IHP 
_pdbx_entity_instance_feature.auth_asym_id   ? 
_pdbx_entity_instance_feature.auth_seq_num   ? 
_pdbx_entity_instance_feature.feature_type   'SUBJECT OF INVESTIGATION' 
_pdbx_entity_instance_feature.details        ? 
# 
loop_
_pdbx_entity_nonpoly.entity_id 
_pdbx_entity_nonpoly.name 
_pdbx_entity_nonpoly.comp_id 
2 'INOSITOL HEXAKISPHOSPHATE' IHP 
3 water                       HOH 
# 
_pdbx_initial_refinement_model.id               1 
_pdbx_initial_refinement_model.entity_id_list   ? 
_pdbx_initial_refinement_model.type             'experimental model' 
_pdbx_initial_refinement_model.source_name      PDB 
_pdbx_initial_refinement_model.accession_code   3N5A 
_pdbx_initial_refinement_model.details          ? 
# 
_pdbx_struct_assembly_auth_evidence.id                     1 
_pdbx_struct_assembly_auth_evidence.assembly_id            1 
_pdbx_struct_assembly_auth_evidence.experimental_support   'light scattering' 
_pdbx_struct_assembly_auth_evidence.details                ? 
# 
